data_5S8R
# 
_entry.id   5S8R 
# 
_audit_conform.dict_name       mmcif_pdbx.dic 
_audit_conform.dict_version    5.387 
_audit_conform.dict_location   http://mmcif.pdb.org/dictionaries/ascii/mmcif_pdbx.dic 
# 
loop_
_database_2.database_id 
_database_2.database_code 
_database_2.pdbx_database_accession 
_database_2.pdbx_DOI 
PDB   5S8R         pdb_00005s8r 10.2210/pdb5s8r/pdb 
WWPDB D_1001404200 ?            ?                   
# 
loop_
_pdbx_audit_revision_history.ordinal 
_pdbx_audit_revision_history.data_content_type 
_pdbx_audit_revision_history.major_revision 
_pdbx_audit_revision_history.minor_revision 
_pdbx_audit_revision_history.revision_date 
1 'Structure model' 1 0 2021-02-17 
2 'Structure model' 1 1 2024-03-06 
# 
_pdbx_audit_revision_details.ordinal             1 
_pdbx_audit_revision_details.revision_ordinal    1 
_pdbx_audit_revision_details.data_content_type   'Structure model' 
_pdbx_audit_revision_details.provider            repository 
_pdbx_audit_revision_details.type                'Initial release' 
_pdbx_audit_revision_details.description         ? 
_pdbx_audit_revision_details.details             ? 
# 
loop_
_pdbx_audit_revision_group.ordinal 
_pdbx_audit_revision_group.revision_ordinal 
_pdbx_audit_revision_group.data_content_type 
_pdbx_audit_revision_group.group 
1 2 'Structure model' 'Data collection'     
2 2 'Structure model' 'Database references' 
# 
loop_
_pdbx_audit_revision_category.ordinal 
_pdbx_audit_revision_category.revision_ordinal 
_pdbx_audit_revision_category.data_content_type 
_pdbx_audit_revision_category.category 
1 2 'Structure model' chem_comp_atom 
2 2 'Structure model' chem_comp_bond 
3 2 'Structure model' database_2     
# 
loop_
_pdbx_audit_revision_item.ordinal 
_pdbx_audit_revision_item.revision_ordinal 
_pdbx_audit_revision_item.data_content_type 
_pdbx_audit_revision_item.item 
1 2 'Structure model' '_database_2.pdbx_DOI'                
2 2 'Structure model' '_database_2.pdbx_database_accession' 
# 
_pdbx_database_status.entry_id                        5S8R 
_pdbx_database_status.status_code                     REL 
_pdbx_database_status.status_code_sf                  REL 
_pdbx_database_status.status_code_mr                  ? 
_pdbx_database_status.status_code_cs                  ? 
_pdbx_database_status.recvd_initial_deposition_date   2021-01-22 
_pdbx_database_status.status_code_nmr_data            ? 
_pdbx_database_status.deposit_site                    RCSB 
_pdbx_database_status.process_site                    RCSB 
_pdbx_database_status.SG_entry                        ? 
_pdbx_database_status.pdb_format_compatible           Y 
_pdbx_database_status.methods_development_category    ? 
# 
loop_
_audit_author.name 
_audit_author.pdbx_ordinal 
_audit_author.identifier_ORCID 
'Grosjean, H.'     1  ? 
'Aimon, A.'        2  ? 
'Hassel-Hart , S.' 3  ? 
'Krojer, T.'       4  ? 
'Talon, R.'        5  ? 
'Douangamath, A.'  6  ? 
'Koekemoer, L.'    7  ? 
'Biggin, P.C.'     8  ? 
'Spencer, J.'      9  ? 
'von Delft, F.'    10 ? 
# 
_citation.id                        primary 
_citation.title                     
;Crystal Structures of the second bromodomain of Pleckstrin homology domain interacting protein (PHIP) in space group C2 soaked with crude reaction mixtures
;
_citation.journal_abbrev            'To Be Published' 
_citation.journal_volume            ? 
_citation.page_first                ? 
_citation.page_last                 ? 
_citation.year                      ? 
_citation.journal_id_ASTM           ? 
_citation.country                   ? 
_citation.journal_id_ISSN           ? 
_citation.journal_id_CSD            0353 
_citation.book_publisher            ? 
_citation.pdbx_database_id_PubMed   ? 
_citation.pdbx_database_id_DOI      ? 
# 
loop_
_citation_author.citation_id 
_citation_author.name 
_citation_author.identifier_ORCID 
_citation_author.ordinal 
primary 'Grosjean, H.'    ? 1  
primary 'Aimon, A.'       ? 2  
primary 'Hart , S.'       ? 3  
primary 'Krojer, T.'      ? 4  
primary 'Talon, R.'       ? 5  
primary 'Douangamath, A.' ? 6  
primary 'Koekemoer, L.'   ? 7  
primary 'Biggin, P.C.'    ? 8  
primary 'Spencer, J.'     ? 9  
primary 'von Delft, F.'   ? 10 
# 
loop_
_entity.id 
_entity.type 
_entity.src_method 
_entity.pdbx_description 
_entity.formula_weight 
_entity.pdbx_number_of_molecules 
_entity.pdbx_ec 
_entity.pdbx_mutation 
_entity.pdbx_fragment 
_entity.details 
1 polymer     man 'PH-interacting protein'                               17627.859 1   ? ? ? ? 
2 non-polymer syn 'N-butyl-4-(furan-2-carbonyl)piperazine-1-carboxamide' 279.335   1   ? ? ? ? 
3 water       nat water                                                  18.015    193 ? ? ? ? 
# 
_entity_name_com.entity_id   1 
_entity_name_com.name        
'PHIP,DDB1- and CUL4-associated factor 14,IRS-1 PH domain-binding protein,WD repeat-containing protein 11' 
# 
_entity_poly.entity_id                      1 
_entity_poly.type                           'polypeptide(L)' 
_entity_poly.nstd_linkage                   no 
_entity_poly.nstd_monomer                   no 
_entity_poly.pdbx_seq_one_letter_code       
;MHHHHHHSSGVDLGTENLYFQSMSYDIQAWKKQCEELLNLIFQCEDSEPFRQPVDLLEYPDYRDIIDTPMDFATVRETLE
AGNYESPMELCKDVRLIFSNSKAYTPSKRSRIYSMSLRLSAFFEEHISSVLSDYKSALRFHKRNTITKR
;
_entity_poly.pdbx_seq_one_letter_code_can   
;MHHHHHHSSGVDLGTENLYFQSMSYDIQAWKKQCEELLNLIFQCEDSEPFRQPVDLLEYPDYRDIIDTPMDFATVRETLE
AGNYESPMELCKDVRLIFSNSKAYTPSKRSRIYSMSLRLSAFFEEHISSVLSDYKSALRFHKRNTITKR
;
_entity_poly.pdbx_strand_id                 A 
_entity_poly.pdbx_target_identifier         ? 
# 
loop_
_pdbx_entity_nonpoly.entity_id 
_pdbx_entity_nonpoly.name 
_pdbx_entity_nonpoly.comp_id 
2 'N-butyl-4-(furan-2-carbonyl)piperazine-1-carboxamide' Y0A 
3 water                                                  HOH 
# 
loop_
_entity_poly_seq.entity_id 
_entity_poly_seq.num 
_entity_poly_seq.mon_id 
_entity_poly_seq.hetero 
1 1   MET n 
1 2   HIS n 
1 3   HIS n 
1 4   HIS n 
1 5   HIS n 
1 6   HIS n 
1 7   HIS n 
1 8   SER n 
1 9   SER n 
1 10  GLY n 
1 11  VAL n 
1 12  ASP n 
1 13  LEU n 
1 14  GLY n 
1 15  THR n 
1 16  GLU n 
1 17  ASN n 
1 18  LEU n 
1 19  TYR n 
1 20  PHE n 
1 21  GLN n 
1 22  SER n 
1 23  MET n 
1 24  SER n 
1 25  TYR n 
1 26  ASP n 
1 27  ILE n 
1 28  GLN n 
1 29  ALA n 
1 30  TRP n 
1 31  LYS n 
1 32  LYS n 
1 33  GLN n 
1 34  CYS n 
1 35  GLU n 
1 36  GLU n 
1 37  LEU n 
1 38  LEU n 
1 39  ASN n 
1 40  LEU n 
1 41  ILE n 
1 42  PHE n 
1 43  GLN n 
1 44  CYS n 
1 45  GLU n 
1 46  ASP n 
1 47  SER n 
1 48  GLU n 
1 49  PRO n 
1 50  PHE n 
1 51  ARG n 
1 52  GLN n 
1 53  PRO n 
1 54  VAL n 
1 55  ASP n 
1 56  LEU n 
1 57  LEU n 
1 58  GLU n 
1 59  TYR n 
1 60  PRO n 
1 61  ASP n 
1 62  TYR n 
1 63  ARG n 
1 64  ASP n 
1 65  ILE n 
1 66  ILE n 
1 67  ASP n 
1 68  THR n 
1 69  PRO n 
1 70  MET n 
1 71  ASP n 
1 72  PHE n 
1 73  ALA n 
1 74  THR n 
1 75  VAL n 
1 76  ARG n 
1 77  GLU n 
1 78  THR n 
1 79  LEU n 
1 80  GLU n 
1 81  ALA n 
1 82  GLY n 
1 83  ASN n 
1 84  TYR n 
1 85  GLU n 
1 86  SER n 
1 87  PRO n 
1 88  MET n 
1 89  GLU n 
1 90  LEU n 
1 91  CYS n 
1 92  LYS n 
1 93  ASP n 
1 94  VAL n 
1 95  ARG n 
1 96  LEU n 
1 97  ILE n 
1 98  PHE n 
1 99  SER n 
1 100 ASN n 
1 101 SER n 
1 102 LYS n 
1 103 ALA n 
1 104 TYR n 
1 105 THR n 
1 106 PRO n 
1 107 SER n 
1 108 LYS n 
1 109 ARG n 
1 110 SER n 
1 111 ARG n 
1 112 ILE n 
1 113 TYR n 
1 114 SER n 
1 115 MET n 
1 116 SER n 
1 117 LEU n 
1 118 ARG n 
1 119 LEU n 
1 120 SER n 
1 121 ALA n 
1 122 PHE n 
1 123 PHE n 
1 124 GLU n 
1 125 GLU n 
1 126 HIS n 
1 127 ILE n 
1 128 SER n 
1 129 SER n 
1 130 VAL n 
1 131 LEU n 
1 132 SER n 
1 133 ASP n 
1 134 TYR n 
1 135 LYS n 
1 136 SER n 
1 137 ALA n 
1 138 LEU n 
1 139 ARG n 
1 140 PHE n 
1 141 HIS n 
1 142 LYS n 
1 143 ARG n 
1 144 ASN n 
1 145 THR n 
1 146 ILE n 
1 147 THR n 
1 148 LYS n 
1 149 ARG n 
# 
_entity_src_gen.entity_id                          1 
_entity_src_gen.pdbx_src_id                        1 
_entity_src_gen.pdbx_alt_source_flag               sample 
_entity_src_gen.pdbx_seq_type                      'Biological sequence' 
_entity_src_gen.pdbx_beg_seq_num                   1 
_entity_src_gen.pdbx_end_seq_num                   149 
_entity_src_gen.gene_src_common_name               Human 
_entity_src_gen.gene_src_genus                     ? 
_entity_src_gen.pdbx_gene_src_gene                 'PHIP, DCAF14, WDR11' 
_entity_src_gen.gene_src_species                   ? 
_entity_src_gen.gene_src_strain                    ? 
_entity_src_gen.gene_src_tissue                    ? 
_entity_src_gen.gene_src_tissue_fraction           ? 
_entity_src_gen.gene_src_details                   ? 
_entity_src_gen.pdbx_gene_src_fragment             ? 
_entity_src_gen.pdbx_gene_src_scientific_name      'Homo sapiens' 
_entity_src_gen.pdbx_gene_src_ncbi_taxonomy_id     9606 
_entity_src_gen.pdbx_gene_src_variant              ? 
_entity_src_gen.pdbx_gene_src_cell_line            ? 
_entity_src_gen.pdbx_gene_src_atcc                 ? 
_entity_src_gen.pdbx_gene_src_organ                ? 
_entity_src_gen.pdbx_gene_src_organelle            ? 
_entity_src_gen.pdbx_gene_src_cell                 ? 
_entity_src_gen.pdbx_gene_src_cellular_location    ? 
_entity_src_gen.host_org_common_name               ? 
_entity_src_gen.pdbx_host_org_scientific_name      'Escherichia coli' 
_entity_src_gen.pdbx_host_org_ncbi_taxonomy_id     562 
_entity_src_gen.host_org_genus                     ? 
_entity_src_gen.pdbx_host_org_gene                 ? 
_entity_src_gen.pdbx_host_org_organ                ? 
_entity_src_gen.host_org_species                   ? 
_entity_src_gen.pdbx_host_org_tissue               ? 
_entity_src_gen.pdbx_host_org_tissue_fraction      ? 
_entity_src_gen.pdbx_host_org_strain               ? 
_entity_src_gen.pdbx_host_org_variant              ? 
_entity_src_gen.pdbx_host_org_cell_line            ? 
_entity_src_gen.pdbx_host_org_atcc                 ? 
_entity_src_gen.pdbx_host_org_culture_collection   ? 
_entity_src_gen.pdbx_host_org_cell                 ? 
_entity_src_gen.pdbx_host_org_organelle            ? 
_entity_src_gen.pdbx_host_org_cellular_location    ? 
_entity_src_gen.pdbx_host_org_vector_type          ? 
_entity_src_gen.pdbx_host_org_vector               ? 
_entity_src_gen.host_org_details                   ? 
_entity_src_gen.expression_system_id               ? 
_entity_src_gen.plasmid_name                       ? 
_entity_src_gen.plasmid_details                    ? 
_entity_src_gen.pdbx_description                   ? 
# 
loop_
_chem_comp.id 
_chem_comp.type 
_chem_comp.mon_nstd_flag 
_chem_comp.name 
_chem_comp.pdbx_synonyms 
_chem_comp.formula 
_chem_comp.formula_weight 
ALA 'L-peptide linking' y ALANINE                                                ? 'C3 H7 N O2'     89.093  
ARG 'L-peptide linking' y ARGININE                                               ? 'C6 H15 N4 O2 1' 175.209 
ASN 'L-peptide linking' y ASPARAGINE                                             ? 'C4 H8 N2 O3'    132.118 
ASP 'L-peptide linking' y 'ASPARTIC ACID'                                        ? 'C4 H7 N O4'     133.103 
CYS 'L-peptide linking' y CYSTEINE                                               ? 'C3 H7 N O2 S'   121.158 
GLN 'L-peptide linking' y GLUTAMINE                                              ? 'C5 H10 N2 O3'   146.144 
GLU 'L-peptide linking' y 'GLUTAMIC ACID'                                        ? 'C5 H9 N O4'     147.129 
GLY 'peptide linking'   y GLYCINE                                                ? 'C2 H5 N O2'     75.067  
HIS 'L-peptide linking' y HISTIDINE                                              ? 'C6 H10 N3 O2 1' 156.162 
HOH non-polymer         . WATER                                                  ? 'H2 O'           18.015  
ILE 'L-peptide linking' y ISOLEUCINE                                             ? 'C6 H13 N O2'    131.173 
LEU 'L-peptide linking' y LEUCINE                                                ? 'C6 H13 N O2'    131.173 
LYS 'L-peptide linking' y LYSINE                                                 ? 'C6 H15 N2 O2 1' 147.195 
MET 'L-peptide linking' y METHIONINE                                             ? 'C5 H11 N O2 S'  149.211 
PHE 'L-peptide linking' y PHENYLALANINE                                          ? 'C9 H11 N O2'    165.189 
PRO 'L-peptide linking' y PROLINE                                                ? 'C5 H9 N O2'     115.130 
SER 'L-peptide linking' y SERINE                                                 ? 'C3 H7 N O3'     105.093 
THR 'L-peptide linking' y THREONINE                                              ? 'C4 H9 N O3'     119.119 
TRP 'L-peptide linking' y TRYPTOPHAN                                             ? 'C11 H12 N2 O2'  204.225 
TYR 'L-peptide linking' y TYROSINE                                               ? 'C9 H11 N O3'    181.189 
VAL 'L-peptide linking' y VALINE                                                 ? 'C5 H11 N O2'    117.146 
Y0A non-polymer         . 'N-butyl-4-(furan-2-carbonyl)piperazine-1-carboxamide' ? 'C14 H21 N3 O3'  279.335 
# 
loop_
_pdbx_poly_seq_scheme.asym_id 
_pdbx_poly_seq_scheme.entity_id 
_pdbx_poly_seq_scheme.seq_id 
_pdbx_poly_seq_scheme.mon_id 
_pdbx_poly_seq_scheme.ndb_seq_num 
_pdbx_poly_seq_scheme.pdb_seq_num 
_pdbx_poly_seq_scheme.auth_seq_num 
_pdbx_poly_seq_scheme.pdb_mon_id 
_pdbx_poly_seq_scheme.auth_mon_id 
_pdbx_poly_seq_scheme.pdb_strand_id 
_pdbx_poly_seq_scheme.pdb_ins_code 
_pdbx_poly_seq_scheme.hetero 
A 1 1   MET 1   1292 ?    ?   ?   A . n 
A 1 2   HIS 2   1293 ?    ?   ?   A . n 
A 1 3   HIS 3   1294 ?    ?   ?   A . n 
A 1 4   HIS 4   1295 ?    ?   ?   A . n 
A 1 5   HIS 5   1296 ?    ?   ?   A . n 
A 1 6   HIS 6   1297 ?    ?   ?   A . n 
A 1 7   HIS 7   1298 ?    ?   ?   A . n 
A 1 8   SER 8   1299 ?    ?   ?   A . n 
A 1 9   SER 9   1300 ?    ?   ?   A . n 
A 1 10  GLY 10  1301 ?    ?   ?   A . n 
A 1 11  VAL 11  1302 ?    ?   ?   A . n 
A 1 12  ASP 12  1303 ?    ?   ?   A . n 
A 1 13  LEU 13  1304 ?    ?   ?   A . n 
A 1 14  GLY 14  1305 ?    ?   ?   A . n 
A 1 15  THR 15  1306 ?    ?   ?   A . n 
A 1 16  GLU 16  1307 ?    ?   ?   A . n 
A 1 17  ASN 17  1308 ?    ?   ?   A . n 
A 1 18  LEU 18  1309 ?    ?   ?   A . n 
A 1 19  TYR 19  1310 ?    ?   ?   A . n 
A 1 20  PHE 20  1311 ?    ?   ?   A . n 
A 1 21  GLN 21  1312 ?    ?   ?   A . n 
A 1 22  SER 22  1313 ?    ?   ?   A . n 
A 1 23  MET 23  1314 ?    ?   ?   A . n 
A 1 24  SER 24  1315 ?    ?   ?   A . n 
A 1 25  TYR 25  1316 1316 TYR TYR A . n 
A 1 26  ASP 26  1317 1317 ASP ASP A . n 
A 1 27  ILE 27  1318 1318 ILE ILE A . n 
A 1 28  GLN 28  1319 1319 GLN GLN A . n 
A 1 29  ALA 29  1320 1320 ALA ALA A . n 
A 1 30  TRP 30  1321 1321 TRP TRP A . n 
A 1 31  LYS 31  1322 1322 LYS LYS A . n 
A 1 32  LYS 32  1323 1323 LYS LYS A . n 
A 1 33  GLN 33  1324 1324 GLN GLN A . n 
A 1 34  CYS 34  1325 1325 CYS CYS A . n 
A 1 35  GLU 35  1326 1326 GLU GLU A . n 
A 1 36  GLU 36  1327 1327 GLU GLU A . n 
A 1 37  LEU 37  1328 1328 LEU LEU A . n 
A 1 38  LEU 38  1329 1329 LEU LEU A . n 
A 1 39  ASN 39  1330 1330 ASN ASN A . n 
A 1 40  LEU 40  1331 1331 LEU LEU A . n 
A 1 41  ILE 41  1332 1332 ILE ILE A . n 
A 1 42  PHE 42  1333 1333 PHE PHE A . n 
A 1 43  GLN 43  1334 1334 GLN GLN A . n 
A 1 44  CYS 44  1335 1335 CYS CYS A . n 
A 1 45  GLU 45  1336 1336 GLU GLU A . n 
A 1 46  ASP 46  1337 1337 ASP ASP A . n 
A 1 47  SER 47  1338 1338 SER SER A . n 
A 1 48  GLU 48  1339 1339 GLU GLU A . n 
A 1 49  PRO 49  1340 1340 PRO PRO A . n 
A 1 50  PHE 50  1341 1341 PHE PHE A . n 
A 1 51  ARG 51  1342 1342 ARG ARG A . n 
A 1 52  GLN 52  1343 1343 GLN GLN A . n 
A 1 53  PRO 53  1344 1344 PRO PRO A . n 
A 1 54  VAL 54  1345 1345 VAL VAL A . n 
A 1 55  ASP 55  1346 1346 ASP ASP A . n 
A 1 56  LEU 56  1347 1347 LEU LEU A . n 
A 1 57  LEU 57  1348 1348 LEU LEU A . n 
A 1 58  GLU 58  1349 1349 GLU GLU A . n 
A 1 59  TYR 59  1350 1350 TYR TYR A . n 
A 1 60  PRO 60  1351 1351 PRO PRO A . n 
A 1 61  ASP 61  1352 1352 ASP ASP A . n 
A 1 62  TYR 62  1353 1353 TYR TYR A . n 
A 1 63  ARG 63  1354 1354 ARG ARG A . n 
A 1 64  ASP 64  1355 1355 ASP ASP A . n 
A 1 65  ILE 65  1356 1356 ILE ILE A . n 
A 1 66  ILE 66  1357 1357 ILE ILE A . n 
A 1 67  ASP 67  1358 1358 ASP ASP A . n 
A 1 68  THR 68  1359 1359 THR THR A . n 
A 1 69  PRO 69  1360 1360 PRO PRO A . n 
A 1 70  MET 70  1361 1361 MET MET A . n 
A 1 71  ASP 71  1362 1362 ASP ASP A . n 
A 1 72  PHE 72  1363 1363 PHE PHE A . n 
A 1 73  ALA 73  1364 1364 ALA ALA A . n 
A 1 74  THR 74  1365 1365 THR THR A . n 
A 1 75  VAL 75  1366 1366 VAL VAL A . n 
A 1 76  ARG 76  1367 1367 ARG ARG A . n 
A 1 77  GLU 77  1368 1368 GLU GLU A . n 
A 1 78  THR 78  1369 1369 THR THR A . n 
A 1 79  LEU 79  1370 1370 LEU LEU A . n 
A 1 80  GLU 80  1371 1371 GLU GLU A . n 
A 1 81  ALA 81  1372 1372 ALA ALA A . n 
A 1 82  GLY 82  1373 1373 GLY GLY A . n 
A 1 83  ASN 83  1374 1374 ASN ASN A . n 
A 1 84  TYR 84  1375 1375 TYR TYR A . n 
A 1 85  GLU 85  1376 1376 GLU GLU A . n 
A 1 86  SER 86  1377 1377 SER SER A . n 
A 1 87  PRO 87  1378 1378 PRO PRO A . n 
A 1 88  MET 88  1379 1379 MET MET A . n 
A 1 89  GLU 89  1380 1380 GLU GLU A . n 
A 1 90  LEU 90  1381 1381 LEU LEU A . n 
A 1 91  CYS 91  1382 1382 CYS CYS A . n 
A 1 92  LYS 92  1383 1383 LYS LYS A . n 
A 1 93  ASP 93  1384 1384 ASP ASP A . n 
A 1 94  VAL 94  1385 1385 VAL VAL A . n 
A 1 95  ARG 95  1386 1386 ARG ARG A . n 
A 1 96  LEU 96  1387 1387 LEU LEU A . n 
A 1 97  ILE 97  1388 1388 ILE ILE A . n 
A 1 98  PHE 98  1389 1389 PHE PHE A . n 
A 1 99  SER 99  1390 1390 SER SER A . n 
A 1 100 ASN 100 1391 1391 ASN ASN A . n 
A 1 101 SER 101 1392 1392 SER SER A . n 
A 1 102 LYS 102 1393 1393 LYS LYS A . n 
A 1 103 ALA 103 1394 1394 ALA ALA A . n 
A 1 104 TYR 104 1395 1395 TYR TYR A . n 
A 1 105 THR 105 1396 1396 THR THR A . n 
A 1 106 PRO 106 1397 1397 PRO PRO A . n 
A 1 107 SER 107 1398 1398 SER SER A . n 
A 1 108 LYS 108 1399 1399 LYS LYS A . n 
A 1 109 ARG 109 1400 1400 ARG ARG A . n 
A 1 110 SER 110 1401 1401 SER SER A . n 
A 1 111 ARG 111 1402 1402 ARG ARG A . n 
A 1 112 ILE 112 1403 1403 ILE ILE A . n 
A 1 113 TYR 113 1404 1404 TYR TYR A . n 
A 1 114 SER 114 1405 1405 SER SER A . n 
A 1 115 MET 115 1406 1406 MET MET A . n 
A 1 116 SER 116 1407 1407 SER SER A . n 
A 1 117 LEU 117 1408 1408 LEU LEU A . n 
A 1 118 ARG 118 1409 1409 ARG ARG A . n 
A 1 119 LEU 119 1410 1410 LEU LEU A . n 
A 1 120 SER 120 1411 1411 SER SER A . n 
A 1 121 ALA 121 1412 1412 ALA ALA A . n 
A 1 122 PHE 122 1413 1413 PHE PHE A . n 
A 1 123 PHE 123 1414 1414 PHE PHE A . n 
A 1 124 GLU 124 1415 1415 GLU GLU A . n 
A 1 125 GLU 125 1416 1416 GLU GLU A . n 
A 1 126 HIS 126 1417 1417 HIS HIS A . n 
A 1 127 ILE 127 1418 1418 ILE ILE A . n 
A 1 128 SER 128 1419 1419 SER SER A . n 
A 1 129 SER 129 1420 1420 SER SER A . n 
A 1 130 VAL 130 1421 1421 VAL VAL A . n 
A 1 131 LEU 131 1422 1422 LEU LEU A . n 
A 1 132 SER 132 1423 1423 SER SER A . n 
A 1 133 ASP 133 1424 1424 ASP ASP A . n 
A 1 134 TYR 134 1425 1425 TYR TYR A . n 
A 1 135 LYS 135 1426 1426 LYS LYS A . n 
A 1 136 SER 136 1427 1427 SER SER A . n 
A 1 137 ALA 137 1428 1428 ALA ALA A . n 
A 1 138 LEU 138 1429 1429 LEU LEU A . n 
A 1 139 ARG 139 1430 1430 ARG ARG A . n 
A 1 140 PHE 140 1431 1431 PHE PHE A . n 
A 1 141 HIS 141 1432 1432 HIS HIS A . n 
A 1 142 LYS 142 1433 1433 LYS LYS A . n 
A 1 143 ARG 143 1434 1434 ARG ARG A . n 
A 1 144 ASN 144 1435 ?    ?   ?   A . n 
A 1 145 THR 145 1436 ?    ?   ?   A . n 
A 1 146 ILE 146 1437 ?    ?   ?   A . n 
A 1 147 THR 147 1438 ?    ?   ?   A . n 
A 1 148 LYS 148 1439 ?    ?   ?   A . n 
A 1 149 ARG 149 1440 ?    ?   ?   A . n 
# 
loop_
_pdbx_nonpoly_scheme.asym_id 
_pdbx_nonpoly_scheme.entity_id 
_pdbx_nonpoly_scheme.mon_id 
_pdbx_nonpoly_scheme.ndb_seq_num 
_pdbx_nonpoly_scheme.pdb_seq_num 
_pdbx_nonpoly_scheme.auth_seq_num 
_pdbx_nonpoly_scheme.pdb_mon_id 
_pdbx_nonpoly_scheme.auth_mon_id 
_pdbx_nonpoly_scheme.pdb_strand_id 
_pdbx_nonpoly_scheme.pdb_ins_code 
B 2 Y0A 1   1501 1501 Y0A LIG A . 
C 3 HOH 1   1601 167  HOH HOH A . 
C 3 HOH 2   1602 151  HOH HOH A . 
C 3 HOH 3   1603 195  HOH HOH A . 
C 3 HOH 4   1604 197  HOH HOH A . 
C 3 HOH 5   1605 144  HOH HOH A . 
C 3 HOH 6   1606 183  HOH HOH A . 
C 3 HOH 7   1607 98   HOH HOH A . 
C 3 HOH 8   1608 172  HOH HOH A . 
C 3 HOH 9   1609 128  HOH HOH A . 
C 3 HOH 10  1610 85   HOH HOH A . 
C 3 HOH 11  1611 20   HOH HOH A . 
C 3 HOH 12  1612 204  HOH HOH A . 
C 3 HOH 13  1613 121  HOH HOH A . 
C 3 HOH 14  1614 7    HOH HOH A . 
C 3 HOH 15  1615 89   HOH HOH A . 
C 3 HOH 16  1616 184  HOH HOH A . 
C 3 HOH 17  1617 124  HOH HOH A . 
C 3 HOH 18  1618 74   HOH HOH A . 
C 3 HOH 19  1619 141  HOH HOH A . 
C 3 HOH 20  1620 174  HOH HOH A . 
C 3 HOH 21  1621 21   HOH HOH A . 
C 3 HOH 22  1622 159  HOH HOH A . 
C 3 HOH 23  1623 143  HOH HOH A . 
C 3 HOH 24  1624 25   HOH HOH A . 
C 3 HOH 25  1625 10   HOH HOH A . 
C 3 HOH 26  1626 179  HOH HOH A . 
C 3 HOH 27  1627 70   HOH HOH A . 
C 3 HOH 28  1628 206  HOH HOH A . 
C 3 HOH 29  1629 187  HOH HOH A . 
C 3 HOH 30  1630 65   HOH HOH A . 
C 3 HOH 31  1631 94   HOH HOH A . 
C 3 HOH 32  1632 12   HOH HOH A . 
C 3 HOH 33  1633 17   HOH HOH A . 
C 3 HOH 34  1634 41   HOH HOH A . 
C 3 HOH 35  1635 140  HOH HOH A . 
C 3 HOH 36  1636 83   HOH HOH A . 
C 3 HOH 37  1637 75   HOH HOH A . 
C 3 HOH 38  1638 33   HOH HOH A . 
C 3 HOH 39  1639 142  HOH HOH A . 
C 3 HOH 40  1640 139  HOH HOH A . 
C 3 HOH 41  1641 176  HOH HOH A . 
C 3 HOH 42  1642 123  HOH HOH A . 
C 3 HOH 43  1643 31   HOH HOH A . 
C 3 HOH 44  1644 45   HOH HOH A . 
C 3 HOH 45  1645 59   HOH HOH A . 
C 3 HOH 46  1646 16   HOH HOH A . 
C 3 HOH 47  1647 182  HOH HOH A . 
C 3 HOH 48  1648 62   HOH HOH A . 
C 3 HOH 49  1649 4    HOH HOH A . 
C 3 HOH 50  1650 9    HOH HOH A . 
C 3 HOH 51  1651 3    HOH HOH A . 
C 3 HOH 52  1652 1    HOH HOH A . 
C 3 HOH 53  1653 52   HOH HOH A . 
C 3 HOH 54  1654 64   HOH HOH A . 
C 3 HOH 55  1655 130  HOH HOH A . 
C 3 HOH 56  1656 14   HOH HOH A . 
C 3 HOH 57  1657 82   HOH HOH A . 
C 3 HOH 58  1658 56   HOH HOH A . 
C 3 HOH 59  1659 138  HOH HOH A . 
C 3 HOH 60  1660 101  HOH HOH A . 
C 3 HOH 61  1661 28   HOH HOH A . 
C 3 HOH 62  1662 54   HOH HOH A . 
C 3 HOH 63  1663 39   HOH HOH A . 
C 3 HOH 64  1664 160  HOH HOH A . 
C 3 HOH 65  1665 99   HOH HOH A . 
C 3 HOH 66  1666 162  HOH HOH A . 
C 3 HOH 67  1667 77   HOH HOH A . 
C 3 HOH 68  1668 135  HOH HOH A . 
C 3 HOH 69  1669 113  HOH HOH A . 
C 3 HOH 70  1670 86   HOH HOH A . 
C 3 HOH 71  1671 119  HOH HOH A . 
C 3 HOH 72  1672 11   HOH HOH A . 
C 3 HOH 73  1673 27   HOH HOH A . 
C 3 HOH 74  1674 92   HOH HOH A . 
C 3 HOH 75  1675 108  HOH HOH A . 
C 3 HOH 76  1676 60   HOH HOH A . 
C 3 HOH 77  1677 6    HOH HOH A . 
C 3 HOH 78  1678 5    HOH HOH A . 
C 3 HOH 79  1679 207  HOH HOH A . 
C 3 HOH 80  1680 35   HOH HOH A . 
C 3 HOH 81  1681 29   HOH HOH A . 
C 3 HOH 82  1682 23   HOH HOH A . 
C 3 HOH 83  1683 19   HOH HOH A . 
C 3 HOH 84  1684 69   HOH HOH A . 
C 3 HOH 85  1685 71   HOH HOH A . 
C 3 HOH 86  1686 158  HOH HOH A . 
C 3 HOH 87  1687 180  HOH HOH A . 
C 3 HOH 88  1688 105  HOH HOH A . 
C 3 HOH 89  1689 63   HOH HOH A . 
C 3 HOH 90  1690 96   HOH HOH A . 
C 3 HOH 91  1691 40   HOH HOH A . 
C 3 HOH 92  1692 84   HOH HOH A . 
C 3 HOH 93  1693 91   HOH HOH A . 
C 3 HOH 94  1694 76   HOH HOH A . 
C 3 HOH 95  1695 80   HOH HOH A . 
C 3 HOH 96  1696 152  HOH HOH A . 
C 3 HOH 97  1697 122  HOH HOH A . 
C 3 HOH 98  1698 15   HOH HOH A . 
C 3 HOH 99  1699 48   HOH HOH A . 
C 3 HOH 100 1700 129  HOH HOH A . 
C 3 HOH 101 1701 67   HOH HOH A . 
C 3 HOH 102 1702 42   HOH HOH A . 
C 3 HOH 103 1703 90   HOH HOH A . 
C 3 HOH 104 1704 116  HOH HOH A . 
C 3 HOH 105 1705 171  HOH HOH A . 
C 3 HOH 106 1706 181  HOH HOH A . 
C 3 HOH 107 1707 178  HOH HOH A . 
C 3 HOH 108 1708 38   HOH HOH A . 
C 3 HOH 109 1709 88   HOH HOH A . 
C 3 HOH 110 1710 72   HOH HOH A . 
C 3 HOH 111 1711 106  HOH HOH A . 
C 3 HOH 112 1712 131  HOH HOH A . 
C 3 HOH 113 1713 191  HOH HOH A . 
C 3 HOH 114 1714 163  HOH HOH A . 
C 3 HOH 115 1715 44   HOH HOH A . 
C 3 HOH 116 1716 127  HOH HOH A . 
C 3 HOH 117 1717 2    HOH HOH A . 
C 3 HOH 118 1718 118  HOH HOH A . 
C 3 HOH 119 1719 81   HOH HOH A . 
C 3 HOH 120 1720 150  HOH HOH A . 
C 3 HOH 121 1721 205  HOH HOH A . 
C 3 HOH 122 1722 49   HOH HOH A . 
C 3 HOH 123 1723 137  HOH HOH A . 
C 3 HOH 124 1724 53   HOH HOH A . 
C 3 HOH 125 1725 125  HOH HOH A . 
C 3 HOH 126 1726 13   HOH HOH A . 
C 3 HOH 127 1727 22   HOH HOH A . 
C 3 HOH 128 1728 157  HOH HOH A . 
C 3 HOH 129 1729 95   HOH HOH A . 
C 3 HOH 130 1730 164  HOH HOH A . 
C 3 HOH 131 1731 34   HOH HOH A . 
C 3 HOH 132 1732 120  HOH HOH A . 
C 3 HOH 133 1733 134  HOH HOH A . 
C 3 HOH 134 1734 161  HOH HOH A . 
C 3 HOH 135 1735 57   HOH HOH A . 
C 3 HOH 136 1736 186  HOH HOH A . 
C 3 HOH 137 1737 66   HOH HOH A . 
C 3 HOH 138 1738 173  HOH HOH A . 
C 3 HOH 139 1739 136  HOH HOH A . 
C 3 HOH 140 1740 117  HOH HOH A . 
C 3 HOH 141 1741 165  HOH HOH A . 
C 3 HOH 142 1742 126  HOH HOH A . 
C 3 HOH 143 1743 109  HOH HOH A . 
C 3 HOH 144 1744 145  HOH HOH A . 
C 3 HOH 145 1745 93   HOH HOH A . 
C 3 HOH 146 1746 37   HOH HOH A . 
C 3 HOH 147 1747 194  HOH HOH A . 
C 3 HOH 148 1748 146  HOH HOH A . 
C 3 HOH 149 1749 153  HOH HOH A . 
C 3 HOH 150 1750 175  HOH HOH A . 
C 3 HOH 151 1751 132  HOH HOH A . 
C 3 HOH 152 1752 30   HOH HOH A . 
C 3 HOH 153 1753 177  HOH HOH A . 
C 3 HOH 154 1754 133  HOH HOH A . 
C 3 HOH 155 1755 166  HOH HOH A . 
C 3 HOH 156 1756 100  HOH HOH A . 
C 3 HOH 157 1757 114  HOH HOH A . 
C 3 HOH 158 1758 8    HOH HOH A . 
C 3 HOH 159 1759 185  HOH HOH A . 
C 3 HOH 160 1760 149  HOH HOH A . 
C 3 HOH 161 1761 202  HOH HOH A . 
C 3 HOH 162 1762 107  HOH HOH A . 
C 3 HOH 163 1763 112  HOH HOH A . 
C 3 HOH 164 1764 198  HOH HOH A . 
C 3 HOH 165 1765 61   HOH HOH A . 
C 3 HOH 166 1766 199  HOH HOH A . 
C 3 HOH 167 1767 115  HOH HOH A . 
C 3 HOH 168 1768 190  HOH HOH A . 
C 3 HOH 169 1769 110  HOH HOH A . 
C 3 HOH 170 1770 188  HOH HOH A . 
C 3 HOH 171 1771 51   HOH HOH A . 
C 3 HOH 172 1772 193  HOH HOH A . 
C 3 HOH 173 1773 104  HOH HOH A . 
C 3 HOH 174 1774 156  HOH HOH A . 
C 3 HOH 175 1775 78   HOH HOH A . 
C 3 HOH 176 1776 103  HOH HOH A . 
C 3 HOH 177 1777 168  HOH HOH A . 
C 3 HOH 178 1778 102  HOH HOH A . 
C 3 HOH 179 1779 68   HOH HOH A . 
C 3 HOH 180 1780 46   HOH HOH A . 
C 3 HOH 181 1781 73   HOH HOH A . 
C 3 HOH 182 1782 170  HOH HOH A . 
C 3 HOH 183 1783 196  HOH HOH A . 
C 3 HOH 184 1784 201  HOH HOH A . 
C 3 HOH 185 1785 200  HOH HOH A . 
C 3 HOH 186 1786 148  HOH HOH A . 
C 3 HOH 187 1787 97   HOH HOH A . 
C 3 HOH 188 1788 111  HOH HOH A . 
C 3 HOH 189 1789 192  HOH HOH A . 
C 3 HOH 190 1790 189  HOH HOH A . 
C 3 HOH 191 1791 87   HOH HOH A . 
C 3 HOH 192 1792 203  HOH HOH A . 
C 3 HOH 193 1793 79   HOH HOH A . 
# 
loop_
_pdbx_unobs_or_zero_occ_atoms.id 
_pdbx_unobs_or_zero_occ_atoms.PDB_model_num 
_pdbx_unobs_or_zero_occ_atoms.polymer_flag 
_pdbx_unobs_or_zero_occ_atoms.occupancy_flag 
_pdbx_unobs_or_zero_occ_atoms.auth_asym_id 
_pdbx_unobs_or_zero_occ_atoms.auth_comp_id 
_pdbx_unobs_or_zero_occ_atoms.auth_seq_id 
_pdbx_unobs_or_zero_occ_atoms.PDB_ins_code 
_pdbx_unobs_or_zero_occ_atoms.auth_atom_id 
_pdbx_unobs_or_zero_occ_atoms.label_alt_id 
_pdbx_unobs_or_zero_occ_atoms.label_asym_id 
_pdbx_unobs_or_zero_occ_atoms.label_comp_id 
_pdbx_unobs_or_zero_occ_atoms.label_seq_id 
_pdbx_unobs_or_zero_occ_atoms.label_atom_id 
1 1 Y 1 A LYS 1323 ? CE ? A LYS 32 CE 
2 1 Y 1 A LYS 1323 ? NZ ? A LYS 32 NZ 
# 
loop_
_software.pdbx_ordinal 
_software.name 
_software.version 
_software.date 
_software.type 
_software.contact_author 
_software.contact_author_email 
_software.classification 
_software.location 
_software.language 
_software.citation_id 
1 REFMAC      5.8.0267 ?               program 'Garib N. Murshudov' garib@ysbl.york.ac.uk    refinement        
http://www.ccp4.ac.uk/dist/html/refmac5.html        Fortran_77 ? 
2 Aimless     .        ?               program 'Phil Evans'         ?                        'data scaling'    
http://www.mrc-lmb.cam.ac.uk/harry/pre/aimless.html ?          ? 
3 PDB_EXTRACT 3.23     'SEP. 23, 2016' package PDB                  deposit@deposit.rcsb.org 'data extraction' 
http://sw-tools.pdb.org/apps/PDB_EXTRACT/           C++        ? 
4 XDS         .        ?               program ?                    ?                        'data reduction'  ? ?          ? 
5 REFMAC      .        ?               program ?                    ?                        phasing           ? ?          ? 
# 
_cell.entry_id           5S8R 
_cell.length_a           81.572 
_cell.length_b           27.137 
_cell.length_c           55.947 
_cell.angle_alpha        90.000 
_cell.angle_beta         100.140 
_cell.angle_gamma        90.000 
_cell.Z_PDB              4 
_cell.pdbx_unique_axis   ? 
# 
_symmetry.entry_id                         5S8R 
_symmetry.space_group_name_H-M             'C 1 2 1' 
_symmetry.pdbx_full_space_group_name_H-M   ? 
_symmetry.cell_setting                     ? 
_symmetry.Int_Tables_number                5 
# 
_exptl.crystals_number   1 
_exptl.entry_id          5S8R 
_exptl.method            'X-RAY DIFFRACTION' 
# 
_exptl_crystal.id                    1 
_exptl_crystal.density_meas          ? 
_exptl_crystal.density_Matthews      1.73 
_exptl_crystal.density_percent_sol   28.86 
_exptl_crystal.description           ? 
_exptl_crystal.preparation           ? 
# 
_exptl_crystal_grow.crystal_id      1 
_exptl_crystal_grow.method          'VAPOR DIFFUSION, SITTING DROP' 
_exptl_crystal_grow.pH              5.6 
_exptl_crystal_grow.temp            277 
_exptl_crystal_grow.pdbx_details    '20% PEG 8000, 0.04M POTASSIUM PHOSPHATE' 
_exptl_crystal_grow.temp_details    ? 
_exptl_crystal_grow.pdbx_pH_range   ? 
# 
_diffrn.id                               1 
_diffrn.ambient_temp                     100 
_diffrn.crystal_id                       1 
_diffrn.ambient_temp_details             ? 
_diffrn.pdbx_serial_crystal_experiment   ? 
# 
_diffrn_detector.detector               PIXEL 
_diffrn_detector.type                   'DECTRIS PILATUS 6M' 
_diffrn_detector.pdbx_collection_date   2019-04-11 
_diffrn_detector.diffrn_id              1 
_diffrn_detector.details                ? 
# 
_diffrn_radiation.diffrn_id                        1 
_diffrn_radiation.wavelength_id                    1 
_diffrn_radiation.pdbx_diffrn_protocol             'SINGLE WAVELENGTH' 
_diffrn_radiation.pdbx_monochromatic_or_laue_m_l   ? 
_diffrn_radiation.monochromator                    ? 
_diffrn_radiation.pdbx_scattering_type             x-ray 
# 
_diffrn_radiation_wavelength.id           1 
_diffrn_radiation_wavelength.wavelength   0.9159 
_diffrn_radiation_wavelength.wt           1.0 
# 
_diffrn_source.diffrn_id                   1 
_diffrn_source.source                      SYNCHROTRON 
_diffrn_source.type                        'DIAMOND BEAMLINE I04-1' 
_diffrn_source.pdbx_wavelength_list        0.9159 
_diffrn_source.pdbx_synchrotron_site       Diamond 
_diffrn_source.pdbx_synchrotron_beamline   I04-1 
_diffrn_source.pdbx_wavelength             ? 
# 
_reflns.entry_id                     5S8R 
_reflns.pdbx_diffrn_id               1 
_reflns.pdbx_ordinal                 1 
_reflns.observed_criterion_sigma_I   ? 
_reflns.observed_criterion_sigma_F   ? 
_reflns.d_resolution_low             55.074 
_reflns.d_resolution_high            1.222 
_reflns.number_obs                   26004 
_reflns.number_all                   ? 
_reflns.percent_possible_obs         90.600 
_reflns.pdbx_Rmerge_I_obs            ? 
_reflns.pdbx_Rsym_value              ? 
_reflns.pdbx_netI_over_sigmaI        17.800 
_reflns.B_iso_Wilson_estimate        ? 
_reflns.pdbx_redundancy              2.900 
_reflns.pdbx_Rrim_I_all              0.029 
_reflns.pdbx_Rpim_I_all              0.016 
_reflns.pdbx_CC_half                 1.000 
_reflns.pdbx_netI_over_av_sigmaI     ? 
_reflns.pdbx_number_measured_all     74208 
_reflns.pdbx_scaling_rejects         ? 
_reflns.pdbx_chi_squared             ? 
_reflns.Rmerge_F_all                 ? 
_reflns.Rmerge_F_obs                 ? 
_reflns.observed_criterion_F_max     ? 
_reflns.observed_criterion_F_min     ? 
_reflns.observed_criterion_I_max     ? 
_reflns.observed_criterion_I_min     ? 
_reflns.pdbx_d_res_high_opt          ? 
_reflns.pdbx_d_res_low_opt           ? 
_reflns.details                      ? 
_reflns.pdbx_CC_star                 ? 
# 
loop_
_reflns_shell.pdbx_diffrn_id 
_reflns_shell.pdbx_ordinal 
_reflns_shell.d_res_high 
_reflns_shell.d_res_low 
_reflns_shell.number_measured_obs 
_reflns_shell.number_measured_all 
_reflns_shell.number_unique_obs 
_reflns_shell.pdbx_rejects 
_reflns_shell.Rmerge_I_obs 
_reflns_shell.meanI_over_sigI_obs 
_reflns_shell.pdbx_Rsym_value 
_reflns_shell.pdbx_chi_squared 
_reflns_shell.pdbx_redundancy 
_reflns_shell.percent_possible_obs 
_reflns_shell.pdbx_netI_over_sigmaI_obs 
_reflns_shell.number_possible 
_reflns_shell.number_unique_all 
_reflns_shell.Rmerge_F_all 
_reflns_shell.Rmerge_F_obs 
_reflns_shell.Rmerge_I_all 
_reflns_shell.meanI_over_sigI_all 
_reflns_shell.percent_possible_all 
_reflns_shell.pdbx_Rrim_I_all 
_reflns_shell.pdbx_Rpim_I_all 
_reflns_shell.pdbx_CC_half 
_reflns_shell.pdbx_CC_star 
1 1 1.222 1.351  ? 2128 ? ? ? ? ? ? 1.600 ? 1.100  ? 1302 ? ? ? ? 48.800 0.670 0.449 0.651 ? 
1 2 3.768 55.074 ? 4110 ? ? ? ? ? ? 3.200 ? 65.900 ? 1300 ? ? ? ? 98.700 0.016 0.009 1.000 ? 
# 
_refine.entry_id                                 5S8R 
_refine.pdbx_refine_id                           'X-RAY DIFFRACTION' 
_refine.ls_d_res_high                            1.2200 
_refine.ls_d_res_low                             55.0700 
_refine.pdbx_ls_sigma_F                          0.000 
_refine.pdbx_data_cutoff_high_absF               ? 
_refine.pdbx_data_cutoff_low_absF                ? 
_refine.ls_percent_reflns_obs                    71.3200 
_refine.ls_number_reflns_obs                     24701 
_refine.ls_number_reflns_all                     ? 
_refine.pdbx_ls_cross_valid_method               THROUGHOUT 
_refine.ls_matrix_type                           ? 
_refine.pdbx_R_Free_selection_details            RANDOM 
_refine.details                                  
'HYDROGENS HAVE BEEN ADDED IN THE RIDING POSITIONS U VALUES      : REFINED INDIVIDUALLY' 
_refine.ls_R_factor_all                          ? 
_refine.ls_R_factor_obs                          0.1790 
_refine.ls_R_factor_R_work                       0.1774 
_refine.ls_wR_factor_R_work                      ? 
_refine.ls_R_factor_R_free                       0.2091 
_refine.ls_wR_factor_R_free                      ? 
_refine.ls_percent_reflns_R_free                 5.0000 
_refine.ls_number_reflns_R_free                  1819 
_refine.ls_number_reflns_R_work                  ? 
_refine.ls_R_factor_R_free_error                 ? 
_refine.B_iso_mean                               19.6650 
_refine.solvent_model_param_bsol                 ? 
_refine.solvent_model_param_ksol                 ? 
_refine.pdbx_isotropic_thermal_model             ? 
_refine.aniso_B[1][1]                            -0.0100 
_refine.aniso_B[2][2]                            0.0400 
_refine.aniso_B[3][3]                            -0.0900 
_refine.aniso_B[1][2]                            -0.0000 
_refine.aniso_B[1][3]                            0.1700 
_refine.aniso_B[2][3]                            -0.0000 
_refine.correlation_coeff_Fo_to_Fc               0.9700 
_refine.correlation_coeff_Fo_to_Fc_free          0.9550 
_refine.overall_SU_R_Cruickshank_DPI             ? 
_refine.pdbx_overall_SU_R_free_Cruickshank_DPI   ? 
_refine.pdbx_overall_SU_R_Blow_DPI               ? 
_refine.pdbx_overall_SU_R_free_Blow_DPI          ? 
_refine.overall_SU_R_free                        ? 
_refine.pdbx_overall_ESU_R                       0.0780 
_refine.pdbx_overall_ESU_R_Free                  0.0780 
_refine.overall_SU_ML                            0.0560 
_refine.overall_SU_B                             1.3790 
_refine.solvent_model_details                    MASK 
_refine.pdbx_solvent_vdw_probe_radii             1.2000 
_refine.pdbx_solvent_ion_probe_radii             0.8000 
_refine.pdbx_solvent_shrinkage_radii             0.8000 
_refine.ls_number_parameters                     ? 
_refine.ls_number_restraints                     ? 
_refine.pdbx_starting_model                      5RJI 
_refine.pdbx_method_to_determine_struct          'FOURIER SYNTHESIS' 
_refine.pdbx_stereochemistry_target_values       'MAXIMUM LIKELIHOOD' 
_refine.pdbx_stereochem_target_val_spec_case     ? 
_refine.overall_FOM_work_R_set                   ? 
_refine.B_iso_max                                105.080 
_refine.B_iso_min                                9.320 
_refine.pdbx_overall_phase_error                 ? 
_refine.occupancy_max                            ? 
_refine.occupancy_min                            ? 
_refine.pdbx_diffrn_id                           1 
_refine.pdbx_TLS_residual_ADP_flag               ? 
_refine.pdbx_ls_sigma_I                          ? 
_refine.pdbx_data_cutoff_high_rms_absF           ? 
_refine.ls_R_factor_R_free_error_details         ? 
# 
_refine_hist.cycle_id                         final 
_refine_hist.pdbx_refine_id                   'X-RAY DIFFRACTION' 
_refine_hist.d_res_high                       1.2200 
_refine_hist.d_res_low                        55.0700 
_refine_hist.pdbx_number_atoms_ligand         20 
_refine_hist.number_atoms_solvent             193 
_refine_hist.number_atoms_total               1203 
_refine_hist.pdbx_number_residues_total       119 
_refine_hist.pdbx_B_iso_mean_ligand           21.90 
_refine_hist.pdbx_B_iso_mean_solvent          32.25 
_refine_hist.pdbx_number_atoms_protein        990 
_refine_hist.pdbx_number_atoms_nucleic_acid   0 
# 
loop_
_refine_ls_restr.pdbx_refine_id 
_refine_ls_restr.type 
_refine_ls_restr.number 
_refine_ls_restr.dev_ideal 
_refine_ls_restr.dev_ideal_target 
_refine_ls_restr.weight 
_refine_ls_restr.pdbx_restraint_function 
'X-RAY DIFFRACTION' r_bond_refined_d       1981 0.009  0.014  ? ? 
'X-RAY DIFFRACTION' r_bond_other_d         1471 0.001  0.017  ? ? 
'X-RAY DIFFRACTION' r_angle_refined_deg    2247 1.644  1.675  ? ? 
'X-RAY DIFFRACTION' r_angle_other_deg      3441 1.505  1.617  ? ? 
'X-RAY DIFFRACTION' r_dihedral_angle_1_deg 223  5.460  5.000  ? ? 
'X-RAY DIFFRACTION' r_dihedral_angle_2_deg 83   26.888 21.446 ? ? 
'X-RAY DIFFRACTION' r_dihedral_angle_3_deg 279  13.625 15.000 ? ? 
'X-RAY DIFFRACTION' r_dihedral_angle_4_deg 12   12.587 15.000 ? ? 
'X-RAY DIFFRACTION' r_chiral_restr         201  0.086  0.200  ? ? 
'X-RAY DIFFRACTION' r_gen_planes_refined   2063 0.008  0.020  ? ? 
'X-RAY DIFFRACTION' r_gen_planes_other     394  0.002  0.020  ? ? 
'X-RAY DIFFRACTION' r_mcbond_it            959  1.199  1.866  ? ? 
'X-RAY DIFFRACTION' r_mcbond_other         937  1.213  1.846  ? ? 
'X-RAY DIFFRACTION' r_mcangle_it           1035 2.113  2.676  ? ? 
# 
_refine_ls_shell.d_res_high                       1.2190 
_refine_ls_shell.d_res_low                        1.2500 
_refine_ls_shell.pdbx_total_number_of_bins_used   20 
_refine_ls_shell.percent_reflns_obs               3.3900 
_refine_ls_shell.number_reflns_R_work             85 
_refine_ls_shell.R_factor_all                     ? 
_refine_ls_shell.R_factor_R_work                  0.3950 
_refine_ls_shell.R_factor_R_free                  0.3240 
_refine_ls_shell.percent_reflns_R_free            ? 
_refine_ls_shell.number_reflns_R_free             5 
_refine_ls_shell.R_factor_R_free_error            ? 
_refine_ls_shell.number_reflns_all                90 
_refine_ls_shell.number_reflns_obs                ? 
_refine_ls_shell.pdbx_refine_id                   'X-RAY DIFFRACTION' 
_refine_ls_shell.R_factor_obs                     ? 
# 
_struct.entry_id                  5S8R 
_struct.title                     
'PanDDA analysis group deposition -- Crystal Structure of PHIP in complex with Z198194396 synthetic derivative' 
_struct.pdbx_model_details        ? 
_struct.pdbx_CASP_flag            ? 
_struct.pdbx_model_type_details   ? 
# 
_struct_keywords.entry_id        5S8R 
_struct_keywords.text            
;SGC - Diamond I04-1 fragment screening, PanDDA, XChemExplorer, Robotic chemistry, Crystal soaking, Reaction crudes, SIGNALING PROTEIN
;
_struct_keywords.pdbx_keywords   'SIGNALING PROTEIN' 
# 
loop_
_struct_asym.id 
_struct_asym.pdbx_blank_PDB_chainid_flag 
_struct_asym.pdbx_modified 
_struct_asym.entity_id 
_struct_asym.details 
A N N 1 ? 
B N N 2 ? 
C N N 3 ? 
# 
_struct_ref.id                         1 
_struct_ref.db_name                    UNP 
_struct_ref.db_code                    PHIP_HUMAN 
_struct_ref.pdbx_db_accession          Q8WWQ0 
_struct_ref.pdbx_db_isoform            ? 
_struct_ref.entity_id                  1 
_struct_ref.pdbx_seq_one_letter_code   
;SYDIQAWKKQCEELLNLIFQCEDSEPFRQPVDLLEYPDYRDIIDTPMDFATVRETLEAGNYESPMELCKDVRLIFSNSKA
YTPSKRSRIYSMSLRLSAFFEEHISSVLSDYKSALRFHKRNTITKR
;
_struct_ref.pdbx_align_begin           1315 
# 
_struct_ref_seq.align_id                      1 
_struct_ref_seq.ref_id                        1 
_struct_ref_seq.pdbx_PDB_id_code              5S8R 
_struct_ref_seq.pdbx_strand_id                A 
_struct_ref_seq.seq_align_beg                 24 
_struct_ref_seq.pdbx_seq_align_beg_ins_code   ? 
_struct_ref_seq.seq_align_end                 149 
_struct_ref_seq.pdbx_seq_align_end_ins_code   ? 
_struct_ref_seq.pdbx_db_accession             Q8WWQ0 
_struct_ref_seq.db_align_beg                  1315 
_struct_ref_seq.pdbx_db_align_beg_ins_code    ? 
_struct_ref_seq.db_align_end                  1440 
_struct_ref_seq.pdbx_db_align_end_ins_code    ? 
_struct_ref_seq.pdbx_auth_seq_align_beg       1315 
_struct_ref_seq.pdbx_auth_seq_align_end       1440 
# 
loop_
_struct_ref_seq_dif.align_id 
_struct_ref_seq_dif.pdbx_pdb_id_code 
_struct_ref_seq_dif.mon_id 
_struct_ref_seq_dif.pdbx_pdb_strand_id 
_struct_ref_seq_dif.seq_num 
_struct_ref_seq_dif.pdbx_pdb_ins_code 
_struct_ref_seq_dif.pdbx_seq_db_name 
_struct_ref_seq_dif.pdbx_seq_db_accession_code 
_struct_ref_seq_dif.db_mon_id 
_struct_ref_seq_dif.pdbx_seq_db_seq_num 
_struct_ref_seq_dif.details 
_struct_ref_seq_dif.pdbx_auth_seq_num 
_struct_ref_seq_dif.pdbx_ordinal 
1 5S8R MET A 1  ? UNP Q8WWQ0 ? ? 'initiating methionine' 1292 1  
1 5S8R HIS A 2  ? UNP Q8WWQ0 ? ? 'expression tag'        1293 2  
1 5S8R HIS A 3  ? UNP Q8WWQ0 ? ? 'expression tag'        1294 3  
1 5S8R HIS A 4  ? UNP Q8WWQ0 ? ? 'expression tag'        1295 4  
1 5S8R HIS A 5  ? UNP Q8WWQ0 ? ? 'expression tag'        1296 5  
1 5S8R HIS A 6  ? UNP Q8WWQ0 ? ? 'expression tag'        1297 6  
1 5S8R HIS A 7  ? UNP Q8WWQ0 ? ? 'expression tag'        1298 7  
1 5S8R SER A 8  ? UNP Q8WWQ0 ? ? 'expression tag'        1299 8  
1 5S8R SER A 9  ? UNP Q8WWQ0 ? ? 'expression tag'        1300 9  
1 5S8R GLY A 10 ? UNP Q8WWQ0 ? ? 'expression tag'        1301 10 
1 5S8R VAL A 11 ? UNP Q8WWQ0 ? ? 'expression tag'        1302 11 
1 5S8R ASP A 12 ? UNP Q8WWQ0 ? ? 'expression tag'        1303 12 
1 5S8R LEU A 13 ? UNP Q8WWQ0 ? ? 'expression tag'        1304 13 
1 5S8R GLY A 14 ? UNP Q8WWQ0 ? ? 'expression tag'        1305 14 
1 5S8R THR A 15 ? UNP Q8WWQ0 ? ? 'expression tag'        1306 15 
1 5S8R GLU A 16 ? UNP Q8WWQ0 ? ? 'expression tag'        1307 16 
1 5S8R ASN A 17 ? UNP Q8WWQ0 ? ? 'expression tag'        1308 17 
1 5S8R LEU A 18 ? UNP Q8WWQ0 ? ? 'expression tag'        1309 18 
1 5S8R TYR A 19 ? UNP Q8WWQ0 ? ? 'expression tag'        1310 19 
1 5S8R PHE A 20 ? UNP Q8WWQ0 ? ? 'expression tag'        1311 20 
1 5S8R GLN A 21 ? UNP Q8WWQ0 ? ? 'expression tag'        1312 21 
1 5S8R SER A 22 ? UNP Q8WWQ0 ? ? 'expression tag'        1313 22 
1 5S8R MET A 23 ? UNP Q8WWQ0 ? ? 'expression tag'        1314 23 
# 
_pdbx_struct_assembly.id                   1 
_pdbx_struct_assembly.details              author_and_software_defined_assembly 
_pdbx_struct_assembly.method_details       PISA 
_pdbx_struct_assembly.oligomeric_details   monomeric 
_pdbx_struct_assembly.oligomeric_count     1 
# 
_pdbx_struct_assembly_gen.assembly_id       1 
_pdbx_struct_assembly_gen.oper_expression   1 
_pdbx_struct_assembly_gen.asym_id_list      A,B,C 
# 
_pdbx_struct_oper_list.id                   1 
_pdbx_struct_oper_list.type                 'identity operation' 
_pdbx_struct_oper_list.name                 1_555 
_pdbx_struct_oper_list.symmetry_operation   x,y,z 
_pdbx_struct_oper_list.matrix[1][1]         1.0000000000 
_pdbx_struct_oper_list.matrix[1][2]         0.0000000000 
_pdbx_struct_oper_list.matrix[1][3]         0.0000000000 
_pdbx_struct_oper_list.vector[1]            0.0000000000 
_pdbx_struct_oper_list.matrix[2][1]         0.0000000000 
_pdbx_struct_oper_list.matrix[2][2]         1.0000000000 
_pdbx_struct_oper_list.matrix[2][3]         0.0000000000 
_pdbx_struct_oper_list.vector[2]            0.0000000000 
_pdbx_struct_oper_list.matrix[3][1]         0.0000000000 
_pdbx_struct_oper_list.matrix[3][2]         0.0000000000 
_pdbx_struct_oper_list.matrix[3][3]         1.0000000000 
_pdbx_struct_oper_list.vector[3]            0.0000000000 
# 
loop_
_struct_conf.conf_type_id 
_struct_conf.id 
_struct_conf.pdbx_PDB_helix_id 
_struct_conf.beg_label_comp_id 
_struct_conf.beg_label_asym_id 
_struct_conf.beg_label_seq_id 
_struct_conf.pdbx_beg_PDB_ins_code 
_struct_conf.end_label_comp_id 
_struct_conf.end_label_asym_id 
_struct_conf.end_label_seq_id 
_struct_conf.pdbx_end_PDB_ins_code 
_struct_conf.beg_auth_comp_id 
_struct_conf.beg_auth_asym_id 
_struct_conf.beg_auth_seq_id 
_struct_conf.end_auth_comp_id 
_struct_conf.end_auth_asym_id 
_struct_conf.end_auth_seq_id 
_struct_conf.pdbx_PDB_helix_class 
_struct_conf.details 
_struct_conf.pdbx_PDB_helix_length 
HELX_P HELX_P1 AA1 ALA A 29  ? CYS A 44  ? ALA A 1320 CYS A 1335 1 ? 16 
HELX_P HELX_P2 AA2 GLU A 45  ? ARG A 51  ? GLU A 1336 ARG A 1342 5 ? 7  
HELX_P HELX_P3 AA3 ASP A 61  ? ILE A 66  ? ASP A 1352 ILE A 1357 1 ? 6  
HELX_P HELX_P4 AA4 ASP A 71  ? ALA A 81  ? ASP A 1362 ALA A 1372 1 ? 11 
HELX_P HELX_P5 AA5 SER A 86  ? THR A 105 ? SER A 1377 THR A 1396 1 ? 20 
HELX_P HELX_P6 AA6 SER A 110 ? LYS A 142 ? SER A 1401 LYS A 1433 1 ? 33 
# 
_struct_conf_type.id          HELX_P 
_struct_conf_type.criteria    ? 
_struct_conf_type.reference   ? 
# 
_struct_site.id                   AC1 
_struct_site.pdbx_evidence_code   Software 
_struct_site.pdbx_auth_asym_id    A 
_struct_site.pdbx_auth_comp_id    Y0A 
_struct_site.pdbx_auth_seq_id     1501 
_struct_site.pdbx_auth_ins_code   ? 
_struct_site.pdbx_num_residues    15 
_struct_site.details              'binding site for residue Y0A A 1501' 
# 
loop_
_struct_site_gen.id 
_struct_site_gen.site_id 
_struct_site_gen.pdbx_num_res 
_struct_site_gen.label_comp_id 
_struct_site_gen.label_asym_id 
_struct_site_gen.label_seq_id 
_struct_site_gen.pdbx_auth_ins_code 
_struct_site_gen.auth_comp_id 
_struct_site_gen.auth_asym_id 
_struct_site_gen.auth_seq_id 
_struct_site_gen.label_atom_id 
_struct_site_gen.label_alt_id 
_struct_site_gen.symmetry 
_struct_site_gen.details 
1  AC1 15 GLU A 48  ? GLU A 1339 . ? 1_555 ? 
2  AC1 15 PRO A 49  ? PRO A 1340 . ? 1_555 ? 
3  AC1 15 GLN A 52  ? GLN A 1343 . ? 1_555 ? 
4  AC1 15 PRO A 53  ? PRO A 1344 . ? 1_555 ? 
5  AC1 15 VAL A 54  ? VAL A 1345 . ? 1_555 ? 
6  AC1 15 GLU A 58  ? GLU A 1349 . ? 1_555 ? 
7  AC1 15 TYR A 59  ? TYR A 1350 . ? 1_555 ? 
8  AC1 15 SER A 101 ? SER A 1392 . ? 1_555 ? 
9  AC1 15 THR A 105 ? THR A 1396 . ? 1_555 ? 
10 AC1 15 SER A 110 ? SER A 1401 . ? 1_555 ? 
11 AC1 15 ILE A 112 ? ILE A 1403 . ? 1_555 ? 
12 AC1 15 HOH C .   ? HOH A 1612 . ? 1_555 ? 
13 AC1 15 HOH C .   ? HOH A 1633 . ? 1_555 ? 
14 AC1 15 HOH C .   ? HOH A 1737 . ? 1_555 ? 
15 AC1 15 HOH C .   ? HOH A 1754 . ? 1_555 ? 
# 
loop_
_pdbx_validate_close_contact.id 
_pdbx_validate_close_contact.PDB_model_num 
_pdbx_validate_close_contact.auth_atom_id_1 
_pdbx_validate_close_contact.auth_asym_id_1 
_pdbx_validate_close_contact.auth_comp_id_1 
_pdbx_validate_close_contact.auth_seq_id_1 
_pdbx_validate_close_contact.PDB_ins_code_1 
_pdbx_validate_close_contact.label_alt_id_1 
_pdbx_validate_close_contact.auth_atom_id_2 
_pdbx_validate_close_contact.auth_asym_id_2 
_pdbx_validate_close_contact.auth_comp_id_2 
_pdbx_validate_close_contact.auth_seq_id_2 
_pdbx_validate_close_contact.PDB_ins_code_2 
_pdbx_validate_close_contact.label_alt_id_2 
_pdbx_validate_close_contact.dist 
1 1 O A HOH 1659 ? ? O A HOH 1713 ? ? 1.82 
2 1 O A HOH 1623 ? ? O A HOH 1705 ? ? 1.90 
3 1 O A HOH 1639 ? ? O A HOH 1715 ? ? 2.04 
# 
loop_
_pdbx_struct_special_symmetry.id 
_pdbx_struct_special_symmetry.PDB_model_num 
_pdbx_struct_special_symmetry.auth_asym_id 
_pdbx_struct_special_symmetry.auth_comp_id 
_pdbx_struct_special_symmetry.auth_seq_id 
_pdbx_struct_special_symmetry.PDB_ins_code 
_pdbx_struct_special_symmetry.label_asym_id 
_pdbx_struct_special_symmetry.label_comp_id 
_pdbx_struct_special_symmetry.label_seq_id 
1 1 A HOH 1711 ? C HOH . 
2 1 A HOH 1788 ? C HOH . 
# 
_phasing.method   MR 
# 
loop_
_pdbx_unobs_or_zero_occ_residues.id 
_pdbx_unobs_or_zero_occ_residues.PDB_model_num 
_pdbx_unobs_or_zero_occ_residues.polymer_flag 
_pdbx_unobs_or_zero_occ_residues.occupancy_flag 
_pdbx_unobs_or_zero_occ_residues.auth_asym_id 
_pdbx_unobs_or_zero_occ_residues.auth_comp_id 
_pdbx_unobs_or_zero_occ_residues.auth_seq_id 
_pdbx_unobs_or_zero_occ_residues.PDB_ins_code 
_pdbx_unobs_or_zero_occ_residues.label_asym_id 
_pdbx_unobs_or_zero_occ_residues.label_comp_id 
_pdbx_unobs_or_zero_occ_residues.label_seq_id 
1  1 Y 1 A MET 1292 ? A MET 1   
2  1 Y 1 A HIS 1293 ? A HIS 2   
3  1 Y 1 A HIS 1294 ? A HIS 3   
4  1 Y 1 A HIS 1295 ? A HIS 4   
5  1 Y 1 A HIS 1296 ? A HIS 5   
6  1 Y 1 A HIS 1297 ? A HIS 6   
7  1 Y 1 A HIS 1298 ? A HIS 7   
8  1 Y 1 A SER 1299 ? A SER 8   
9  1 Y 1 A SER 1300 ? A SER 9   
10 1 Y 1 A GLY 1301 ? A GLY 10  
11 1 Y 1 A VAL 1302 ? A VAL 11  
12 1 Y 1 A ASP 1303 ? A ASP 12  
13 1 Y 1 A LEU 1304 ? A LEU 13  
14 1 Y 1 A GLY 1305 ? A GLY 14  
15 1 Y 1 A THR 1306 ? A THR 15  
16 1 Y 1 A GLU 1307 ? A GLU 16  
17 1 Y 1 A ASN 1308 ? A ASN 17  
18 1 Y 1 A LEU 1309 ? A LEU 18  
19 1 Y 1 A TYR 1310 ? A TYR 19  
20 1 Y 1 A PHE 1311 ? A PHE 20  
21 1 Y 1 A GLN 1312 ? A GLN 21  
22 1 Y 1 A SER 1313 ? A SER 22  
23 1 Y 1 A MET 1314 ? A MET 23  
24 1 Y 1 A SER 1315 ? A SER 24  
25 1 Y 1 A ASN 1435 ? A ASN 144 
26 1 Y 1 A THR 1436 ? A THR 145 
27 1 Y 1 A ILE 1437 ? A ILE 146 
28 1 Y 1 A THR 1438 ? A THR 147 
29 1 Y 1 A LYS 1439 ? A LYS 148 
30 1 Y 1 A ARG 1440 ? A ARG 149 
# 
loop_
_chem_comp_atom.comp_id 
_chem_comp_atom.atom_id 
_chem_comp_atom.type_symbol 
_chem_comp_atom.pdbx_aromatic_flag 
_chem_comp_atom.pdbx_stereo_config 
_chem_comp_atom.pdbx_ordinal 
ALA N    N N N 1   
ALA CA   C N S 2   
ALA C    C N N 3   
ALA O    O N N 4   
ALA CB   C N N 5   
ALA OXT  O N N 6   
ALA H    H N N 7   
ALA H2   H N N 8   
ALA HA   H N N 9   
ALA HB1  H N N 10  
ALA HB2  H N N 11  
ALA HB3  H N N 12  
ALA HXT  H N N 13  
ARG N    N N N 14  
ARG CA   C N S 15  
ARG C    C N N 16  
ARG O    O N N 17  
ARG CB   C N N 18  
ARG CG   C N N 19  
ARG CD   C N N 20  
ARG NE   N N N 21  
ARG CZ   C N N 22  
ARG NH1  N N N 23  
ARG NH2  N N N 24  
ARG OXT  O N N 25  
ARG H    H N N 26  
ARG H2   H N N 27  
ARG HA   H N N 28  
ARG HB2  H N N 29  
ARG HB3  H N N 30  
ARG HG2  H N N 31  
ARG HG3  H N N 32  
ARG HD2  H N N 33  
ARG HD3  H N N 34  
ARG HE   H N N 35  
ARG HH11 H N N 36  
ARG HH12 H N N 37  
ARG HH21 H N N 38  
ARG HH22 H N N 39  
ARG HXT  H N N 40  
ASN N    N N N 41  
ASN CA   C N S 42  
ASN C    C N N 43  
ASN O    O N N 44  
ASN CB   C N N 45  
ASN CG   C N N 46  
ASN OD1  O N N 47  
ASN ND2  N N N 48  
ASN OXT  O N N 49  
ASN H    H N N 50  
ASN H2   H N N 51  
ASN HA   H N N 52  
ASN HB2  H N N 53  
ASN HB3  H N N 54  
ASN HD21 H N N 55  
ASN HD22 H N N 56  
ASN HXT  H N N 57  
ASP N    N N N 58  
ASP CA   C N S 59  
ASP C    C N N 60  
ASP O    O N N 61  
ASP CB   C N N 62  
ASP CG   C N N 63  
ASP OD1  O N N 64  
ASP OD2  O N N 65  
ASP OXT  O N N 66  
ASP H    H N N 67  
ASP H2   H N N 68  
ASP HA   H N N 69  
ASP HB2  H N N 70  
ASP HB3  H N N 71  
ASP HD2  H N N 72  
ASP HXT  H N N 73  
CYS N    N N N 74  
CYS CA   C N R 75  
CYS C    C N N 76  
CYS O    O N N 77  
CYS CB   C N N 78  
CYS SG   S N N 79  
CYS OXT  O N N 80  
CYS H    H N N 81  
CYS H2   H N N 82  
CYS HA   H N N 83  
CYS HB2  H N N 84  
CYS HB3  H N N 85  
CYS HG   H N N 86  
CYS HXT  H N N 87  
GLN N    N N N 88  
GLN CA   C N S 89  
GLN C    C N N 90  
GLN O    O N N 91  
GLN CB   C N N 92  
GLN CG   C N N 93  
GLN CD   C N N 94  
GLN OE1  O N N 95  
GLN NE2  N N N 96  
GLN OXT  O N N 97  
GLN H    H N N 98  
GLN H2   H N N 99  
GLN HA   H N N 100 
GLN HB2  H N N 101 
GLN HB3  H N N 102 
GLN HG2  H N N 103 
GLN HG3  H N N 104 
GLN HE21 H N N 105 
GLN HE22 H N N 106 
GLN HXT  H N N 107 
GLU N    N N N 108 
GLU CA   C N S 109 
GLU C    C N N 110 
GLU O    O N N 111 
GLU CB   C N N 112 
GLU CG   C N N 113 
GLU CD   C N N 114 
GLU OE1  O N N 115 
GLU OE2  O N N 116 
GLU OXT  O N N 117 
GLU H    H N N 118 
GLU H2   H N N 119 
GLU HA   H N N 120 
GLU HB2  H N N 121 
GLU HB3  H N N 122 
GLU HG2  H N N 123 
GLU HG3  H N N 124 
GLU HE2  H N N 125 
GLU HXT  H N N 126 
GLY N    N N N 127 
GLY CA   C N N 128 
GLY C    C N N 129 
GLY O    O N N 130 
GLY OXT  O N N 131 
GLY H    H N N 132 
GLY H2   H N N 133 
GLY HA2  H N N 134 
GLY HA3  H N N 135 
GLY HXT  H N N 136 
HIS N    N N N 137 
HIS CA   C N S 138 
HIS C    C N N 139 
HIS O    O N N 140 
HIS CB   C N N 141 
HIS CG   C Y N 142 
HIS ND1  N Y N 143 
HIS CD2  C Y N 144 
HIS CE1  C Y N 145 
HIS NE2  N Y N 146 
HIS OXT  O N N 147 
HIS H    H N N 148 
HIS H2   H N N 149 
HIS HA   H N N 150 
HIS HB2  H N N 151 
HIS HB3  H N N 152 
HIS HD1  H N N 153 
HIS HD2  H N N 154 
HIS HE1  H N N 155 
HIS HE2  H N N 156 
HIS HXT  H N N 157 
HOH O    O N N 158 
HOH H1   H N N 159 
HOH H2   H N N 160 
ILE N    N N N 161 
ILE CA   C N S 162 
ILE C    C N N 163 
ILE O    O N N 164 
ILE CB   C N S 165 
ILE CG1  C N N 166 
ILE CG2  C N N 167 
ILE CD1  C N N 168 
ILE OXT  O N N 169 
ILE H    H N N 170 
ILE H2   H N N 171 
ILE HA   H N N 172 
ILE HB   H N N 173 
ILE HG12 H N N 174 
ILE HG13 H N N 175 
ILE HG21 H N N 176 
ILE HG22 H N N 177 
ILE HG23 H N N 178 
ILE HD11 H N N 179 
ILE HD12 H N N 180 
ILE HD13 H N N 181 
ILE HXT  H N N 182 
LEU N    N N N 183 
LEU CA   C N S 184 
LEU C    C N N 185 
LEU O    O N N 186 
LEU CB   C N N 187 
LEU CG   C N N 188 
LEU CD1  C N N 189 
LEU CD2  C N N 190 
LEU OXT  O N N 191 
LEU H    H N N 192 
LEU H2   H N N 193 
LEU HA   H N N 194 
LEU HB2  H N N 195 
LEU HB3  H N N 196 
LEU HG   H N N 197 
LEU HD11 H N N 198 
LEU HD12 H N N 199 
LEU HD13 H N N 200 
LEU HD21 H N N 201 
LEU HD22 H N N 202 
LEU HD23 H N N 203 
LEU HXT  H N N 204 
LYS N    N N N 205 
LYS CA   C N S 206 
LYS C    C N N 207 
LYS O    O N N 208 
LYS CB   C N N 209 
LYS CG   C N N 210 
LYS CD   C N N 211 
LYS CE   C N N 212 
LYS NZ   N N N 213 
LYS OXT  O N N 214 
LYS H    H N N 215 
LYS H2   H N N 216 
LYS HA   H N N 217 
LYS HB2  H N N 218 
LYS HB3  H N N 219 
LYS HG2  H N N 220 
LYS HG3  H N N 221 
LYS HD2  H N N 222 
LYS HD3  H N N 223 
LYS HE2  H N N 224 
LYS HE3  H N N 225 
LYS HZ1  H N N 226 
LYS HZ2  H N N 227 
LYS HZ3  H N N 228 
LYS HXT  H N N 229 
MET N    N N N 230 
MET CA   C N S 231 
MET C    C N N 232 
MET O    O N N 233 
MET CB   C N N 234 
MET CG   C N N 235 
MET SD   S N N 236 
MET CE   C N N 237 
MET OXT  O N N 238 
MET H    H N N 239 
MET H2   H N N 240 
MET HA   H N N 241 
MET HB2  H N N 242 
MET HB3  H N N 243 
MET HG2  H N N 244 
MET HG3  H N N 245 
MET HE1  H N N 246 
MET HE2  H N N 247 
MET HE3  H N N 248 
MET HXT  H N N 249 
PHE N    N N N 250 
PHE CA   C N S 251 
PHE C    C N N 252 
PHE O    O N N 253 
PHE CB   C N N 254 
PHE CG   C Y N 255 
PHE CD1  C Y N 256 
PHE CD2  C Y N 257 
PHE CE1  C Y N 258 
PHE CE2  C Y N 259 
PHE CZ   C Y N 260 
PHE OXT  O N N 261 
PHE H    H N N 262 
PHE H2   H N N 263 
PHE HA   H N N 264 
PHE HB2  H N N 265 
PHE HB3  H N N 266 
PHE HD1  H N N 267 
PHE HD2  H N N 268 
PHE HE1  H N N 269 
PHE HE2  H N N 270 
PHE HZ   H N N 271 
PHE HXT  H N N 272 
PRO N    N N N 273 
PRO CA   C N S 274 
PRO C    C N N 275 
PRO O    O N N 276 
PRO CB   C N N 277 
PRO CG   C N N 278 
PRO CD   C N N 279 
PRO OXT  O N N 280 
PRO H    H N N 281 
PRO HA   H N N 282 
PRO HB2  H N N 283 
PRO HB3  H N N 284 
PRO HG2  H N N 285 
PRO HG3  H N N 286 
PRO HD2  H N N 287 
PRO HD3  H N N 288 
PRO HXT  H N N 289 
SER N    N N N 290 
SER CA   C N S 291 
SER C    C N N 292 
SER O    O N N 293 
SER CB   C N N 294 
SER OG   O N N 295 
SER OXT  O N N 296 
SER H    H N N 297 
SER H2   H N N 298 
SER HA   H N N 299 
SER HB2  H N N 300 
SER HB3  H N N 301 
SER HG   H N N 302 
SER HXT  H N N 303 
THR N    N N N 304 
THR CA   C N S 305 
THR C    C N N 306 
THR O    O N N 307 
THR CB   C N R 308 
THR OG1  O N N 309 
THR CG2  C N N 310 
THR OXT  O N N 311 
THR H    H N N 312 
THR H2   H N N 313 
THR HA   H N N 314 
THR HB   H N N 315 
THR HG1  H N N 316 
THR HG21 H N N 317 
THR HG22 H N N 318 
THR HG23 H N N 319 
THR HXT  H N N 320 
TRP N    N N N 321 
TRP CA   C N S 322 
TRP C    C N N 323 
TRP O    O N N 324 
TRP CB   C N N 325 
TRP CG   C Y N 326 
TRP CD1  C Y N 327 
TRP CD2  C Y N 328 
TRP NE1  N Y N 329 
TRP CE2  C Y N 330 
TRP CE3  C Y N 331 
TRP CZ2  C Y N 332 
TRP CZ3  C Y N 333 
TRP CH2  C Y N 334 
TRP OXT  O N N 335 
TRP H    H N N 336 
TRP H2   H N N 337 
TRP HA   H N N 338 
TRP HB2  H N N 339 
TRP HB3  H N N 340 
TRP HD1  H N N 341 
TRP HE1  H N N 342 
TRP HE3  H N N 343 
TRP HZ2  H N N 344 
TRP HZ3  H N N 345 
TRP HH2  H N N 346 
TRP HXT  H N N 347 
TYR N    N N N 348 
TYR CA   C N S 349 
TYR C    C N N 350 
TYR O    O N N 351 
TYR CB   C N N 352 
TYR CG   C Y N 353 
TYR CD1  C Y N 354 
TYR CD2  C Y N 355 
TYR CE1  C Y N 356 
TYR CE2  C Y N 357 
TYR CZ   C Y N 358 
TYR OH   O N N 359 
TYR OXT  O N N 360 
TYR H    H N N 361 
TYR H2   H N N 362 
TYR HA   H N N 363 
TYR HB2  H N N 364 
TYR HB3  H N N 365 
TYR HD1  H N N 366 
TYR HD2  H N N 367 
TYR HE1  H N N 368 
TYR HE2  H N N 369 
TYR HH   H N N 370 
TYR HXT  H N N 371 
VAL N    N N N 372 
VAL CA   C N S 373 
VAL C    C N N 374 
VAL O    O N N 375 
VAL CB   C N N 376 
VAL CG1  C N N 377 
VAL CG2  C N N 378 
VAL OXT  O N N 379 
VAL H    H N N 380 
VAL H2   H N N 381 
VAL HA   H N N 382 
VAL HB   H N N 383 
VAL HG11 H N N 384 
VAL HG12 H N N 385 
VAL HG13 H N N 386 
VAL HG21 H N N 387 
VAL HG22 H N N 388 
VAL HG23 H N N 389 
VAL HXT  H N N 390 
Y0A N1   N N N 391 
Y0A C4   C N N 392 
Y0A C5   C N N 393 
Y0A C6   C N N 394 
Y0A C7   C N N 395 
Y0A C8   C Y N 396 
Y0A C10  C Y N 397 
Y0A C13  C N N 398 
Y0A N    N N N 399 
Y0A C    C N N 400 
Y0A O    O N N 401 
Y0A C1   C N N 402 
Y0A C11  C Y N 403 
Y0A C12  C N N 404 
Y0A C2   C N N 405 
Y0A C3   C N N 406 
Y0A C9   C Y N 407 
Y0A N2   N N N 408 
Y0A O1   O N N 409 
Y0A O2   O Y N 410 
Y0A H10  H N N 411 
Y0A H11  H N N 412 
Y0A H13  H N N 413 
Y0A H12  H N N 414 
Y0A H15  H N N 415 
Y0A H20  H N N 416 
Y0A H19  H N N 417 
Y0A H9   H N N 418 
Y0A H    H N N 419 
Y0A H2   H N N 420 
Y0A H1   H N N 421 
Y0A H4   H N N 422 
Y0A H3   H N N 423 
Y0A H16  H N N 424 
Y0A H17  H N N 425 
Y0A H18  H N N 426 
Y0A H6   H N N 427 
Y0A H5   H N N 428 
Y0A H7   H N N 429 
Y0A H8   H N N 430 
Y0A H14  H N N 431 
# 
loop_
_chem_comp_bond.comp_id 
_chem_comp_bond.atom_id_1 
_chem_comp_bond.atom_id_2 
_chem_comp_bond.value_order 
_chem_comp_bond.pdbx_aromatic_flag 
_chem_comp_bond.pdbx_stereo_config 
_chem_comp_bond.pdbx_ordinal 
ALA N   CA   sing N N 1   
ALA N   H    sing N N 2   
ALA N   H2   sing N N 3   
ALA CA  C    sing N N 4   
ALA CA  CB   sing N N 5   
ALA CA  HA   sing N N 6   
ALA C   O    doub N N 7   
ALA C   OXT  sing N N 8   
ALA CB  HB1  sing N N 9   
ALA CB  HB2  sing N N 10  
ALA CB  HB3  sing N N 11  
ALA OXT HXT  sing N N 12  
ARG N   CA   sing N N 13  
ARG N   H    sing N N 14  
ARG N   H2   sing N N 15  
ARG CA  C    sing N N 16  
ARG CA  CB   sing N N 17  
ARG CA  HA   sing N N 18  
ARG C   O    doub N N 19  
ARG C   OXT  sing N N 20  
ARG CB  CG   sing N N 21  
ARG CB  HB2  sing N N 22  
ARG CB  HB3  sing N N 23  
ARG CG  CD   sing N N 24  
ARG CG  HG2  sing N N 25  
ARG CG  HG3  sing N N 26  
ARG CD  NE   sing N N 27  
ARG CD  HD2  sing N N 28  
ARG CD  HD3  sing N N 29  
ARG NE  CZ   sing N N 30  
ARG NE  HE   sing N N 31  
ARG CZ  NH1  sing N N 32  
ARG CZ  NH2  doub N N 33  
ARG NH1 HH11 sing N N 34  
ARG NH1 HH12 sing N N 35  
ARG NH2 HH21 sing N N 36  
ARG NH2 HH22 sing N N 37  
ARG OXT HXT  sing N N 38  
ASN N   CA   sing N N 39  
ASN N   H    sing N N 40  
ASN N   H2   sing N N 41  
ASN CA  C    sing N N 42  
ASN CA  CB   sing N N 43  
ASN CA  HA   sing N N 44  
ASN C   O    doub N N 45  
ASN C   OXT  sing N N 46  
ASN CB  CG   sing N N 47  
ASN CB  HB2  sing N N 48  
ASN CB  HB3  sing N N 49  
ASN CG  OD1  doub N N 50  
ASN CG  ND2  sing N N 51  
ASN ND2 HD21 sing N N 52  
ASN ND2 HD22 sing N N 53  
ASN OXT HXT  sing N N 54  
ASP N   CA   sing N N 55  
ASP N   H    sing N N 56  
ASP N   H2   sing N N 57  
ASP CA  C    sing N N 58  
ASP CA  CB   sing N N 59  
ASP CA  HA   sing N N 60  
ASP C   O    doub N N 61  
ASP C   OXT  sing N N 62  
ASP CB  CG   sing N N 63  
ASP CB  HB2  sing N N 64  
ASP CB  HB3  sing N N 65  
ASP CG  OD1  doub N N 66  
ASP CG  OD2  sing N N 67  
ASP OD2 HD2  sing N N 68  
ASP OXT HXT  sing N N 69  
CYS N   CA   sing N N 70  
CYS N   H    sing N N 71  
CYS N   H2   sing N N 72  
CYS CA  C    sing N N 73  
CYS CA  CB   sing N N 74  
CYS CA  HA   sing N N 75  
CYS C   O    doub N N 76  
CYS C   OXT  sing N N 77  
CYS CB  SG   sing N N 78  
CYS CB  HB2  sing N N 79  
CYS CB  HB3  sing N N 80  
CYS SG  HG   sing N N 81  
CYS OXT HXT  sing N N 82  
GLN N   CA   sing N N 83  
GLN N   H    sing N N 84  
GLN N   H2   sing N N 85  
GLN CA  C    sing N N 86  
GLN CA  CB   sing N N 87  
GLN CA  HA   sing N N 88  
GLN C   O    doub N N 89  
GLN C   OXT  sing N N 90  
GLN CB  CG   sing N N 91  
GLN CB  HB2  sing N N 92  
GLN CB  HB3  sing N N 93  
GLN CG  CD   sing N N 94  
GLN CG  HG2  sing N N 95  
GLN CG  HG3  sing N N 96  
GLN CD  OE1  doub N N 97  
GLN CD  NE2  sing N N 98  
GLN NE2 HE21 sing N N 99  
GLN NE2 HE22 sing N N 100 
GLN OXT HXT  sing N N 101 
GLU N   CA   sing N N 102 
GLU N   H    sing N N 103 
GLU N   H2   sing N N 104 
GLU CA  C    sing N N 105 
GLU CA  CB   sing N N 106 
GLU CA  HA   sing N N 107 
GLU C   O    doub N N 108 
GLU C   OXT  sing N N 109 
GLU CB  CG   sing N N 110 
GLU CB  HB2  sing N N 111 
GLU CB  HB3  sing N N 112 
GLU CG  CD   sing N N 113 
GLU CG  HG2  sing N N 114 
GLU CG  HG3  sing N N 115 
GLU CD  OE1  doub N N 116 
GLU CD  OE2  sing N N 117 
GLU OE2 HE2  sing N N 118 
GLU OXT HXT  sing N N 119 
GLY N   CA   sing N N 120 
GLY N   H    sing N N 121 
GLY N   H2   sing N N 122 
GLY CA  C    sing N N 123 
GLY CA  HA2  sing N N 124 
GLY CA  HA3  sing N N 125 
GLY C   O    doub N N 126 
GLY C   OXT  sing N N 127 
GLY OXT HXT  sing N N 128 
HIS N   CA   sing N N 129 
HIS N   H    sing N N 130 
HIS N   H2   sing N N 131 
HIS CA  C    sing N N 132 
HIS CA  CB   sing N N 133 
HIS CA  HA   sing N N 134 
HIS C   O    doub N N 135 
HIS C   OXT  sing N N 136 
HIS CB  CG   sing N N 137 
HIS CB  HB2  sing N N 138 
HIS CB  HB3  sing N N 139 
HIS CG  ND1  sing Y N 140 
HIS CG  CD2  doub Y N 141 
HIS ND1 CE1  doub Y N 142 
HIS ND1 HD1  sing N N 143 
HIS CD2 NE2  sing Y N 144 
HIS CD2 HD2  sing N N 145 
HIS CE1 NE2  sing Y N 146 
HIS CE1 HE1  sing N N 147 
HIS NE2 HE2  sing N N 148 
HIS OXT HXT  sing N N 149 
HOH O   H1   sing N N 150 
HOH O   H2   sing N N 151 
ILE N   CA   sing N N 152 
ILE N   H    sing N N 153 
ILE N   H2   sing N N 154 
ILE CA  C    sing N N 155 
ILE CA  CB   sing N N 156 
ILE CA  HA   sing N N 157 
ILE C   O    doub N N 158 
ILE C   OXT  sing N N 159 
ILE CB  CG1  sing N N 160 
ILE CB  CG2  sing N N 161 
ILE CB  HB   sing N N 162 
ILE CG1 CD1  sing N N 163 
ILE CG1 HG12 sing N N 164 
ILE CG1 HG13 sing N N 165 
ILE CG2 HG21 sing N N 166 
ILE CG2 HG22 sing N N 167 
ILE CG2 HG23 sing N N 168 
ILE CD1 HD11 sing N N 169 
ILE CD1 HD12 sing N N 170 
ILE CD1 HD13 sing N N 171 
ILE OXT HXT  sing N N 172 
LEU N   CA   sing N N 173 
LEU N   H    sing N N 174 
LEU N   H2   sing N N 175 
LEU CA  C    sing N N 176 
LEU CA  CB   sing N N 177 
LEU CA  HA   sing N N 178 
LEU C   O    doub N N 179 
LEU C   OXT  sing N N 180 
LEU CB  CG   sing N N 181 
LEU CB  HB2  sing N N 182 
LEU CB  HB3  sing N N 183 
LEU CG  CD1  sing N N 184 
LEU CG  CD2  sing N N 185 
LEU CG  HG   sing N N 186 
LEU CD1 HD11 sing N N 187 
LEU CD1 HD12 sing N N 188 
LEU CD1 HD13 sing N N 189 
LEU CD2 HD21 sing N N 190 
LEU CD2 HD22 sing N N 191 
LEU CD2 HD23 sing N N 192 
LEU OXT HXT  sing N N 193 
LYS N   CA   sing N N 194 
LYS N   H    sing N N 195 
LYS N   H2   sing N N 196 
LYS CA  C    sing N N 197 
LYS CA  CB   sing N N 198 
LYS CA  HA   sing N N 199 
LYS C   O    doub N N 200 
LYS C   OXT  sing N N 201 
LYS CB  CG   sing N N 202 
LYS CB  HB2  sing N N 203 
LYS CB  HB3  sing N N 204 
LYS CG  CD   sing N N 205 
LYS CG  HG2  sing N N 206 
LYS CG  HG3  sing N N 207 
LYS CD  CE   sing N N 208 
LYS CD  HD2  sing N N 209 
LYS CD  HD3  sing N N 210 
LYS CE  NZ   sing N N 211 
LYS CE  HE2  sing N N 212 
LYS CE  HE3  sing N N 213 
LYS NZ  HZ1  sing N N 214 
LYS NZ  HZ2  sing N N 215 
LYS NZ  HZ3  sing N N 216 
LYS OXT HXT  sing N N 217 
MET N   CA   sing N N 218 
MET N   H    sing N N 219 
MET N   H2   sing N N 220 
MET CA  C    sing N N 221 
MET CA  CB   sing N N 222 
MET CA  HA   sing N N 223 
MET C   O    doub N N 224 
MET C   OXT  sing N N 225 
MET CB  CG   sing N N 226 
MET CB  HB2  sing N N 227 
MET CB  HB3  sing N N 228 
MET CG  SD   sing N N 229 
MET CG  HG2  sing N N 230 
MET CG  HG3  sing N N 231 
MET SD  CE   sing N N 232 
MET CE  HE1  sing N N 233 
MET CE  HE2  sing N N 234 
MET CE  HE3  sing N N 235 
MET OXT HXT  sing N N 236 
PHE N   CA   sing N N 237 
PHE N   H    sing N N 238 
PHE N   H2   sing N N 239 
PHE CA  C    sing N N 240 
PHE CA  CB   sing N N 241 
PHE CA  HA   sing N N 242 
PHE C   O    doub N N 243 
PHE C   OXT  sing N N 244 
PHE CB  CG   sing N N 245 
PHE CB  HB2  sing N N 246 
PHE CB  HB3  sing N N 247 
PHE CG  CD1  doub Y N 248 
PHE CG  CD2  sing Y N 249 
PHE CD1 CE1  sing Y N 250 
PHE CD1 HD1  sing N N 251 
PHE CD2 CE2  doub Y N 252 
PHE CD2 HD2  sing N N 253 
PHE CE1 CZ   doub Y N 254 
PHE CE1 HE1  sing N N 255 
PHE CE2 CZ   sing Y N 256 
PHE CE2 HE2  sing N N 257 
PHE CZ  HZ   sing N N 258 
PHE OXT HXT  sing N N 259 
PRO N   CA   sing N N 260 
PRO N   CD   sing N N 261 
PRO N   H    sing N N 262 
PRO CA  C    sing N N 263 
PRO CA  CB   sing N N 264 
PRO CA  HA   sing N N 265 
PRO C   O    doub N N 266 
PRO C   OXT  sing N N 267 
PRO CB  CG   sing N N 268 
PRO CB  HB2  sing N N 269 
PRO CB  HB3  sing N N 270 
PRO CG  CD   sing N N 271 
PRO CG  HG2  sing N N 272 
PRO CG  HG3  sing N N 273 
PRO CD  HD2  sing N N 274 
PRO CD  HD3  sing N N 275 
PRO OXT HXT  sing N N 276 
SER N   CA   sing N N 277 
SER N   H    sing N N 278 
SER N   H2   sing N N 279 
SER CA  C    sing N N 280 
SER CA  CB   sing N N 281 
SER CA  HA   sing N N 282 
SER C   O    doub N N 283 
SER C   OXT  sing N N 284 
SER CB  OG   sing N N 285 
SER CB  HB2  sing N N 286 
SER CB  HB3  sing N N 287 
SER OG  HG   sing N N 288 
SER OXT HXT  sing N N 289 
THR N   CA   sing N N 290 
THR N   H    sing N N 291 
THR N   H2   sing N N 292 
THR CA  C    sing N N 293 
THR CA  CB   sing N N 294 
THR CA  HA   sing N N 295 
THR C   O    doub N N 296 
THR C   OXT  sing N N 297 
THR CB  OG1  sing N N 298 
THR CB  CG2  sing N N 299 
THR CB  HB   sing N N 300 
THR OG1 HG1  sing N N 301 
THR CG2 HG21 sing N N 302 
THR CG2 HG22 sing N N 303 
THR CG2 HG23 sing N N 304 
THR OXT HXT  sing N N 305 
TRP N   CA   sing N N 306 
TRP N   H    sing N N 307 
TRP N   H2   sing N N 308 
TRP CA  C    sing N N 309 
TRP CA  CB   sing N N 310 
TRP CA  HA   sing N N 311 
TRP C   O    doub N N 312 
TRP C   OXT  sing N N 313 
TRP CB  CG   sing N N 314 
TRP CB  HB2  sing N N 315 
TRP CB  HB3  sing N N 316 
TRP CG  CD1  doub Y N 317 
TRP CG  CD2  sing Y N 318 
TRP CD1 NE1  sing Y N 319 
TRP CD1 HD1  sing N N 320 
TRP CD2 CE2  doub Y N 321 
TRP CD2 CE3  sing Y N 322 
TRP NE1 CE2  sing Y N 323 
TRP NE1 HE1  sing N N 324 
TRP CE2 CZ2  sing Y N 325 
TRP CE3 CZ3  doub Y N 326 
TRP CE3 HE3  sing N N 327 
TRP CZ2 CH2  doub Y N 328 
TRP CZ2 HZ2  sing N N 329 
TRP CZ3 CH2  sing Y N 330 
TRP CZ3 HZ3  sing N N 331 
TRP CH2 HH2  sing N N 332 
TRP OXT HXT  sing N N 333 
TYR N   CA   sing N N 334 
TYR N   H    sing N N 335 
TYR N   H2   sing N N 336 
TYR CA  C    sing N N 337 
TYR CA  CB   sing N N 338 
TYR CA  HA   sing N N 339 
TYR C   O    doub N N 340 
TYR C   OXT  sing N N 341 
TYR CB  CG   sing N N 342 
TYR CB  HB2  sing N N 343 
TYR CB  HB3  sing N N 344 
TYR CG  CD1  doub Y N 345 
TYR CG  CD2  sing Y N 346 
TYR CD1 CE1  sing Y N 347 
TYR CD1 HD1  sing N N 348 
TYR CD2 CE2  doub Y N 349 
TYR CD2 HD2  sing N N 350 
TYR CE1 CZ   doub Y N 351 
TYR CE1 HE1  sing N N 352 
TYR CE2 CZ   sing Y N 353 
TYR CE2 HE2  sing N N 354 
TYR CZ  OH   sing N N 355 
TYR OH  HH   sing N N 356 
TYR OXT HXT  sing N N 357 
VAL N   CA   sing N N 358 
VAL N   H    sing N N 359 
VAL N   H2   sing N N 360 
VAL CA  C    sing N N 361 
VAL CA  CB   sing N N 362 
VAL CA  HA   sing N N 363 
VAL C   O    doub N N 364 
VAL C   OXT  sing N N 365 
VAL CB  CG1  sing N N 366 
VAL CB  CG2  sing N N 367 
VAL CB  HB   sing N N 368 
VAL CG1 HG11 sing N N 369 
VAL CG1 HG12 sing N N 370 
VAL CG1 HG13 sing N N 371 
VAL CG2 HG21 sing N N 372 
VAL CG2 HG22 sing N N 373 
VAL CG2 HG23 sing N N 374 
VAL OXT HXT  sing N N 375 
Y0A C   C1   sing N N 376 
Y0A C1  C2   sing N N 377 
Y0A C2  C3   sing N N 378 
Y0A C3  N    sing N N 379 
Y0A N   C4   sing N N 380 
Y0A O   C4   doub N N 381 
Y0A C4  N1   sing N N 382 
Y0A N1  C5   sing N N 383 
Y0A C5  C6   sing N N 384 
Y0A C6  N2   sing N N 385 
Y0A N2  C7   sing N N 386 
Y0A C7  O1   doub N N 387 
Y0A C8  C7   sing N N 388 
Y0A C8  C9   doub Y N 389 
Y0A C9  C10  sing Y N 390 
Y0A C10 C11  doub Y N 391 
Y0A C11 O2   sing Y N 392 
Y0A O2  C8   sing Y N 393 
Y0A C12 N2   sing N N 394 
Y0A C13 C12  sing N N 395 
Y0A N1  C13  sing N N 396 
Y0A C5  H10  sing N N 397 
Y0A C5  H11  sing N N 398 
Y0A C6  H13  sing N N 399 
Y0A C6  H12  sing N N 400 
Y0A C10 H15  sing N N 401 
Y0A C13 H20  sing N N 402 
Y0A C13 H19  sing N N 403 
Y0A N   H9   sing N N 404 
Y0A C   H    sing N N 405 
Y0A C   H2   sing N N 406 
Y0A C   H1   sing N N 407 
Y0A C1  H4   sing N N 408 
Y0A C1  H3   sing N N 409 
Y0A C11 H16  sing N N 410 
Y0A C12 H17  sing N N 411 
Y0A C12 H18  sing N N 412 
Y0A C2  H6   sing N N 413 
Y0A C2  H5   sing N N 414 
Y0A C3  H7   sing N N 415 
Y0A C3  H8   sing N N 416 
Y0A C9  H14  sing N N 417 
# 
_pdbx_deposit_group.group_id            G_1002190 
_pdbx_deposit_group.group_description   
;XDomainX of XOrganismX PHIP screened against crude reaction mixtures by X-ray Crystallography at the XChem facility of Diamond Light Source beamline I04-1
;
_pdbx_deposit_group.group_title         'PanDDA analysis group deposition' 
_pdbx_deposit_group.group_type          'changed state' 
# 
_atom_sites.entry_id                    5S8R 
_atom_sites.fract_transf_matrix[1][1]   -0.00120641 
_atom_sites.fract_transf_matrix[1][2]   0.00994668 
_atom_sites.fract_transf_matrix[1][3]   0.00739568 
_atom_sites.fract_transf_matrix[2][1]   -0.01984710 
_atom_sites.fract_transf_matrix[2][2]   0.01693979 
_atom_sites.fract_transf_matrix[2][3]   -0.02602035 
_atom_sites.fract_transf_matrix[3][1]   -0.01526937 
_atom_sites.fract_transf_matrix[3][2]   -0.00438689 
_atom_sites.fract_transf_matrix[3][3]   0.00879080 
_atom_sites.fract_transf_vector[1]      -0.146488 
_atom_sites.fract_transf_vector[2]      0.455739 
_atom_sites.fract_transf_vector[3]      0.232918 
# 
loop_
_atom_type.symbol 
C 
N 
O 
S 
# 
loop_
_atom_site.group_PDB 
_atom_site.id 
_atom_site.type_symbol 
_atom_site.label_atom_id 
_atom_site.label_alt_id 
_atom_site.label_comp_id 
_atom_site.label_asym_id 
_atom_site.label_entity_id 
_atom_site.label_seq_id 
_atom_site.pdbx_PDB_ins_code 
_atom_site.Cartn_x 
_atom_site.Cartn_y 
_atom_site.Cartn_z 
_atom_site.occupancy 
_atom_site.B_iso_or_equiv 
_atom_site.pdbx_formal_charge 
_atom_site.auth_seq_id 
_atom_site.auth_comp_id 
_atom_site.auth_asym_id 
_atom_site.auth_atom_id 
_atom_site.pdbx_PDB_model_num 
ATOM   1    N N   . TYR A 1 25  ? 20.205  10.903  -8.101  1.00 22.74  ? 1316 TYR A N   1 
ATOM   2    C CA  . TYR A 1 25  ? 20.539  10.877  -6.639  1.00 18.79  ? 1316 TYR A CA  1 
ATOM   3    C C   . TYR A 1 25  ? 19.647  11.897  -5.924  1.00 14.91  ? 1316 TYR A C   1 
ATOM   4    O O   . TYR A 1 25  ? 20.039  12.406  -4.878  1.00 14.51  ? 1316 TYR A O   1 
ATOM   5    C CB  . TYR A 1 25  ? 22.012  11.132  -6.343  1.00 21.07  ? 1316 TYR A CB  1 
ATOM   6    C CG  . TYR A 1 25  ? 22.992  10.193  -7.001  1.00 21.37  ? 1316 TYR A CG  1 
ATOM   7    C CD1 . TYR A 1 25  ? 22.960  8.825   -6.767  1.00 20.72  ? 1316 TYR A CD1 1 
ATOM   8    C CD2 . TYR A 1 25  ? 23.996  10.709  -7.797  1.00 21.26  ? 1316 TYR A CD2 1 
ATOM   9    C CE1 . TYR A 1 25  ? 23.882  7.976   -7.367  1.00 21.64  ? 1316 TYR A CE1 1 
ATOM   10   C CE2 . TYR A 1 25  ? 24.923  9.872   -8.401  1.00 22.39  ? 1316 TYR A CE2 1 
ATOM   11   C CZ  . TYR A 1 25  ? 24.876  8.510   -8.171  1.00 22.79  ? 1316 TYR A CZ  1 
ATOM   12   O OH  . TYR A 1 25  ? 25.799  7.665   -8.751  1.00 23.48  ? 1316 TYR A OH  1 
ATOM   13   N N   . ASP A 1 26  ? 18.433  12.078  -6.433  1.00 14.01  ? 1317 ASP A N   1 
ATOM   14   C CA  . ASP A 1 26  ? 17.417  12.989  -5.821  1.00 13.55  ? 1317 ASP A CA  1 
ATOM   15   C C   . ASP A 1 26  ? 16.784  12.275  -4.629  1.00 13.10  ? 1317 ASP A C   1 
ATOM   16   O O   . ASP A 1 26  ? 15.986  11.332  -4.836  1.00 13.60  ? 1317 ASP A O   1 
ATOM   17   C CB  . ASP A 1 26  ? 16.401  13.442  -6.859  1.00 13.85  ? 1317 ASP A CB  1 
ATOM   18   C CG  . ASP A 1 26  ? 15.353  14.420  -6.353  1.00 14.74  ? 1317 ASP A CG  1 
ATOM   19   O OD1 . ASP A 1 26  ? 15.177  14.514  -5.124  1.00 15.88  ? 1317 ASP A OD1 1 
ATOM   20   O OD2 . ASP A 1 26  ? 14.794  15.145  -7.215  1.00 18.95  ? 1317 ASP A OD2 1 
ATOM   21   N N   . ILE A 1 27  ? 17.076  12.735  -3.425  1.00 11.45  ? 1318 ILE A N   1 
ATOM   22   C CA  . ILE A 1 27  ? 16.620  12.123  -2.149  1.00 12.32  ? 1318 ILE A CA  1 
ATOM   23   C C   . ILE A 1 27  ? 15.131  12.370  -1.986  1.00 12.31  ? 1318 ILE A C   1 
ATOM   24   O O   . ILE A 1 27  ? 14.529  11.586  -1.253  1.00 13.84  ? 1318 ILE A O   1 
ATOM   25   C CB  . ILE A 1 27  ? 17.399  12.736  -0.975  1.00 14.52  ? 1318 ILE A CB  1 
ATOM   26   C CG1 . ILE A 1 27  ? 18.896  12.435  -1.046  1.00 16.41  ? 1318 ILE A CG1 1 
ATOM   27   C CG2 . ILE A 1 27  ? 16.825  12.374  0.392   1.00 17.13  ? 1318 ILE A CG2 1 
ATOM   28   C CD1 . ILE A 1 27  ? 19.717  13.368  -0.164  1.00 18.86  ? 1318 ILE A CD1 1 
ATOM   29   N N   . GLN A 1 28  ? 14.545  13.343  -2.677  1.00 10.91  ? 1319 GLN A N   1 
ATOM   30   C CA  . GLN A 1 28  ? 13.095  13.641  -2.502  1.00 11.64  ? 1319 GLN A CA  1 
ATOM   31   C C   . GLN A 1 28  ? 12.220  13.040  -3.583  1.00 11.71  ? 1319 GLN A C   1 
ATOM   32   O O   . GLN A 1 28  ? 10.973  13.099  -3.460  1.00 12.55  ? 1319 GLN A O   1 
ATOM   33   C CB  . GLN A 1 28  ? 12.842  15.152  -2.469  1.00 12.76  ? 1319 GLN A CB  1 
ATOM   34   C CG  . GLN A 1 28  ? 13.233  15.784  -1.132  1.00 13.72  ? 1319 GLN A CG  1 
ATOM   35   C CD  . GLN A 1 28  ? 14.655  16.312  -1.092  1.00 12.36  ? 1319 GLN A CD  1 
ATOM   36   O OE1 . GLN A 1 28  ? 15.132  17.012  -1.999  1.00 13.62  ? 1319 GLN A OE1 1 
ATOM   37   N NE2 . GLN A 1 28  ? 15.359  16.004  -0.042  1.00 13.45  ? 1319 GLN A NE2 1 
ATOM   38   N N   . ALA A 1 29  ? 12.819  12.424  -4.637  1.00 12.15  ? 1320 ALA A N   1 
ATOM   39   C CA  . ALA A 1 29  ? 12.040  12.041  -5.834  1.00 12.40  ? 1320 ALA A CA  1 
ATOM   40   C C   . ALA A 1 29  ? 10.997  10.947  -5.522  1.00 11.17  ? 1320 ALA A C   1 
ATOM   41   O O   . ALA A 1 29  ? 9.984   10.893  -6.231  1.00 12.69  ? 1320 ALA A O   1 
ATOM   42   C CB  . ALA A 1 29  ? 12.935  11.571  -6.956  1.00 12.93  ? 1320 ALA A CB  1 
ATOM   43   N N   . TRP A 1 30  ? 11.212  10.158  -4.483  1.00 11.29  ? 1321 TRP A N   1 
ATOM   44   C CA  . TRP A 1 30  ? 10.281  9.063   -4.129  1.00 11.56  ? 1321 TRP A CA  1 
ATOM   45   C C   . TRP A 1 30  ? 8.867   9.594   -3.938  1.00 12.25  ? 1321 TRP A C   1 
ATOM   46   O O   . TRP A 1 30  ? 7.925   8.861   -4.183  1.00 11.91  ? 1321 TRP A O   1 
ATOM   47   C CB  . TRP A 1 30  ? 10.782  8.318   -2.895  1.00 11.68  ? 1321 TRP A CB  1 
ATOM   48   C CG  . TRP A 1 30  ? 10.776  9.194   -1.689  1.00 11.59  ? 1321 TRP A CG  1 
ATOM   49   C CD1 . TRP A 1 30  ? 11.782  10.000  -1.281  1.00 11.81  ? 1321 TRP A CD1 1 
ATOM   50   C CD2 . TRP A 1 30  ? 9.714   9.312   -0.717  1.00 11.85  ? 1321 TRP A CD2 1 
ATOM   51   N NE1 . TRP A 1 30  ? 11.393  10.702  -0.157  1.00 12.25  ? 1321 TRP A NE1 1 
ATOM   52   C CE2 . TRP A 1 30  ? 10.174  10.252  0.226   1.00 11.99  ? 1321 TRP A CE2 1 
ATOM   53   C CE3 . TRP A 1 30  ? 8.473   8.704   -0.500  1.00 12.75  ? 1321 TRP A CE3 1 
ATOM   54   C CZ2 . TRP A 1 30  ? 9.425   10.634  1.336   1.00 14.11  ? 1321 TRP A CZ2 1 
ATOM   55   C CZ3 . TRP A 1 30  ? 7.747   9.071   0.608   1.00 12.64  ? 1321 TRP A CZ3 1 
ATOM   56   C CH2 . TRP A 1 30  ? 8.206   10.053  1.477   1.00 13.80  ? 1321 TRP A CH2 1 
ATOM   57   N N   . LYS A 1 31  ? 8.706   10.823  -3.444  1.00 11.75  ? 1322 LYS A N   1 
ATOM   58   C CA  . LYS A 1 31  ? 7.359   11.226  -3.009  1.00 11.74  ? 1322 LYS A CA  1 
ATOM   59   C C   . LYS A 1 31  ? 6.430   11.351  -4.220  1.00 12.16  ? 1322 LYS A C   1 
ATOM   60   O O   . LYS A 1 31  ? 5.341   10.772  -4.232  1.00 13.38  ? 1322 LYS A O   1 
ATOM   61   C CB  . LYS A 1 31  ? 7.479   12.486  -2.154  1.00 11.84  ? 1322 LYS A CB  1 
ATOM   62   C CG  . LYS A 1 31  ? 6.118   13.009  -1.708  1.00 12.53  ? 1322 LYS A CG  1 
ATOM   63   C CD  . LYS A 1 31  ? 6.272   14.121  -0.734  1.00 13.23  ? 1322 LYS A CD  1 
ATOM   64   C CE  . LYS A 1 31  ? 4.957   14.630  -0.158  1.00 13.81  ? 1322 LYS A CE  1 
ATOM   65   N NZ  . LYS A 1 31  ? 5.242   15.736  0.807   1.00 15.38  ? 1322 LYS A NZ  1 
ATOM   66   N N   . LYS A 1 32  ? 6.854   12.074  -5.244  1.00 14.07  ? 1323 LYS A N   1 
ATOM   67   C CA  . LYS A 1 32  ? 6.031   12.173  -6.463  1.00 13.69  ? 1323 LYS A CA  1 
ATOM   68   C C   . LYS A 1 32  ? 5.904   10.802  -7.139  1.00 12.40  ? 1323 LYS A C   1 
ATOM   69   O O   . LYS A 1 32  ? 4.861   10.512  -7.672  1.00 14.10  ? 1323 LYS A O   1 
ATOM   70   C CB  . LYS A 1 32  ? 6.688   13.132  -7.450  1.00 17.35  ? 1323 LYS A CB  1 
ATOM   71   C CG  . LYS A 1 32  ? 5.820   13.487  -8.630  1.00 22.18  ? 1323 LYS A CG  1 
ATOM   72   C CD  . LYS A 1 32  ? 6.430   14.596  -9.504  1.00 25.85  ? 1323 LYS A CD  1 
ATOM   73   N N   . GLN A 1 33  ? 6.953   9.980   -7.090  1.00 13.45  ? 1324 GLN A N   1 
ATOM   74   C CA  . GLN A 1 33  ? 6.873   8.623   -7.683  1.00 12.82  ? 1324 GLN A CA  1 
ATOM   75   C C   . GLN A 1 33  ? 5.785   7.829   -6.963  1.00 13.11  ? 1324 GLN A C   1 
ATOM   76   O O   . GLN A 1 33  ? 5.000   7.112   -7.588  1.00 12.83  ? 1324 GLN A O   1 
ATOM   77   C CB  . GLN A 1 33  ? 8.226   7.940   -7.551  1.00 12.85  ? 1324 GLN A CB  1 
ATOM   78   C CG  . GLN A 1 33  ? 9.242   8.507   -8.533  1.00 13.76  ? 1324 GLN A CG  1 
ATOM   79   C CD  . GLN A 1 33  ? 10.659  8.161   -8.203  1.00 15.29  ? 1324 GLN A CD  1 
ATOM   80   O OE1 . GLN A 1 33  ? 10.965  7.468   -7.253  1.00 16.02  ? 1324 GLN A OE1 1 
ATOM   81   N NE2 . GLN A 1 33  ? 11.592  8.735   -8.954  1.00 16.81  ? 1324 GLN A NE2 1 
ATOM   82   N N   . CYS A 1 34  ? 5.730   7.963   -5.645  1.00 11.79  ? 1325 CYS A N   1 
ATOM   83   C CA  . CYS A 1 34  ? 4.673   7.285   -4.866  1.00 11.28  ? 1325 CYS A CA  1 
ATOM   84   C C   . CYS A 1 34  ? 3.299   7.876   -5.138  1.00 12.00  ? 1325 CYS A C   1 
ATOM   85   O O   . CYS A 1 34  ? 2.311   7.124   -5.215  1.00 11.82  ? 1325 CYS A O   1 
ATOM   86   C CB  . CYS A 1 34  ? 4.989   7.292   -3.395  1.00 11.97  ? 1325 CYS A CB  1 
ATOM   87   S SG  . CYS A 1 34  ? 6.326   6.181   -2.911  1.00 13.01  ? 1325 CYS A SG  1 
ATOM   88   N N   . GLU A 1 35  ? 3.194   9.180   -5.294  1.00 11.95  ? 1326 GLU A N   1 
ATOM   89   C CA  . GLU A 1 35  ? 1.907   9.792   -5.674  1.00 13.05  ? 1326 GLU A CA  1 
ATOM   90   C C   . GLU A 1 35  ? 1.433   9.222   -7.006  1.00 13.41  ? 1326 GLU A C   1 
ATOM   91   O O   . GLU A 1 35  ? 0.228   8.920   -7.110  1.00 15.24  ? 1326 GLU A O   1 
ATOM   92   C CB  . GLU A 1 35  ? 2.042   11.312  -5.767  1.00 16.12  ? 1326 GLU A CB  1 
ATOM   93   C CG  . GLU A 1 35  ? 2.289   11.992  -4.449  1.00 19.97  ? 1326 GLU A CG  1 
ATOM   94   C CD  . GLU A 1 35  ? 2.698   13.462  -4.518  1.00 25.79  ? 1326 GLU A CD  1 
ATOM   95   O OE1 . GLU A 1 35  ? 3.035   13.962  -5.635  1.00 27.80  ? 1326 GLU A OE1 1 
ATOM   96   O OE2 . GLU A 1 35  ? 2.674   14.103  -3.421  1.00 30.62  ? 1326 GLU A OE2 1 
ATOM   97   N N   . GLU A 1 36  ? 2.327   9.099   -7.980  1.00 15.10  ? 1327 GLU A N   1 
ATOM   98   C CA  . GLU A 1 36  ? 1.941   8.607   -9.316  1.00 16.03  ? 1327 GLU A CA  1 
ATOM   99   C C   . GLU A 1 36  ? 1.514   7.153   -9.195  1.00 14.70  ? 1327 GLU A C   1 
ATOM   100  O O   . GLU A 1 36  ? 0.511   6.770   -9.847  1.00 15.71  ? 1327 GLU A O   1 
ATOM   101  C CB  . GLU A 1 36  ? 3.089   8.852   -10.296 1.00 21.59  ? 1327 GLU A CB  1 
ATOM   102  C CG  . GLU A 1 36  ? 3.423   10.333  -10.453 1.00 32.38  ? 1327 GLU A CG  1 
ATOM   103  C CD  . GLU A 1 36  ? 2.323   11.261  -10.954 1.00 40.29  ? 1327 GLU A CD  1 
ATOM   104  O OE1 . GLU A 1 36  ? 1.957   11.163  -12.157 1.00 54.15  ? 1327 GLU A OE1 1 
ATOM   105  O OE2 . GLU A 1 36  ? 1.847   12.103  -10.154 1.00 47.11  ? 1327 GLU A OE2 1 
ATOM   106  N N   . LEU A 1 37  ? 2.261   6.367   -8.421  1.00 14.43  ? 1328 LEU A N   1 
ATOM   107  C CA  . LEU A 1 37  ? 1.897   4.934   -8.290  1.00 12.77  ? 1328 LEU A CA  1 
ATOM   108  C C   . LEU A 1 37  ? 0.533   4.817   -7.602  1.00 12.31  ? 1328 LEU A C   1 
ATOM   109  O O   . LEU A 1 37  ? -0.299  3.969   -7.992  1.00 13.05  ? 1328 LEU A O   1 
ATOM   110  C CB  . LEU A 1 37  ? 2.985   4.192   -7.523  1.00 14.15  ? 1328 LEU A CB  1 
ATOM   111  C CG  . LEU A 1 37  ? 2.730   2.722   -7.230  1.00 13.96  ? 1328 LEU A CG  1 
ATOM   112  C CD1 . LEU A 1 37  ? 2.316   1.951   -8.478  1.00 14.37  ? 1328 LEU A CD1 1 
ATOM   113  C CD2 . LEU A 1 37  ? 3.963   2.102   -6.649  1.00 14.93  ? 1328 LEU A CD2 1 
ATOM   114  N N   . LEU A 1 38  ? 0.262   5.646   -6.601  1.00 13.03  ? 1329 LEU A N   1 
ATOM   115  C CA  . LEU A 1 38  ? -1.053  5.588   -5.936  1.00 12.45  ? 1329 LEU A CA  1 
ATOM   116  C C   . LEU A 1 38  ? -2.149  5.975   -6.922  1.00 14.40  ? 1329 LEU A C   1 
ATOM   117  O O   . LEU A 1 38  ? -3.210  5.373   -6.908  1.00 16.13  ? 1329 LEU A O   1 
ATOM   118  C CB  . LEU A 1 38  ? -1.065  6.513   -4.720  1.00 13.55  ? 1329 LEU A CB  1 
ATOM   119  C CG  . LEU A 1 38  ? -0.289  5.989   -3.522  1.00 13.09  ? 1329 LEU A CG  1 
ATOM   120  C CD1 . LEU A 1 38  ? -0.129  7.094   -2.490  1.00 13.81  ? 1329 LEU A CD1 1 
ATOM   121  C CD2 . LEU A 1 38  ? -0.927  4.771   -2.873  1.00 14.46  ? 1329 LEU A CD2 1 
ATOM   122  N N   . ASN A 1 39  ? -1.890  6.943   -7.785  1.00 16.05  ? 1330 ASN A N   1 
ATOM   123  C CA  . ASN A 1 39  ? -2.854  7.286   -8.858  1.00 18.41  ? 1330 ASN A CA  1 
ATOM   124  C C   . ASN A 1 39  ? -3.122  6.044   -9.710  1.00 16.00  ? 1330 ASN A C   1 
ATOM   125  O O   . ASN A 1 39  ? -4.328  5.782   -10.002 1.00 18.47  ? 1330 ASN A O   1 
ATOM   126  C CB  . ASN A 1 39  ? -2.349  8.464   -9.689  1.00 20.13  ? 1330 ASN A CB  1 
ATOM   127  C CG  . ASN A 1 39  ? -2.403  9.783   -8.946  1.00 22.95  ? 1330 ASN A CG  1 
ATOM   128  O OD1 . ASN A 1 39  ? -3.100  9.919   -7.949  1.00 27.19  ? 1330 ASN A OD1 1 
ATOM   129  N ND2 . ASN A 1 39  ? -1.668  10.769  -9.432  1.00 24.68  ? 1330 ASN A ND2 1 
ATOM   130  N N   . LEU A 1 40  ? -2.094  5.338   -10.154 1.00 15.64  ? 1331 LEU A N   1 
ATOM   131  C CA  . LEU A 1 40  ? -2.278  4.111   -10.968 1.00 16.71  ? 1331 LEU A CA  1 
ATOM   132  C C   . LEU A 1 40  ? -3.123  3.120   -10.165 1.00 15.77  ? 1331 LEU A C   1 
ATOM   133  O O   . LEU A 1 40  ? -4.053  2.484   -10.710 1.00 16.92  ? 1331 LEU A O   1 
ATOM   134  C CB  . LEU A 1 40  ? -0.932  3.510   -11.334 1.00 16.97  ? 1331 LEU A CB  1 
ATOM   135  C CG  . LEU A 1 40  ? -0.097  4.319   -12.318 1.00 16.73  ? 1331 LEU A CG  1 
ATOM   136  C CD1 . LEU A 1 40  ? 1.233   3.638   -12.569 1.00 19.50  ? 1331 LEU A CD1 1 
ATOM   137  C CD2 . LEU A 1 40  ? -0.883  4.554   -13.618 1.00 19.49  ? 1331 LEU A CD2 1 
ATOM   138  N N   . ILE A 1 41  ? -2.826  2.968   -8.886  1.00 14.72  ? 1332 ILE A N   1 
ATOM   139  C CA  . ILE A 1 41  ? -3.525  1.958   -8.051  1.00 13.63  ? 1332 ILE A CA  1 
ATOM   140  C C   . ILE A 1 41  ? -5.007  2.344   -7.972  1.00 14.38  ? 1332 ILE A C   1 
ATOM   141  O O   . ILE A 1 41  ? -5.881  1.455   -8.121  1.00 13.65  ? 1332 ILE A O   1 
ATOM   142  C CB  . ILE A 1 41  ? -2.862  1.833   -6.671  1.00 13.59  ? 1332 ILE A CB  1 
ATOM   143  C CG1 . ILE A 1 41  ? -1.565  1.033   -6.846  1.00 14.30  ? 1332 ILE A CG1 1 
ATOM   144  C CG2 . ILE A 1 41  ? -3.832  1.200   -5.681  1.00 13.25  ? 1332 ILE A CG2 1 
ATOM   145  C CD1 . ILE A 1 41  ? -0.679  1.066   -5.676  1.00 15.09  ? 1332 ILE A CD1 1 
ATOM   146  N N   . PHE A 1 42  ? -5.313  3.624   -7.767  1.00 15.41  ? 1333 PHE A N   1 
ATOM   147  C CA  . PHE A 1 42  ? -6.716  4.095   -7.700  1.00 17.69  ? 1333 PHE A CA  1 
ATOM   148  C C   . PHE A 1 42  ? -7.416  3.881   -9.054  1.00 19.06  ? 1333 PHE A C   1 
ATOM   149  O O   . PHE A 1 42  ? -8.648  3.632   -9.050  1.00 24.55  ? 1333 PHE A O   1 
ATOM   150  C CB  . PHE A 1 42  ? -6.746  5.533   -7.185  1.00 17.86  ? 1333 PHE A CB  1 
ATOM   151  C CG  . PHE A 1 42  ? -6.821  5.675   -5.684  1.00 16.68  ? 1333 PHE A CG  1 
ATOM   152  C CD1 . PHE A 1 42  ? -5.659  5.774   -4.924  1.00 18.19  ? 1333 PHE A CD1 1 
ATOM   153  C CD2 . PHE A 1 42  ? -8.043  5.720   -5.009  1.00 18.80  ? 1333 PHE A CD2 1 
ATOM   154  C CE1 . PHE A 1 42  ? -5.725  5.938   -3.544  1.00 18.15  ? 1333 PHE A CE1 1 
ATOM   155  C CE2 . PHE A 1 42  ? -8.098  5.893   -3.625  1.00 18.84  ? 1333 PHE A CE2 1 
ATOM   156  C CZ  . PHE A 1 42  ? -6.931  5.968   -2.897  1.00 18.00  ? 1333 PHE A CZ  1 
ATOM   157  N N   . GLN A 1 43  ? -6.705  3.857   -10.177 1.00 19.59  ? 1334 GLN A N   1 
ATOM   158  C CA  . GLN A 1 43  ? -7.348  3.587   -11.510 1.00 22.21  ? 1334 GLN A CA  1 
ATOM   159  C C   . GLN A 1 43  ? -7.626  2.091   -11.712 1.00 22.67  ? 1334 GLN A C   1 
ATOM   160  O O   . GLN A 1 43  ? -8.474  1.730   -12.532 1.00 24.52  ? 1334 GLN A O   1 
ATOM   161  C CB  . GLN A 1 43  ? -6.480  4.115   -12.658 1.00 25.50  ? 1334 GLN A CB  1 
ATOM   162  C CG  . GLN A 1 43  ? -6.630  5.622   -12.860 1.00 30.03  ? 1334 GLN A CG  1 
ATOM   163  C CD  . GLN A 1 43  ? -8.049  6.049   -13.226 1.00 33.33  ? 1334 GLN A CD  1 
ATOM   164  O OE1 . GLN A 1 43  ? -8.712  5.436   -14.102 1.00 30.09  ? 1334 GLN A OE1 1 
ATOM   165  N NE2 . GLN A 1 43  ? -8.531  7.116   -12.571 1.00 28.17  ? 1334 GLN A NE2 1 
ATOM   166  N N   A CYS A 1 44  ? -6.872  1.220   -11.024 0.22 19.96  ? 1335 CYS A N   1 
ATOM   167  N N   B CYS A 1 44  ? -6.920  1.244   -10.970 0.21 20.68  ? 1335 CYS A N   1 
ATOM   168  C CA  A CYS A 1 44  ? -7.034  -0.258  -11.093 0.22 18.50  ? 1335 CYS A CA  1 
ATOM   169  C CA  B CYS A 1 44  ? -7.031  -0.227  -11.073 0.21 19.50  ? 1335 CYS A CA  1 
ATOM   170  C C   A CYS A 1 44  ? -8.376  -0.648  -10.469 0.22 17.75  ? 1335 CYS A C   1 
ATOM   171  C C   B CYS A 1 44  ? -8.349  -0.691  -10.444 0.21 18.21  ? 1335 CYS A C   1 
ATOM   172  O O   A CYS A 1 44  ? -8.641  -0.259  -9.325  0.22 15.95  ? 1335 CYS A O   1 
ATOM   173  O O   B CYS A 1 44  ? -8.581  -0.392  -9.265  0.21 15.82  ? 1335 CYS A O   1 
ATOM   174  C CB  A CYS A 1 44  ? -5.920  -1.000  -10.362 0.22 17.91  ? 1335 CYS A CB  1 
ATOM   175  C CB  B CYS A 1 44  ? -5.837  -0.875  -10.390 0.21 19.57  ? 1335 CYS A CB  1 
ATOM   176  S SG  A CYS A 1 44  ? -4.297  -0.811  -11.135 0.22 18.68  ? 1335 CYS A SG  1 
ATOM   177  S SG  B CYS A 1 44  ? -5.682  -2.616  -10.834 0.21 22.12  ? 1335 CYS A SG  1 
ATOM   178  N N   . GLU A 1 45  ? -9.180  -1.439  -11.181 1.00 17.71  ? 1336 GLU A N   1 
ATOM   179  C CA  . GLU A 1 45  ? -10.449 -1.952  -10.606 1.00 18.54  ? 1336 GLU A CA  1 
ATOM   180  C C   . GLU A 1 45  ? -10.153 -2.826  -9.380  1.00 16.68  ? 1336 GLU A C   1 
ATOM   181  O O   . GLU A 1 45  ? -10.956 -2.818  -8.401  1.00 17.46  ? 1336 GLU A O   1 
ATOM   182  C CB  . GLU A 1 45  ? -11.168 -2.798  -11.649 1.00 19.71  ? 1336 GLU A CB  1 
ATOM   183  C CG  . GLU A 1 45  ? -11.729 -1.935  -12.756 1.00 22.91  ? 1336 GLU A CG  1 
ATOM   184  C CD  . GLU A 1 45  ? -12.480 -2.666  -13.845 1.00 27.18  ? 1336 GLU A CD  1 
ATOM   185  O OE1 . GLU A 1 45  ? -12.569 -3.927  -13.772 1.00 29.06  ? 1336 GLU A OE1 1 
ATOM   186  O OE2 . GLU A 1 45  ? -12.981 -1.959  -14.763 1.00 27.99  ? 1336 GLU A OE2 1 
ATOM   187  N N   . ASP A 1 46  ? -9.023  -3.513  -9.396  1.00 14.85  ? 1337 ASP A N   1 
ATOM   188  C CA  . ASP A 1 46  ? -8.648  -4.380  -8.254  1.00 15.22  ? 1337 ASP A CA  1 
ATOM   189  C C   . ASP A 1 46  ? -8.451  -3.592  -6.955  1.00 14.94  ? 1337 ASP A C   1 
ATOM   190  O O   . ASP A 1 46  ? -8.417  -4.228  -5.891  1.00 14.60  ? 1337 ASP A O   1 
ATOM   191  C CB  . ASP A 1 46  ? -7.391  -5.176  -8.566  1.00 14.95  ? 1337 ASP A CB  1 
ATOM   192  C CG  . ASP A 1 46  ? -7.617  -6.352  -9.524  1.00 16.05  ? 1337 ASP A CG  1 
ATOM   193  O OD1 . ASP A 1 46  ? -8.796  -6.785  -9.643  1.00 17.88  ? 1337 ASP A OD1 1 
ATOM   194  O OD2 . ASP A 1 46  ? -6.631  -6.866  -10.082 1.00 16.76  ? 1337 ASP A OD2 1 
ATOM   195  N N   . SER A 1 47  ? -8.284  -2.270  -6.977  1.00 13.91  ? 1338 SER A N   1 
ATOM   196  C CA  . SER A 1 47  ? -8.108  -1.527  -5.711  1.00 13.91  ? 1338 SER A CA  1 
ATOM   197  C C   . SER A 1 47  ? -9.431  -1.181  -5.019  1.00 14.58  ? 1338 SER A C   1 
ATOM   198  O O   . SER A 1 47  ? -9.397  -0.725  -3.887  1.00 14.02  ? 1338 SER A O   1 
ATOM   199  C CB  . SER A 1 47  ? -7.297  -0.268  -5.871  1.00 14.64  ? 1338 SER A CB  1 
ATOM   200  O OG  . SER A 1 47  ? -7.987  0.701   -6.656  1.00 14.66  ? 1338 SER A OG  1 
ATOM   201  N N   . GLU A 1 48  ? -10.570 -1.410  -5.698  0.43 15.55  ? 1339 GLU A N   1 
ATOM   202  C CA  . GLU A 1 48  ? -11.916 -0.962  -5.234  0.43 17.04  ? 1339 GLU A CA  1 
ATOM   203  C C   . GLU A 1 48  ? -12.105 -1.257  -3.747  0.43 15.66  ? 1339 GLU A C   1 
ATOM   204  O O   . GLU A 1 48  ? -12.409 -0.348  -2.979  0.43 15.95  ? 1339 GLU A O   1 
ATOM   205  C CB  . GLU A 1 48  ? -13.062 -1.574  -6.049  0.43 19.25  ? 1339 GLU A CB  1 
ATOM   206  C CG  . GLU A 1 48  ? -14.359 -0.802  -5.860  0.43 21.61  ? 1339 GLU A CG  1 
ATOM   207  C CD  . GLU A 1 48  ? -15.623 -1.615  -5.647  0.43 24.03  ? 1339 GLU A CD  1 
ATOM   208  O OE1 . GLU A 1 48  ? -15.975 -2.414  -6.542  0.43 26.16  ? 1339 GLU A OE1 1 
ATOM   209  O OE2 . GLU A 1 48  ? -16.256 -1.434  -4.586  0.43 27.13  ? 1339 GLU A OE2 1 
ATOM   210  N N   . PRO A 1 49  ? -11.899 -2.515  -3.293  1.00 14.94  ? 1340 PRO A N   1 
ATOM   211  C CA  . PRO A 1 49  ? -12.137 -2.899  -1.895  1.00 14.17  ? 1340 PRO A CA  1 
ATOM   212  C C   . PRO A 1 49  ? -11.221 -2.252  -0.852  1.00 13.83  ? 1340 PRO A C   1 
ATOM   213  O O   . PRO A 1 49  ? -11.520 -2.292  0.331   1.00 14.29  ? 1340 PRO A O   1 
ATOM   214  C CB  . PRO A 1 49  ? -11.896 -4.434  -1.911  1.00 15.49  ? 1340 PRO A CB  1 
ATOM   215  C CG  . PRO A 1 49  ? -12.063 -4.819  -3.323  1.00 16.17  ? 1340 PRO A CG  1 
ATOM   216  C CD  . PRO A 1 49  ? -11.455 -3.667  -4.092  1.00 14.52  ? 1340 PRO A CD  1 
ATOM   217  N N   . PHE A 1 50  ? -10.168 -1.577  -1.315  0.43 13.48  ? 1341 PHE A N   1 
ATOM   218  C CA  . PHE A 1 50  ? -9.054  -1.072  -0.471  0.43 13.23  ? 1341 PHE A CA  1 
ATOM   219  C C   . PHE A 1 50  ? -8.891  0.451   -0.586  0.43 14.13  ? 1341 PHE A C   1 
ATOM   220  O O   . PHE A 1 50  ? -7.819  0.951   -0.244  0.43 13.18  ? 1341 PHE A O   1 
ATOM   221  C CB  . PHE A 1 50  ? -7.767  -1.798  -0.872  0.43 12.57  ? 1341 PHE A CB  1 
ATOM   222  C CG  . PHE A 1 50  ? -7.937  -3.292  -0.980  0.43 12.24  ? 1341 PHE A CG  1 
ATOM   223  C CD1 . PHE A 1 50  ? -8.215  -4.036  0.151   0.43 13.03  ? 1341 PHE A CD1 1 
ATOM   224  C CD2 . PHE A 1 50  ? -7.866  -3.943  -2.200  0.43 12.31  ? 1341 PHE A CD2 1 
ATOM   225  C CE1 . PHE A 1 50  ? -8.404  -5.402  0.072   0.43 12.22  ? 1341 PHE A CE1 1 
ATOM   226  C CE2 . PHE A 1 50  ? -8.051  -5.311  -2.278  0.43 12.10  ? 1341 PHE A CE2 1 
ATOM   227  C CZ  . PHE A 1 50  ? -8.329  -6.039  -1.143  0.43 12.13  ? 1341 PHE A CZ  1 
ATOM   228  N N   . ARG A 1 51  ? -9.921  1.181   -1.009  0.43 15.41  ? 1342 ARG A N   1 
ATOM   229  C CA  . ARG A 1 51  ? -9.829  2.644   -1.259  0.43 16.61  ? 1342 ARG A CA  1 
ATOM   230  C C   . ARG A 1 51  ? -10.291 3.446   -0.044  0.43 18.33  ? 1342 ARG A C   1 
ATOM   231  O O   . ARG A 1 51  ? -10.090 4.682   -0.067  0.43 19.25  ? 1342 ARG A O   1 
ATOM   232  C CB  . ARG A 1 51  ? -10.684 3.050   -2.462  0.43 17.04  ? 1342 ARG A CB  1 
ATOM   233  C CG  . ARG A 1 51  ? -10.141 2.575   -3.800  0.43 17.49  ? 1342 ARG A CG  1 
ATOM   234  C CD  . ARG A 1 51  ? -11.154 2.797   -4.903  0.43 17.91  ? 1342 ARG A CD  1 
ATOM   235  N NE  . ARG A 1 51  ? -10.776 2.115   -6.130  0.43 18.11  ? 1342 ARG A NE  1 
ATOM   236  C CZ  . ARG A 1 51  ? -11.593 1.826   -7.141  0.43 19.18  ? 1342 ARG A CZ  1 
ATOM   237  N NH1 . ARG A 1 51  ? -12.873 2.165   -7.091  0.43 19.48  ? 1342 ARG A NH1 1 
ATOM   238  N NH2 . ARG A 1 51  ? -11.124 1.187   -8.200  0.43 19.16  ? 1342 ARG A NH2 1 
ATOM   239  N N   . GLN A 1 52  ? -10.933 2.788   0.932   0.43 20.03  ? 1343 GLN A N   1 
ATOM   240  C CA  . GLN A 1 52  ? -11.454 3.403   2.181   0.43 22.97  ? 1343 GLN A CA  1 
ATOM   241  C C   . GLN A 1 52  ? -11.394 2.352   3.282   0.43 24.26  ? 1343 GLN A C   1 
ATOM   242  O O   . GLN A 1 52  ? -11.241 1.163   2.994   0.43 24.31  ? 1343 GLN A O   1 
ATOM   243  C CB  . GLN A 1 52  ? -12.897 3.900   2.025   0.43 23.91  ? 1343 GLN A CB  1 
ATOM   244  C CG  . GLN A 1 52  ? -13.119 4.919   0.915   0.43 26.04  ? 1343 GLN A CG  1 
ATOM   245  C CD  . GLN A 1 52  ? -12.637 6.312   1.252   0.43 27.24  ? 1343 GLN A CD  1 
ATOM   246  O OE1 . GLN A 1 52  ? -12.813 6.804   2.365   0.43 30.48  ? 1343 GLN A OE1 1 
ATOM   247  N NE2 . GLN A 1 52  ? -12.023 6.972   0.278   0.43 28.34  ? 1343 GLN A NE2 1 
ATOM   248  N N   . PRO A 1 53  ? -11.498 2.754   4.571   0.43 27.38  ? 1344 PRO A N   1 
ATOM   249  C CA  . PRO A 1 53  ? -11.574 1.791   5.670   0.43 29.60  ? 1344 PRO A CA  1 
ATOM   250  C C   . PRO A 1 53  ? -12.775 0.840   5.564   0.43 32.50  ? 1344 PRO A C   1 
ATOM   251  O O   . PRO A 1 53  ? -13.782 1.208   4.974   0.43 33.56  ? 1344 PRO A O   1 
ATOM   252  C CB  . PRO A 1 53  ? -11.707 2.666   6.924   0.43 29.61  ? 1344 PRO A CB  1 
ATOM   253  C CG  . PRO A 1 53  ? -11.104 3.990   6.513   0.43 28.33  ? 1344 PRO A CG  1 
ATOM   254  C CD  . PRO A 1 53  ? -11.469 4.145   5.051   0.43 27.78  ? 1344 PRO A CD  1 
ATOM   255  N N   . VAL A 1 54  ? -12.629 -0.358  6.133   0.43 35.36  ? 1345 VAL A N   1 
ATOM   256  C CA  . VAL A 1 54  ? -13.690 -1.405  6.166   0.43 36.74  ? 1345 VAL A CA  1 
ATOM   257  C C   . VAL A 1 54  ? -14.790 -0.923  7.116   0.43 39.16  ? 1345 VAL A C   1 
ATOM   258  O O   . VAL A 1 54  ? -14.482 -0.668  8.295   0.43 40.22  ? 1345 VAL A O   1 
ATOM   259  C CB  . VAL A 1 54  ? -13.139 -2.778  6.596   0.43 36.29  ? 1345 VAL A CB  1 
ATOM   260  C CG1 . VAL A 1 54  ? -14.238 -3.831  6.661   0.43 36.00  ? 1345 VAL A CG1 1 
ATOM   261  C CG2 . VAL A 1 54  ? -12.010 -3.237  5.687   0.43 36.01  ? 1345 VAL A CG2 1 
ATOM   262  N N   . ASP A 1 55  ? -16.013 -0.781  6.602   0.43 40.24  ? 1346 ASP A N   1 
ATOM   263  C CA  . ASP A 1 55  ? -17.222 -0.494  7.415   0.43 42.53  ? 1346 ASP A CA  1 
ATOM   264  C C   . ASP A 1 55  ? -17.540 -1.742  8.246   0.43 42.52  ? 1346 ASP A C   1 
ATOM   265  O O   . ASP A 1 55  ? -17.716 -2.824  7.645   0.43 42.61  ? 1346 ASP A O   1 
ATOM   266  C CB  . ASP A 1 55  ? -18.403 -0.079  6.535   0.43 43.65  ? 1346 ASP A CB  1 
ATOM   267  C CG  . ASP A 1 55  ? -19.704 0.074   7.305   0.43 45.24  ? 1346 ASP A CG  1 
ATOM   268  O OD1 . ASP A 1 55  ? -19.698 0.776   8.340   0.43 44.94  ? 1346 ASP A OD1 1 
ATOM   269  O OD2 . ASP A 1 55  ? -20.705 -0.526  6.871   0.43 45.37  ? 1346 ASP A OD2 1 
ATOM   270  N N   . LEU A 1 56  ? -17.601 -1.594  9.573   0.43 43.47  ? 1347 LEU A N   1 
ATOM   271  C CA  . LEU A 1 56  ? -17.924 -2.698  10.517  0.43 43.96  ? 1347 LEU A CA  1 
ATOM   272  C C   . LEU A 1 56  ? -19.336 -3.228  10.240  0.43 43.47  ? 1347 LEU A C   1 
ATOM   273  O O   . LEU A 1 56  ? -19.538 -4.443  10.382  0.43 44.23  ? 1347 LEU A O   1 
ATOM   274  C CB  . LEU A 1 56  ? -17.785 -2.210  11.964  0.43 42.95  ? 1347 LEU A CB  1 
ATOM   275  C CG  . LEU A 1 56  ? -16.353 -2.156  12.501  0.43 43.80  ? 1347 LEU A CG  1 
ATOM   276  C CD1 . LEU A 1 56  ? -16.345 -1.817  13.984  0.43 44.02  ? 1347 LEU A CD1 1 
ATOM   277  C CD2 . LEU A 1 56  ? -15.622 -3.470  12.252  0.43 44.05  ? 1347 LEU A CD2 1 
ATOM   278  N N   . LEU A 1 57  ? -20.276 -2.369  9.837   0.43 42.88  ? 1348 LEU A N   1 
ATOM   279  C CA  . LEU A 1 57  ? -21.678 -2.795  9.585   0.43 42.81  ? 1348 LEU A CA  1 
ATOM   280  C C   . LEU A 1 57  ? -21.709 -3.822  8.446   0.43 41.52  ? 1348 LEU A C   1 
ATOM   281  O O   . LEU A 1 57  ? -22.597 -4.705  8.502   0.43 40.41  ? 1348 LEU A O   1 
ATOM   282  C CB  . LEU A 1 57  ? -22.560 -1.582  9.280   0.43 43.93  ? 1348 LEU A CB  1 
ATOM   283  C CG  . LEU A 1 57  ? -22.744 -0.604  10.438  0.43 44.42  ? 1348 LEU A CG  1 
ATOM   284  C CD1 . LEU A 1 57  ? -23.585 0.584   10.006  0.43 44.97  ? 1348 LEU A CD1 1 
ATOM   285  C CD2 . LEU A 1 57  ? -23.370 -1.299  11.641  0.43 45.30  ? 1348 LEU A CD2 1 
ATOM   286  N N   . GLU A 1 58  ? -20.797 -3.744  7.464   1.00 37.52  ? 1349 GLU A N   1 
ATOM   287  C CA  . GLU A 1 58  ? -20.707 -4.829  6.444   1.00 36.99  ? 1349 GLU A CA  1 
ATOM   288  C C   . GLU A 1 58  ? -19.951 -6.060  6.993   1.00 31.42  ? 1349 GLU A C   1 
ATOM   289  O O   . GLU A 1 58  ? -20.322 -7.204  6.642   1.00 32.41  ? 1349 GLU A O   1 
ATOM   290  C CB  . GLU A 1 58  ? -19.993 -4.315  5.192   1.00 45.66  ? 1349 GLU A CB  1 
ATOM   291  C CG  . GLU A 1 58  ? -20.743 -3.210  4.450   1.00 52.42  ? 1349 GLU A CG  1 
ATOM   292  C CD  . GLU A 1 58  ? -20.035 -2.635  3.224   1.00 62.08  ? 1349 GLU A CD  1 
ATOM   293  O OE1 . GLU A 1 58  ? -19.002 -3.224  2.784   1.00 61.50  ? 1349 GLU A OE1 1 
ATOM   294  O OE2 . GLU A 1 58  ? -20.523 -1.598  2.694   1.00 70.96  ? 1349 GLU A OE2 1 
ATOM   295  N N   . TYR A 1 59  ? -18.915 -5.828  7.808   0.43 31.01  ? 1350 TYR A N   1 
ATOM   296  C CA  . TYR A 1 59  ? -17.976 -6.866  8.318   0.43 29.69  ? 1350 TYR A CA  1 
ATOM   297  C C   . TYR A 1 59  ? -17.775 -6.682  9.822   0.43 29.39  ? 1350 TYR A C   1 
ATOM   298  O O   . TYR A 1 59  ? -16.707 -6.271  10.271  0.43 27.10  ? 1350 TYR A O   1 
ATOM   299  C CB  . TYR A 1 59  ? -16.668 -6.794  7.523   0.43 29.34  ? 1350 TYR A CB  1 
ATOM   300  C CG  . TYR A 1 59  ? -16.822 -7.111  6.055   0.43 28.32  ? 1350 TYR A CG  1 
ATOM   301  C CD1 . TYR A 1 59  ? -16.671 -8.406  5.583   0.43 28.63  ? 1350 TYR A CD1 1 
ATOM   302  C CD2 . TYR A 1 59  ? -17.128 -6.122  5.132   0.43 29.53  ? 1350 TYR A CD2 1 
ATOM   303  C CE1 . TYR A 1 59  ? -16.812 -8.710  4.237   0.43 28.94  ? 1350 TYR A CE1 1 
ATOM   304  C CE2 . TYR A 1 59  ? -17.283 -6.409  3.785   0.43 28.94  ? 1350 TYR A CE2 1 
ATOM   305  C CZ  . TYR A 1 59  ? -17.114 -7.707  3.334   0.43 29.61  ? 1350 TYR A CZ  1 
ATOM   306  O OH  . TYR A 1 59  ? -17.241 -7.998  2.005   0.43 30.15  ? 1350 TYR A OH  1 
ATOM   307  N N   . PRO A 1 60  ? -18.800 -6.992  10.652  1.00 29.17  ? 1351 PRO A N   1 
ATOM   308  C CA  . PRO A 1 60  ? -18.762 -6.632  12.076  1.00 28.20  ? 1351 PRO A CA  1 
ATOM   309  C C   . PRO A 1 60  ? -17.689 -7.299  12.966  1.00 26.24  ? 1351 PRO A C   1 
ATOM   310  O O   . PRO A 1 60  ? -17.395 -6.781  14.018  1.00 27.68  ? 1351 PRO A O   1 
ATOM   311  C CB  . PRO A 1 60  ? -20.206 -6.970  12.524  1.00 32.79  ? 1351 PRO A CB  1 
ATOM   312  C CG  . PRO A 1 60  ? -20.670 -8.051  11.580  1.00 30.85  ? 1351 PRO A CG  1 
ATOM   313  C CD  . PRO A 1 60  ? -20.033 -7.693  10.247  1.00 33.04  ? 1351 PRO A CD  1 
ATOM   314  N N   . ASP A 1 61  ? -17.055 -8.361  12.490  1.00 26.45  ? 1352 ASP A N   1 
ATOM   315  C CA  . ASP A 1 61  ? -15.966 -9.015  13.258  1.00 25.23  ? 1352 ASP A CA  1 
ATOM   316  C C   . ASP A 1 61  ? -14.591 -8.502  12.789  1.00 23.59  ? 1352 ASP A C   1 
ATOM   317  O O   . ASP A 1 61  ? -13.550 -8.982  13.300  1.00 19.82  ? 1352 ASP A O   1 
ATOM   318  C CB  . ASP A 1 61  ? -16.063 -10.528 13.100  1.00 27.64  ? 1352 ASP A CB  1 
ATOM   319  C CG  . ASP A 1 61  ? -15.850 -10.962 11.670  1.00 27.79  ? 1352 ASP A CG  1 
ATOM   320  O OD1 . ASP A 1 61  ? -16.066 -10.105 10.757  1.00 30.96  ? 1352 ASP A OD1 1 
ATOM   321  O OD2 . ASP A 1 61  ? -15.484 -12.130 11.466  1.00 36.54  ? 1352 ASP A OD2 1 
ATOM   322  N N   . TYR A 1 62  ? -14.548 -7.500  11.906  1.00 22.10  ? 1353 TYR A N   1 
ATOM   323  C CA  . TYR A 1 62  ? -13.253 -7.148  11.255  1.00 20.95  ? 1353 TYR A CA  1 
ATOM   324  C C   . TYR A 1 62  ? -12.190 -6.834  12.313  1.00 21.02  ? 1353 TYR A C   1 
ATOM   325  O O   . TYR A 1 62  ? -11.023 -7.327  12.195  1.00 18.47  ? 1353 TYR A O   1 
ATOM   326  C CB  . TYR A 1 62  ? -13.456 -5.997  10.271  1.00 20.17  ? 1353 TYR A CB  1 
ATOM   327  C CG  . TYR A 1 62  ? -12.236 -5.702  9.432   1.00 18.16  ? 1353 TYR A CG  1 
ATOM   328  C CD1 . TYR A 1 62  ? -11.921 -6.572  8.426   1.00 16.71  ? 1353 TYR A CD1 1 
ATOM   329  C CD2 . TYR A 1 62  ? -11.401 -4.606  9.663   1.00 18.13  ? 1353 TYR A CD2 1 
ATOM   330  C CE1 . TYR A 1 62  ? -10.796 -6.383  7.635   1.00 15.85  ? 1353 TYR A CE1 1 
ATOM   331  C CE2 . TYR A 1 62  ? -10.311 -4.351  8.831   1.00 17.21  ? 1353 TYR A CE2 1 
ATOM   332  C CZ  . TYR A 1 62  ? -10.001 -5.275  7.849   1.00 16.81  ? 1353 TYR A CZ  1 
ATOM   333  O OH  . TYR A 1 62  ? -8.914  -5.106  7.038   1.00 16.17  ? 1353 TYR A OH  1 
ATOM   334  N N   . ARG A 1 63  ? -12.497 -5.989  13.297  1.00 20.18  ? 1354 ARG A N   1 
ATOM   335  C CA  . ARG A 1 63  ? -11.520 -5.549  14.306  1.00 21.51  ? 1354 ARG A CA  1 
ATOM   336  C C   . ARG A 1 63  ? -11.234 -6.634  15.345  1.00 19.70  ? 1354 ARG A C   1 
ATOM   337  O O   . ARG A 1 63  ? -10.267 -6.493  16.076  1.00 21.41  ? 1354 ARG A O   1 
ATOM   338  C CB  . ARG A 1 63  ? -11.954 -4.250  14.981  1.00 23.93  ? 1354 ARG A CB  1 
ATOM   339  C CG  . ARG A 1 63  ? -11.950 -3.038  14.063  1.00 28.32  ? 1354 ARG A CG  1 
ATOM   340  C CD  . ARG A 1 63  ? -10.595 -2.785  13.403  1.00 30.18  ? 1354 ARG A CD  1 
ATOM   341  N NE  . ARG A 1 63  ? -9.573  -2.609  14.433  1.00 33.77  ? 1354 ARG A NE  1 
ATOM   342  C CZ  . ARG A 1 63  ? -9.291  -1.453  15.034  1.00 36.39  ? 1354 ARG A CZ  1 
ATOM   343  N NH1 . ARG A 1 63  ? -9.923  -0.342  14.690  1.00 39.53  ? 1354 ARG A NH1 1 
ATOM   344  N NH2 . ARG A 1 63  ? -8.364  -1.408  15.969  1.00 39.36  ? 1354 ARG A NH2 1 
ATOM   345  N N   . ASP A 1 64  ? -11.971 -7.752  15.332  1.00 21.44  ? 1355 ASP A N   1 
ATOM   346  C CA  . ASP A 1 64  ? -11.602 -8.927  16.165  1.00 22.37  ? 1355 ASP A CA  1 
ATOM   347  C C   . ASP A 1 64  ? -10.388 -9.653  15.559  1.00 22.38  ? 1355 ASP A C   1 
ATOM   348  O O   . ASP A 1 64  ? -9.641  -10.342 16.297  1.00 27.93  ? 1355 ASP A O   1 
ATOM   349  C CB  . ASP A 1 64  ? -12.744 -9.946  16.214  1.00 23.04  ? 1355 ASP A CB  1 
ATOM   350  C CG  . ASP A 1 64  ? -14.051 -9.449  16.812  1.00 25.61  ? 1355 ASP A CG  1 
ATOM   351  O OD1 . ASP A 1 64  ? -14.043 -8.426  17.528  1.00 28.93  ? 1355 ASP A OD1 1 
ATOM   352  O OD2 . ASP A 1 64  ? -15.077 -10.106 16.541  1.00 29.93  ? 1355 ASP A OD2 1 
ATOM   353  N N   A ILE A 1 65  ? -10.195 -9.533  14.244  0.21 21.87  ? 1356 ILE A N   1 
ATOM   354  N N   B ILE A 1 65  ? -10.239 -9.521  14.233  0.21 21.03  ? 1356 ILE A N   1 
ATOM   355  C CA  A ILE A 1 65  ? -9.089  -10.220 13.516  0.21 20.78  ? 1356 ILE A CA  1 
ATOM   356  C CA  B ILE A 1 65  ? -9.232  -10.220 13.384  0.21 19.44  ? 1356 ILE A CA  1 
ATOM   357  C C   A ILE A 1 65  ? -7.980  -9.214  13.202  0.21 19.98  ? 1356 ILE A C   1 
ATOM   358  C C   B ILE A 1 65  ? -8.056  -9.276  13.087  0.21 19.22  ? 1356 ILE A C   1 
ATOM   359  O O   A ILE A 1 65  ? -6.799  -9.563  13.392  0.21 20.36  ? 1356 ILE A O   1 
ATOM   360  O O   B ILE A 1 65  ? -6.900  -9.749  13.148  0.21 19.33  ? 1356 ILE A O   1 
ATOM   361  C CB  A ILE A 1 65  ? -9.652  -10.899 12.260  0.21 21.33  ? 1356 ILE A CB  1 
ATOM   362  C CB  B ILE A 1 65  ? -9.922  -10.713 12.097  0.21 19.21  ? 1356 ILE A CB  1 
ATOM   363  C CG1 A ILE A 1 65  ? -10.774 -11.868 12.646  0.21 22.33  ? 1356 ILE A CG1 1 
ATOM   364  C CG1 B ILE A 1 65  ? -11.205 -11.494 12.403  0.21 19.13  ? 1356 ILE A CG1 1 
ATOM   365  C CG2 A ILE A 1 65  ? -8.546  -11.577 11.468  0.21 21.39  ? 1356 ILE A CG2 1 
ATOM   366  C CG2 B ILE A 1 65  ? -8.960  -11.509 11.229  0.21 19.20  ? 1356 ILE A CG2 1 
ATOM   367  C CD1 A ILE A 1 65  ? -11.843 -12.005 11.606  0.21 22.91  ? 1356 ILE A CD1 1 
ATOM   368  C CD1 B ILE A 1 65  ? -11.000 -12.714 13.268  0.21 19.19  ? 1356 ILE A CD1 1 
ATOM   369  N N   . ILE A 1 66  ? -8.347  -8.005  12.778  1.00 18.53  ? 1357 ILE A N   1 
ATOM   370  C CA  . ILE A 1 66  ? -7.365  -7.007  12.268  1.00 18.54  ? 1357 ILE A CA  1 
ATOM   371  C C   . ILE A 1 66  ? -7.080  -5.970  13.341  1.00 18.78  ? 1357 ILE A C   1 
ATOM   372  O O   . ILE A 1 66  ? -7.962  -5.174  13.636  1.00 21.67  ? 1357 ILE A O   1 
ATOM   373  C CB  . ILE A 1 66  ? -7.915  -6.365  10.976  1.00 15.96  ? 1357 ILE A CB  1 
ATOM   374  C CG1 . ILE A 1 66  ? -8.216  -7.429  9.917   1.00 17.77  ? 1357 ILE A CG1 1 
ATOM   375  C CG2 . ILE A 1 66  ? -6.989  -5.257  10.472  1.00 17.09  ? 1357 ILE A CG2 1 
ATOM   376  C CD1 . ILE A 1 66  ? -7.064  -8.297  9.576   1.00 17.68  ? 1357 ILE A CD1 1 
ATOM   377  N N   . ASP A 1 67  ? -5.840  -5.936  13.798  1.00 23.15  ? 1358 ASP A N   1 
ATOM   378  C CA  . ASP A 1 67  ? -5.377  -4.992  14.844  1.00 25.48  ? 1358 ASP A CA  1 
ATOM   379  C C   . ASP A 1 67  ? -5.219  -3.595  14.263  1.00 22.34  ? 1358 ASP A C   1 
ATOM   380  O O   . ASP A 1 67  ? -5.451  -2.607  14.972  1.00 23.69  ? 1358 ASP A O   1 
ATOM   381  C CB  . ASP A 1 67  ? -4.000  -5.372  15.376  1.00 29.43  ? 1358 ASP A CB  1 
ATOM   382  C CG  . ASP A 1 67  ? -3.943  -6.618  16.242  1.00 38.40  ? 1358 ASP A CG  1 
ATOM   383  O OD1 . ASP A 1 67  ? -4.988  -6.989  16.818  1.00 41.95  ? 1358 ASP A OD1 1 
ATOM   384  O OD2 . ASP A 1 67  ? -2.855  -7.230  16.297  1.00 46.88  ? 1358 ASP A OD2 1 
ATOM   385  N N   . THR A 1 68  ? -4.694  -3.491  13.031  1.00 20.20  ? 1359 THR A N   1 
ATOM   386  C CA  . THR A 1 68  ? -4.364  -2.168  12.461  1.00 19.74  ? 1359 THR A CA  1 
ATOM   387  C C   . THR A 1 68  ? -4.923  -2.055  11.053  1.00 18.17  ? 1359 THR A C   1 
ATOM   388  O O   . THR A 1 68  ? -4.247  -2.467  10.092  1.00 18.16  ? 1359 THR A O   1 
ATOM   389  C CB  . THR A 1 68  ? -2.851  -1.933  12.388  1.00 20.10  ? 1359 THR A CB  1 
ATOM   390  O OG1 . THR A 1 68  ? -2.277  -2.177  13.673  1.00 25.30  ? 1359 THR A OG1 1 
ATOM   391  C CG2 . THR A 1 68  ? -2.528  -0.519  11.952  1.00 21.74  ? 1359 THR A CG2 1 
ATOM   392  N N   . PRO A 1 69  ? -6.119  -1.471  10.904  1.00 17.87  ? 1360 PRO A N   1 
ATOM   393  C CA  . PRO A 1 69  ? -6.718  -1.221  9.598   1.00 18.17  ? 1360 PRO A CA  1 
ATOM   394  C C   . PRO A 1 69  ? -5.798  -0.329  8.769   1.00 14.89  ? 1360 PRO A C   1 
ATOM   395  O O   . PRO A 1 69  ? -5.103  0.512   9.283   1.00 16.02  ? 1360 PRO A O   1 
ATOM   396  C CB  . PRO A 1 69  ? -8.051  -0.514  9.901   1.00 19.40  ? 1360 PRO A CB  1 
ATOM   397  C CG  . PRO A 1 69  ? -8.380  -1.021  11.288  1.00 22.91  ? 1360 PRO A CG  1 
ATOM   398  C CD  . PRO A 1 69  ? -7.038  -1.057  12.003  1.00 19.60  ? 1360 PRO A CD  1 
ATOM   399  N N   . MET A 1 70  ? -5.869  -0.511  7.462   1.00 13.99  ? 1361 MET A N   1 
ATOM   400  C CA  . MET A 1 70  ? -5.109  0.346   6.530   1.00 13.02  ? 1361 MET A CA  1 
ATOM   401  C C   . MET A 1 70  ? -5.817  0.274   5.184   1.00 12.42  ? 1361 MET A C   1 
ATOM   402  O O   . MET A 1 70  ? -6.396  -0.735  4.853   1.00 11.93  ? 1361 MET A O   1 
ATOM   403  C CB  . MET A 1 70  ? -3.642  -0.080  6.393   1.00 13.90  ? 1361 MET A CB  1 
ATOM   404  C CG  . MET A 1 70  ? -2.755  0.895   5.658   1.00 13.67  ? 1361 MET A CG  1 
ATOM   405  S SD  . MET A 1 70  ? -2.820  2.600   6.183   1.00 13.97  ? 1361 MET A SD  1 
ATOM   406  C CE  . MET A 1 70  ? -2.340  2.481   7.903   1.00 16.69  ? 1361 MET A CE  1 
ATOM   407  N N   . ASP A 1 71  ? -5.737  1.366   4.451   1.00 12.32  ? 1362 ASP A N   1 
ATOM   408  C CA  . ASP A 1 71  ? -6.383  1.478   3.136   1.00 12.54  ? 1362 ASP A CA  1 
ATOM   409  C C   . ASP A 1 71  ? -5.624  2.517   2.315   1.00 12.01  ? 1362 ASP A C   1 
ATOM   410  O O   . ASP A 1 71  ? -4.788  3.269   2.882   1.00 12.37  ? 1362 ASP A O   1 
ATOM   411  C CB  . ASP A 1 71  ? -7.828  1.862   3.353   1.00 14.47  ? 1362 ASP A CB  1 
ATOM   412  C CG  . ASP A 1 71  ? -7.951  3.270   3.890   1.00 17.09  ? 1362 ASP A CG  1 
ATOM   413  O OD1 . ASP A 1 71  ? -7.852  3.405   5.115   1.00 18.70  ? 1362 ASP A OD1 1 
ATOM   414  O OD2 . ASP A 1 71  ? -7.930  4.213   3.083   1.00 15.97  ? 1362 ASP A OD2 1 
ATOM   415  N N   . PHE A 1 72  ? -5.858  2.575   1.008   1.00 11.91  ? 1363 PHE A N   1 
ATOM   416  C CA  . PHE A 1 72  ? -5.052  3.442   0.127   1.00 12.02  ? 1363 PHE A CA  1 
ATOM   417  C C   . PHE A 1 72  ? -5.356  4.914   0.331   1.00 13.88  ? 1363 PHE A C   1 
ATOM   418  O O   . PHE A 1 72  ? -4.472  5.732   0.050   1.00 13.31  ? 1363 PHE A O   1 
ATOM   419  C CB  . PHE A 1 72  ? -5.218  3.021   -1.329  1.00 11.97  ? 1363 PHE A CB  1 
ATOM   420  C CG  . PHE A 1 72  ? -4.454  1.769   -1.640  1.00 10.62  ? 1363 PHE A CG  1 
ATOM   421  C CD1 . PHE A 1 72  ? -3.086  1.824   -1.735  1.00 11.63  ? 1363 PHE A CD1 1 
ATOM   422  C CD2 . PHE A 1 72  ? -5.085  0.562   -1.869  1.00 11.97  ? 1363 PHE A CD2 1 
ATOM   423  C CE1 . PHE A 1 72  ? -2.368  0.692   -2.024  1.00 12.95  ? 1363 PHE A CE1 1 
ATOM   424  C CE2 . PHE A 1 72  ? -4.365  -0.571  -2.172  1.00 11.53  ? 1363 PHE A CE2 1 
ATOM   425  C CZ  . PHE A 1 72  ? -3.001  -0.499  -2.217  1.00 11.78  ? 1363 PHE A CZ  1 
ATOM   426  N N   . ALA A 1 73  ? -6.572  5.260   0.734   1.00 12.67  ? 1364 ALA A N   1 
ATOM   427  C CA  . ALA A 1 73  ? -6.846  6.678   1.033   1.00 13.65  ? 1364 ALA A CA  1 
ATOM   428  C C   . ALA A 1 73  ? -6.025  7.156   2.233   1.00 12.85  ? 1364 ALA A C   1 
ATOM   429  O O   . ALA A 1 73  ? -5.449  8.252   2.200   1.00 13.43  ? 1364 ALA A O   1 
ATOM   430  C CB  . ALA A 1 73  ? -8.319  6.895   1.282   1.00 15.11  ? 1364 ALA A CB  1 
ATOM   431  N N   . THR A 1 74  ? -5.930  6.342   3.252   1.00 12.59  ? 1365 THR A N   1 
ATOM   432  C CA  . THR A 1 74  ? -5.084  6.660   4.438   1.00 12.90  ? 1365 THR A CA  1 
ATOM   433  C C   . THR A 1 74  ? -3.624  6.769   4.002   1.00 11.32  ? 1365 THR A C   1 
ATOM   434  O O   . THR A 1 74  ? -2.949  7.722   4.392   1.00 12.69  ? 1365 THR A O   1 
ATOM   435  C CB  . THR A 1 74  ? -5.247  5.632   5.536   1.00 13.36  ? 1365 THR A CB  1 
ATOM   436  O OG1 . THR A 1 74  ? -6.633  5.646   5.933   1.00 15.88  ? 1365 THR A OG1 1 
ATOM   437  C CG2 . THR A 1 74  ? -4.342  5.854   6.721   1.00 13.69  ? 1365 THR A CG2 1 
ATOM   438  N N   . VAL A 1 75  ? -3.156  5.878   3.137   1.00 11.38  ? 1366 VAL A N   1 
ATOM   439  C CA  . VAL A 1 75  ? -1.750  5.968   2.667   1.00 11.20  ? 1366 VAL A CA  1 
ATOM   440  C C   . VAL A 1 75  ? -1.539  7.274   1.906   1.00 12.43  ? 1366 VAL A C   1 
ATOM   441  O O   . VAL A 1 75  ? -0.578  8.011   2.164   1.00 11.71  ? 1366 VAL A O   1 
ATOM   442  C CB  . VAL A 1 75  ? -1.359  4.726   1.854   1.00 11.35  ? 1366 VAL A CB  1 
ATOM   443  C CG1 . VAL A 1 75  ? 0.009   4.901   1.247   1.00 11.55  ? 1366 VAL A CG1 1 
ATOM   444  C CG2 . VAL A 1 75  ? -1.406  3.478   2.673   1.00 11.75  ? 1366 VAL A CG2 1 
ATOM   445  N N   . ARG A 1 76  ? -2.429  7.608   0.974   1.00 11.68  ? 1367 ARG A N   1 
ATOM   446  C CA  . ARG A 1 76  ? -2.286  8.847   0.182   1.00 13.32  ? 1367 ARG A CA  1 
ATOM   447  C C   . ARG A 1 76  ? -2.338  10.075  1.083   1.00 12.93  ? 1367 ARG A C   1 
ATOM   448  O O   . ARG A 1 76  ? -1.519  10.965  0.891   1.00 13.57  ? 1367 ARG A O   1 
ATOM   449  C CB  . ARG A 1 76  ? -3.411  8.904   -0.856  1.00 15.69  ? 1367 ARG A CB  1 
ATOM   450  C CG  . ARG A 1 76  ? -3.288  10.072  -1.812  1.00 19.14  ? 1367 ARG A CG  1 
ATOM   451  C CD  . ARG A 1 76  ? -4.543  9.997   -2.663  1.00 22.67  ? 1367 ARG A CD  1 
ATOM   452  N NE  . ARG A 1 76  ? -4.211  9.532   -3.968  1.00 24.60  ? 1367 ARG A NE  1 
ATOM   453  C CZ  . ARG A 1 76  ? -5.114  9.193   -4.886  1.00 24.94  ? 1367 ARG A CZ  1 
ATOM   454  N NH1 . ARG A 1 76  ? -6.396  9.183   -4.567  1.00 23.58  ? 1367 ARG A NH1 1 
ATOM   455  N NH2 . ARG A 1 76  ? -4.705  8.887   -6.097  1.00 26.13  ? 1367 ARG A NH2 1 
ATOM   456  N N   . GLU A 1 77  ? -3.248  10.102  2.043   1.00 13.22  ? 1368 GLU A N   1 
ATOM   457  C CA  . GLU A 1 77  ? -3.382  11.252  2.952   1.00 15.04  ? 1368 GLU A CA  1 
ATOM   458  C C   . GLU A 1 77  ? -2.125  11.376  3.785   1.00 13.65  ? 1368 GLU A C   1 
ATOM   459  O O   . GLU A 1 77  ? -1.713  12.497  4.054   1.00 14.01  ? 1368 GLU A O   1 
ATOM   460  C CB  . GLU A 1 77  ? -4.618  11.047  3.805   1.00 18.38  ? 1368 GLU A CB  1 
ATOM   461  C CG  . GLU A 1 77  ? -5.903  11.336  3.052   1.00 23.27  ? 1368 GLU A CG  1 
ATOM   462  C CD  . GLU A 1 77  ? -7.166  10.696  3.611   1.00 32.73  ? 1368 GLU A CD  1 
ATOM   463  O OE1 . GLU A 1 77  ? -7.128  10.233  4.792   1.00 38.70  ? 1368 GLU A OE1 1 
ATOM   464  O OE2 . GLU A 1 77  ? -8.196  10.665  2.855   1.00 42.48  ? 1368 GLU A OE2 1 
ATOM   465  N N   . THR A 1 78  ? -1.590  10.279  4.289   1.00 13.10  ? 1369 THR A N   1 
ATOM   466  C CA  . THR A 1 78  ? -0.347  10.324  5.099   1.00 11.99  ? 1369 THR A CA  1 
ATOM   467  C C   . THR A 1 78  ? 0.778   10.921  4.254   1.00 12.72  ? 1369 THR A C   1 
ATOM   468  O O   . THR A 1 78  ? 1.574   11.779  4.723   1.00 13.11  ? 1369 THR A O   1 
ATOM   469  C CB  . THR A 1 78  ? -0.023  8.920   5.606   1.00 12.28  ? 1369 THR A CB  1 
ATOM   470  O OG1 . THR A 1 78  ? -1.114  8.428   6.388   1.00 13.12  ? 1369 THR A OG1 1 
ATOM   471  C CG2 . THR A 1 78  ? 1.225   8.909   6.441   1.00 12.84  ? 1369 THR A CG2 1 
ATOM   472  N N   . LEU A 1 79  ? 0.920   10.428  3.026   1.00 11.15  ? 1370 LEU A N   1 
ATOM   473  C CA  . LEU A 1 79  ? 1.930   10.952  2.080   1.00 11.57  ? 1370 LEU A CA  1 
ATOM   474  C C   . LEU A 1 79  ? 1.739   12.450  1.866   1.00 12.10  ? 1370 LEU A C   1 
ATOM   475  O O   . LEU A 1 79  ? 2.744   13.252  1.989   1.00 12.13  ? 1370 LEU A O   1 
ATOM   476  C CB  . LEU A 1 79  ? 1.819   10.173  0.758   1.00 11.03  ? 1370 LEU A CB  1 
ATOM   477  C CG  . LEU A 1 79  ? 2.912   10.482  -0.271  1.00 11.82  ? 1370 LEU A CG  1 
ATOM   478  C CD1 . LEU A 1 79  ? 4.289   10.068  0.251   1.00 11.44  ? 1370 LEU A CD1 1 
ATOM   479  C CD2 . LEU A 1 79  ? 2.583   9.768   -1.584  1.00 13.99  ? 1370 LEU A CD2 1 
ATOM   480  N N   . GLU A 1 80  ? 0.516   12.855  1.524   1.00 13.06  ? 1371 GLU A N   1 
ATOM   481  C CA  . GLU A 1 80  ? 0.230   14.267  1.181   1.00 15.66  ? 1371 GLU A CA  1 
ATOM   482  C C   . GLU A 1 80  ? 0.357   15.169  2.405   1.00 14.94  ? 1371 GLU A C   1 
ATOM   483  O O   . GLU A 1 80  ? 0.679   16.354  2.183   1.00 16.92  ? 1371 GLU A O   1 
ATOM   484  C CB  . GLU A 1 80  ? -1.142  14.354  0.526   1.00 16.95  ? 1371 GLU A CB  1 
ATOM   485  C CG  . GLU A 1 80  ? -1.169  13.640  -0.832  1.00 21.03  ? 1371 GLU A CG  1 
ATOM   486  C CD  . GLU A 1 80  ? 0.005   14.058  -1.728  1.00 31.19  ? 1371 GLU A CD  1 
ATOM   487  O OE1 . GLU A 1 80  ? -0.142  15.117  -2.372  1.00 38.34  ? 1371 GLU A OE1 1 
ATOM   488  O OE2 . GLU A 1 80  ? 1.120   13.418  -1.699  1.00 30.57  ? 1371 GLU A OE2 1 
ATOM   489  N N   . ALA A 1 81  ? 0.173   14.662  3.609   1.00 14.04  ? 1372 ALA A N   1 
ATOM   490  C CA  . ALA A 1 81  ? 0.391   15.416  4.871   1.00 14.16  ? 1372 ALA A CA  1 
ATOM   491  C C   . ALA A 1 81  ? 1.875   15.622  5.146   1.00 15.17  ? 1372 ALA A C   1 
ATOM   492  O O   . ALA A 1 81  ? 2.224   16.368  6.070   1.00 16.53  ? 1372 ALA A O   1 
ATOM   493  C CB  . ALA A 1 81  ? -0.266  14.682  5.992   1.00 16.08  ? 1372 ALA A CB  1 
ATOM   494  N N   . GLY A 1 82  ? 2.773   14.953  4.408   1.00 13.94  ? 1373 GLY A N   1 
ATOM   495  C CA  . GLY A 1 82  ? 4.177   15.008  4.782   1.00 12.42  ? 1373 GLY A CA  1 
ATOM   496  C C   . GLY A 1 82  ? 4.458   14.197  6.009   1.00 12.14  ? 1373 GLY A C   1 
ATOM   497  O O   . GLY A 1 82  ? 5.296   14.567  6.810   1.00 13.67  ? 1373 GLY A O   1 
ATOM   498  N N   . ASN A 1 83  ? 3.785   13.056  6.208   1.00 11.49  ? 1374 ASN A N   1 
ATOM   499  C CA  . ASN A 1 83  ? 3.986   12.214  7.401   1.00 11.43  ? 1374 ASN A CA  1 
ATOM   500  C C   . ASN A 1 83  ? 4.617   10.831  7.085   1.00 11.71  ? 1374 ASN A C   1 
ATOM   501  O O   . ASN A 1 83  ? 4.698   9.984   7.970   1.00 13.26  ? 1374 ASN A O   1 
ATOM   502  C CB  . ASN A 1 83  ? 2.670   12.045  8.127   1.00 12.39  ? 1374 ASN A CB  1 
ATOM   503  C CG  . ASN A 1 83  ? 2.224   13.303  8.827   1.00 14.46  ? 1374 ASN A CG  1 
ATOM   504  O OD1 . ASN A 1 83  ? 2.905   14.358  8.925   1.00 16.20  ? 1374 ASN A OD1 1 
ATOM   505  N ND2 . ASN A 1 83  ? 1.051   13.150  9.394   1.00 15.81  ? 1374 ASN A ND2 1 
ATOM   506  N N   . TYR A 1 84  ? 5.152   10.695  5.876   1.00 12.62  ? 1375 TYR A N   1 
ATOM   507  C CA  . TYR A 1 84  ? 6.137   9.624   5.608   1.00 11.99  ? 1375 TYR A CA  1 
ATOM   508  C C   . TYR A 1 84  ? 7.518   10.268  5.457   1.00 12.37  ? 1375 TYR A C   1 
ATOM   509  O O   . TYR A 1 84  ? 7.624   11.246  4.721   1.00 13.23  ? 1375 TYR A O   1 
ATOM   510  C CB  . TYR A 1 84  ? 5.792   8.838   4.335   1.00 12.51  ? 1375 TYR A CB  1 
ATOM   511  C CG  . TYR A 1 84  ? 4.599   7.935   4.433   1.00 10.91  ? 1375 TYR A CG  1 
ATOM   512  C CD1 . TYR A 1 84  ? 4.508   6.986   5.431   1.00 10.80  ? 1375 TYR A CD1 1 
ATOM   513  C CD2 . TYR A 1 84  ? 3.573   8.009   3.511   1.00 10.97  ? 1375 TYR A CD2 1 
ATOM   514  C CE1 . TYR A 1 84  ? 3.420   6.153   5.510   1.00 10.51  ? 1375 TYR A CE1 1 
ATOM   515  C CE2 . TYR A 1 84  ? 2.473   7.172   3.570   1.00 11.10  ? 1375 TYR A CE2 1 
ATOM   516  C CZ  . TYR A 1 84  ? 2.396   6.244   4.588   1.00 10.19  ? 1375 TYR A CZ  1 
ATOM   517  O OH  . TYR A 1 84  ? 1.295   5.441   4.659   1.00 12.04  ? 1375 TYR A OH  1 
ATOM   518  N N   . GLU A 1 85  ? 8.515   9.680   6.104   1.00 14.16  ? 1376 GLU A N   1 
ATOM   519  C CA  . GLU A 1 85  ? 9.902   10.154  5.915   1.00 14.98  ? 1376 GLU A CA  1 
ATOM   520  C C   . GLU A 1 85  ? 10.579  9.467   4.723   1.00 15.89  ? 1376 GLU A C   1 
ATOM   521  O O   . GLU A 1 85  ? 11.521  10.043  4.130   1.00 18.93  ? 1376 GLU A O   1 
ATOM   522  C CB  . GLU A 1 85  ? 10.722  9.905   7.164   1.00 17.20  ? 1376 GLU A CB  1 
ATOM   523  C CG  . GLU A 1 85  ? 12.102  10.533  7.014   1.00 23.39  ? 1376 GLU A CG  1 
ATOM   524  C CD  . GLU A 1 85  ? 12.898  10.591  8.298   1.00 29.24  ? 1376 GLU A CD  1 
ATOM   525  O OE1 . GLU A 1 85  ? 12.487  9.905   9.283   1.00 36.71  ? 1376 GLU A OE1 1 
ATOM   526  O OE2 . GLU A 1 85  ? 13.898  11.387  8.308   1.00 31.22  ? 1376 GLU A OE2 1 
ATOM   527  N N   . SER A 1 86  ? 10.116  8.283   4.330   1.00 14.39  ? 1377 SER A N   1 
ATOM   528  C CA  . SER A 1 86  ? 10.825  7.459   3.331   1.00 13.46  ? 1377 SER A CA  1 
ATOM   529  C C   . SER A 1 86  ? 9.806   6.615   2.607   1.00 12.20  ? 1377 SER A C   1 
ATOM   530  O O   . SER A 1 86  ? 8.722   6.352   3.134   1.00 11.77  ? 1377 SER A O   1 
ATOM   531  C CB  . SER A 1 86  ? 11.820  6.581   3.978   1.00 13.25  ? 1377 SER A CB  1 
ATOM   532  O OG  . SER A 1 86  ? 11.169  5.541   4.687   1.00 14.11  ? 1377 SER A OG  1 
ATOM   533  N N   . PRO A 1 87  ? 10.127  6.118   1.393   1.00 11.74  ? 1378 PRO A N   1 
ATOM   534  C CA  . PRO A 1 87  ? 9.196   5.226   0.709   1.00 11.73  ? 1378 PRO A CA  1 
ATOM   535  C C   . PRO A 1 87  ? 9.117   3.874   1.416   1.00 11.30  ? 1378 PRO A C   1 
ATOM   536  O O   . PRO A 1 87  ? 8.149   3.190   1.219   1.00 10.63  ? 1378 PRO A O   1 
ATOM   537  C CB  . PRO A 1 87  ? 9.827   5.081   -0.684  1.00 11.89  ? 1378 PRO A CB  1 
ATOM   538  C CG  . PRO A 1 87  ? 11.328  5.360   -0.445  1.00 11.36  ? 1378 PRO A CG  1 
ATOM   539  C CD  . PRO A 1 87  ? 11.315  6.458   0.586   1.00 11.76  ? 1378 PRO A CD  1 
ATOM   540  N N   . MET A 1 88  ? 10.089  3.502   2.234   1.00 10.45  ? 1379 MET A N   1 
ATOM   541  C CA  . MET A 1 88  ? 9.996   2.261   3.028   1.00 10.95  ? 1379 MET A CA  1 
ATOM   542  C C   . MET A 1 88  ? 8.800   2.324   3.973   1.00 10.30  ? 1379 MET A C   1 
ATOM   543  O O   . MET A 1 88  ? 8.121   1.338   4.190   1.00 10.27  ? 1379 MET A O   1 
ATOM   544  C CB  . MET A 1 88  ? 11.285  1.986   3.800   1.00 11.48  ? 1379 MET A CB  1 
ATOM   545  C CG  . MET A 1 88  ? 12.447  1.770   2.867   1.00 12.48  ? 1379 MET A CG  1 
ATOM   546  S SD  . MET A 1 88  ? 13.334  3.197   2.259   1.00 15.05  ? 1379 MET A SD  1 
ATOM   547  C CE  . MET A 1 88  ? 14.290  3.560   3.725   1.00 16.70  ? 1379 MET A CE  1 
ATOM   548  N N   . GLU A 1 89  ? 8.573   3.484   4.592   1.00 10.71  ? 1380 GLU A N   1 
ATOM   549  C CA  . GLU A 1 89  ? 7.443   3.592   5.523   1.00 10.86  ? 1380 GLU A CA  1 
ATOM   550  C C   . GLU A 1 89  ? 6.138   3.453   4.741   1.00 10.24  ? 1380 GLU A C   1 
ATOM   551  O O   . GLU A 1 89  ? 5.191   2.820   5.225   1.00 10.56  ? 1380 GLU A O   1 
ATOM   552  C CB  . GLU A 1 89  ? 7.461   4.946   6.225   1.00 11.80  ? 1380 GLU A CB  1 
ATOM   553  C CG  . GLU A 1 89  ? 8.610   5.153   7.153   1.00 13.56  ? 1380 GLU A CG  1 
ATOM   554  C CD  . GLU A 1 89  ? 8.599   6.516   7.826   1.00 14.57  ? 1380 GLU A CD  1 
ATOM   555  O OE1 . GLU A 1 89  ? 7.865   7.357   7.392   1.00 16.08  ? 1380 GLU A OE1 1 
ATOM   556  O OE2 . GLU A 1 89  ? 9.441   6.691   8.756   1.00 20.10  ? 1380 GLU A OE2 1 
ATOM   557  N N   . LEU A 1 90  ? 6.019   4.100   3.585   1.00 10.25  ? 1381 LEU A N   1 
ATOM   558  C CA  . LEU A 1 90  ? 4.823   3.958   2.727   1.00 10.25  ? 1381 LEU A CA  1 
ATOM   559  C C   . LEU A 1 90  ? 4.618   2.491   2.345   1.00 10.89  ? 1381 LEU A C   1 
ATOM   560  O O   . LEU A 1 90  ? 3.480   1.966   2.387   1.00 10.40  ? 1381 LEU A O   1 
ATOM   561  C CB  . LEU A 1 90  ? 4.948   4.842   1.475   1.00 10.98  ? 1381 LEU A CB  1 
ATOM   562  C CG  . LEU A 1 90  ? 3.769   4.802   0.506   1.00 11.21  ? 1381 LEU A CG  1 
ATOM   563  C CD1 . LEU A 1 90  ? 3.497   6.167   -0.088  1.00 10.88  ? 1381 LEU A CD1 1 
ATOM   564  C CD2 . LEU A 1 90  ? 3.982   3.747   -0.569  1.00 12.07  ? 1381 LEU A CD2 1 
ATOM   565  N N   A CYS A 1 91  ? 5.709   1.832   1.961   0.25 10.26  ? 1382 CYS A N   1 
ATOM   566  N N   B CYS A 1 91  ? 5.687   1.806   1.934   0.25 11.38  ? 1382 CYS A N   1 
ATOM   567  C CA  A CYS A 1 91  ? 5.688   0.422   1.527   0.25 10.45  ? 1382 CYS A CA  1 
ATOM   568  C CA  B CYS A 1 91  ? 5.607   0.368   1.583   0.25 12.34  ? 1382 CYS A CA  1 
ATOM   569  C C   A CYS A 1 91  ? 5.184   -0.460  2.690   0.25 10.85  ? 1382 CYS A C   1 
ATOM   570  C C   B CYS A 1 91  ? 5.058   -0.438  2.745   0.25 11.89  ? 1382 CYS A C   1 
ATOM   571  O O   A CYS A 1 91  ? 4.409   -1.390  2.425   0.25 10.59  ? 1382 CYS A O   1 
ATOM   572  O O   B CYS A 1 91  ? 4.241   -1.339  2.515   0.25 11.49  ? 1382 CYS A O   1 
ATOM   573  C CB  A CYS A 1 91  ? 7.068   0.051   1.006   0.25 10.13  ? 1382 CYS A CB  1 
ATOM   574  C CB  B CYS A 1 91  ? 6.970   -0.222  1.309   0.25 13.45  ? 1382 CYS A CB  1 
ATOM   575  S SG  A CYS A 1 91  ? 7.101   -1.587  0.243   0.25 10.20  ? 1382 CYS A SG  1 
ATOM   576  S SG  B CYS A 1 91  ? 7.487   0.213   -0.350  0.25 16.45  ? 1382 CYS A SG  1 
ATOM   577  N N   . LYS A 1 92  ? 5.569   -0.173  3.942   1.00 11.56  ? 1383 LYS A N   1 
ATOM   578  C CA  . LYS A 1 92  ? 5.136   -0.965  5.099   1.00 12.24  ? 1383 LYS A CA  1 
ATOM   579  C C   . LYS A 1 92  ? 3.611   -0.835  5.204   1.00 11.77  ? 1383 LYS A C   1 
ATOM   580  O O   . LYS A 1 92  ? 2.932   -1.827  5.463   1.00 11.55  ? 1383 LYS A O   1 
ATOM   581  C CB  . LYS A 1 92  ? 5.857   -0.456  6.341   1.00 13.92  ? 1383 LYS A CB  1 
ATOM   582  C CG  . LYS A 1 92  ? 5.488   -1.206  7.603   1.00 16.93  ? 1383 LYS A CG  1 
ATOM   583  C CD  . LYS A 1 92  ? 6.400   -0.855  8.751   1.00 21.04  ? 1383 LYS A CD  1 
ATOM   584  C CE  . LYS A 1 92  ? 5.702   -1.066  10.088  1.00 29.25  ? 1383 LYS A CE  1 
ATOM   585  N NZ  . LYS A 1 92  ? 6.602   -0.907  11.274  1.00 32.60  ? 1383 LYS A NZ  1 
ATOM   586  N N   . ASP A 1 93  ? 3.073   0.374   5.083   1.00 10.85  ? 1384 ASP A N   1 
ATOM   587  C CA  . ASP A 1 93  ? 1.609   0.572   5.186   1.00 11.44  ? 1384 ASP A CA  1 
ATOM   588  C C   . ASP A 1 93  ? 0.872   -0.116  4.018   1.00 10.12  ? 1384 ASP A C   1 
ATOM   589  O O   . ASP A 1 93  ? -0.159  -0.731  4.243   1.00 10.27  ? 1384 ASP A O   1 
ATOM   590  C CB  . ASP A 1 93  ? 1.244   2.040   5.286   1.00 11.72  ? 1384 ASP A CB  1 
ATOM   591  C CG  . ASP A 1 93  ? 1.465   2.675   6.637   1.00 15.15  ? 1384 ASP A CG  1 
ATOM   592  O OD1 . ASP A 1 93  ? 1.780   1.906   7.581   1.00 16.76  ? 1384 ASP A OD1 1 
ATOM   593  O OD2 . ASP A 1 93  ? 1.324   3.907   6.738   1.00 14.73  ? 1384 ASP A OD2 1 
ATOM   594  N N   . VAL A 1 94  ? 1.371   0.006   2.794   1.00 9.76   ? 1385 VAL A N   1 
ATOM   595  C CA  . VAL A 1 94  ? 0.688   -0.685  1.667   1.00 9.32   ? 1385 VAL A CA  1 
ATOM   596  C C   . VAL A 1 94  ? 0.717   -2.204  1.893   1.00 10.02  ? 1385 VAL A C   1 
ATOM   597  O O   . VAL A 1 94  ? -0.291  -2.878  1.711   1.00 10.66  ? 1385 VAL A O   1 
ATOM   598  C CB  . VAL A 1 94  ? 1.336   -0.284  0.340   1.00 10.37  ? 1385 VAL A CB  1 
ATOM   599  C CG1 . VAL A 1 94  ? 0.814   -1.154  -0.783  1.00 10.34  ? 1385 VAL A CG1 1 
ATOM   600  C CG2 . VAL A 1 94  ? 1.061   1.181   0.030   1.00 10.57  ? 1385 VAL A CG2 1 
ATOM   601  N N   . ARG A 1 95  ? 1.848   -2.739  2.363   1.00 9.54   ? 1386 ARG A N   1 
ATOM   602  C CA  . ARG A 1 95  ? 1.922   -4.185  2.592   1.00 10.25  ? 1386 ARG A CA  1 
ATOM   603  C C   . ARG A 1 95  ? 0.945   -4.578  3.689   1.00 10.03  ? 1386 ARG A C   1 
ATOM   604  O O   . ARG A 1 95  ? 0.433   -5.691  3.613   1.00 10.86  ? 1386 ARG A O   1 
ATOM   605  C CB  . ARG A 1 95  ? 3.362   -4.571  2.908   1.00 11.09  ? 1386 ARG A CB  1 
ATOM   606  C CG  . ARG A 1 95  ? 4.210   -4.564  1.639   1.00 12.30  ? 1386 ARG A CG  1 
ATOM   607  C CD  . ARG A 1 95  ? 5.676   -4.660  1.949   1.00 14.17  ? 1386 ARG A CD  1 
ATOM   608  N NE  . ARG A 1 95  ? 6.459   -4.730  0.735   1.00 14.62  ? 1386 ARG A NE  1 
ATOM   609  C CZ  . ARG A 1 95  ? 7.793   -4.702  0.699   1.00 19.79  ? 1386 ARG A CZ  1 
ATOM   610  N NH1 . ARG A 1 95  ? 8.482   -4.519  1.816   1.00 20.83  ? 1386 ARG A NH1 1 
ATOM   611  N NH2 . ARG A 1 95  ? 8.428   -4.843  -0.458  1.00 22.06  ? 1386 ARG A NH2 1 
ATOM   612  N N   . LEU A 1 96  ? 0.678   -3.726  4.664   1.00 10.36  ? 1387 LEU A N   1 
ATOM   613  C CA  . LEU A 1 96  ? -0.341  -3.992  5.725   1.00 10.65  ? 1387 LEU A CA  1 
ATOM   614  C C   . LEU A 1 96  ? -1.723  -4.113  5.092   1.00 10.74  ? 1387 LEU A C   1 
ATOM   615  O O   . LEU A 1 96  ? -2.507  -4.959  5.535   1.00 11.31  ? 1387 LEU A O   1 
ATOM   616  C CB  . LEU A 1 96  ? -0.268  -2.873  6.749   1.00 11.39  ? 1387 LEU A CB  1 
ATOM   617  C CG  . LEU A 1 96  ? -1.222  -2.937  7.919   1.00 12.75  ? 1387 LEU A CG  1 
ATOM   618  C CD1 . LEU A 1 96  ? -1.034  -4.187  8.697   1.00 13.61  ? 1387 LEU A CD1 1 
ATOM   619  C CD2 . LEU A 1 96  ? -1.041  -1.721  8.797   1.00 12.27  ? 1387 LEU A CD2 1 
ATOM   620  N N   . ILE A 1 97  ? -2.036  -3.314  4.084   1.00 11.42  ? 1388 ILE A N   1 
ATOM   621  C CA  . ILE A 1 97  ? -3.338  -3.499  3.387   1.00 10.47  ? 1388 ILE A CA  1 
ATOM   622  C C   . ILE A 1 97  ? -3.427  -4.938  2.935   1.00 10.68  ? 1388 ILE A C   1 
ATOM   623  O O   . ILE A 1 97  ? -4.479  -5.583  3.109   1.00 11.84  ? 1388 ILE A O   1 
ATOM   624  C CB  . ILE A 1 97  ? -3.486  -2.526  2.200   1.00 11.20  ? 1388 ILE A CB  1 
ATOM   625  C CG1 . ILE A 1 97  ? -3.441  -1.073  2.675   1.00 10.62  ? 1388 ILE A CG1 1 
ATOM   626  C CG2 . ILE A 1 97  ? -4.750  -2.805  1.423   1.00 12.09  ? 1388 ILE A CG2 1 
ATOM   627  C CD1 . ILE A 1 97  ? -3.302  -0.038  1.581   1.00 10.74  ? 1388 ILE A CD1 1 
ATOM   628  N N   . PHE A 1 98  ? -2.369  -5.457  2.347   1.00 10.85  ? 1389 PHE A N   1 
ATOM   629  C CA  . PHE A 1 98  ? -2.433  -6.792  1.733   1.00 11.52  ? 1389 PHE A CA  1 
ATOM   630  C C   . PHE A 1 98  ? -2.396  -7.851  2.821   1.00 11.50  ? 1389 PHE A C   1 
ATOM   631  O O   . PHE A 1 98  ? -3.109  -8.868  2.697   1.00 11.69  ? 1389 PHE A O   1 
ATOM   632  C CB  . PHE A 1 98  ? -1.326  -6.956  0.688   1.00 11.20  ? 1389 PHE A CB  1 
ATOM   633  C CG  . PHE A 1 98  ? -1.418  -5.946  -0.423  1.00 11.96  ? 1389 PHE A CG  1 
ATOM   634  C CD1 . PHE A 1 98  ? -2.605  -5.702  -1.089  1.00 14.35  ? 1389 PHE A CD1 1 
ATOM   635  C CD2 . PHE A 1 98  ? -0.273  -5.260  -0.806  1.00 12.70  ? 1389 PHE A CD2 1 
ATOM   636  C CE1 . PHE A 1 98  ? -2.664  -4.746  -2.103  1.00 14.97  ? 1389 PHE A CE1 1 
ATOM   637  C CE2 . PHE A 1 98  ? -0.348  -4.355  -1.862  1.00 13.37  ? 1389 PHE A CE2 1 
ATOM   638  C CZ  . PHE A 1 98  ? -1.527  -4.132  -2.484  1.00 13.79  ? 1389 PHE A CZ  1 
ATOM   639  N N   . SER A 1 99  ? -1.587  -7.682  3.860   1.00 11.68  ? 1390 SER A N   1 
ATOM   640  C CA  . SER A 1 99  ? -1.580  -8.715  4.923   1.00 12.34  ? 1390 SER A CA  1 
ATOM   641  C C   . SER A 1 99  ? -2.927  -8.728  5.644   1.00 12.88  ? 1390 SER A C   1 
ATOM   642  O O   . SER A 1 99  ? -3.376  -9.819  6.065   1.00 12.98  ? 1390 SER A O   1 
ATOM   643  C CB  . SER A 1 99  ? -0.416  -8.523  5.852   1.00 12.25  ? 1390 SER A CB  1 
ATOM   644  O OG  . SER A 1 99  ? -0.431  -7.294  6.473   1.00 14.04  ? 1390 SER A OG  1 
ATOM   645  N N   . ASN A 1 100 ? -3.564  -7.588  5.848   1.00 11.16  ? 1391 ASN A N   1 
ATOM   646  C CA  . ASN A 1 100 ? -4.903  -7.559  6.480   1.00 11.65  ? 1391 ASN A CA  1 
ATOM   647  C C   . ASN A 1 100 ? -5.863  -8.368  5.602   1.00 13.13  ? 1391 ASN A C   1 
ATOM   648  O O   . ASN A 1 100 ? -6.673  -9.138  6.126   1.00 13.12  ? 1391 ASN A O   1 
ATOM   649  C CB  . ASN A 1 100 ? -5.369  -6.152  6.684   1.00 12.32  ? 1391 ASN A CB  1 
ATOM   650  C CG  . ASN A 1 100 ? -4.707  -5.408  7.813   1.00 11.24  ? 1391 ASN A CG  1 
ATOM   651  O OD1 . ASN A 1 100 ? -3.983  -5.993  8.609   1.00 13.19  ? 1391 ASN A OD1 1 
ATOM   652  N ND2 . ASN A 1 100 ? -4.956  -4.124  7.836   1.00 13.62  ? 1391 ASN A ND2 1 
ATOM   653  N N   . SER A 1 101 ? -5.827  -8.204  4.291   1.00 12.62  ? 1392 SER A N   1 
ATOM   654  C CA  . SER A 1 101 ? -6.748  -8.950  3.405   1.00 13.05  ? 1392 SER A CA  1 
ATOM   655  C C   . SER A 1 101 ? -6.468  -10.443 3.521   1.00 13.75  ? 1392 SER A C   1 
ATOM   656  O O   . SER A 1 101 ? -7.417  -11.257 3.631   1.00 14.61  ? 1392 SER A O   1 
ATOM   657  C CB  . SER A 1 101 ? -6.611  -8.420  1.978   1.00 12.94  ? 1392 SER A CB  1 
ATOM   658  O OG  . SER A 1 101 ? -7.569  -9.057  1.139   1.00 14.93  ? 1392 SER A OG  1 
ATOM   659  N N   . LYS A 1 102 ? -5.217  -10.859 3.594   1.00 13.49  ? 1393 LYS A N   1 
ATOM   660  C CA  . LYS A 1 102 ? -4.872  -12.297 3.721   1.00 14.05  ? 1393 LYS A CA  1 
ATOM   661  C C   . LYS A 1 102 ? -5.340  -12.809 5.084   1.00 15.81  ? 1393 LYS A C   1 
ATOM   662  O O   . LYS A 1 102 ? -5.807  -13.955 5.136   1.00 17.07  ? 1393 LYS A O   1 
ATOM   663  C CB  . LYS A 1 102 ? -3.373  -12.476 3.552   1.00 14.77  ? 1393 LYS A CB  1 
ATOM   664  C CG  . LYS A 1 102 ? -2.911  -13.923 3.467   1.00 16.82  ? 1393 LYS A CG  1 
ATOM   665  C CD  . LYS A 1 102 ? -1.458  -14.012 3.165   1.00 19.07  ? 1393 LYS A CD  1 
ATOM   666  C CE  . LYS A 1 102 ? -1.012  -15.443 2.929   1.00 20.85  ? 1393 LYS A CE  1 
ATOM   667  N NZ  . LYS A 1 102 ? 0.386   -15.485 2.440   1.00 24.51  ? 1393 LYS A NZ  1 
ATOM   668  N N   . ALA A 1 103 ? -5.211  -12.012 6.133   1.00 14.73  ? 1394 ALA A N   1 
ATOM   669  C CA  . ALA A 1 103 ? -5.645  -12.438 7.481   1.00 16.13  ? 1394 ALA A CA  1 
ATOM   670  C C   . ALA A 1 103 ? -7.169  -12.541 7.528   1.00 15.70  ? 1394 ALA A C   1 
ATOM   671  O O   . ALA A 1 103 ? -7.706  -13.460 8.210   1.00 17.35  ? 1394 ALA A O   1 
ATOM   672  C CB  . ALA A 1 103 ? -5.132  -11.478 8.510   1.00 16.06  ? 1394 ALA A CB  1 
ATOM   673  N N   . TYR A 1 104 ? -7.897  -11.626 6.891   1.00 15.14  ? 1395 TYR A N   1 
ATOM   674  C CA  . TYR A 1 104 ? -9.384  -11.555 7.004   1.00 16.23  ? 1395 TYR A CA  1 
ATOM   675  C C   . TYR A 1 104 ? -10.105 -12.549 6.080   1.00 16.46  ? 1395 TYR A C   1 
ATOM   676  O O   . TYR A 1 104 ? -11.253 -12.903 6.354   1.00 15.54  ? 1395 TYR A O   1 
ATOM   677  C CB  . TYR A 1 104 ? -9.910  -10.141 6.844   1.00 17.16  ? 1395 TYR A CB  1 
ATOM   678  C CG  . TYR A 1 104 ? -11.355 -10.041 7.256   1.00 17.50  ? 1395 TYR A CG  1 
ATOM   679  C CD1 . TYR A 1 104 ? -11.734 -10.157 8.578   1.00 18.28  ? 1395 TYR A CD1 1 
ATOM   680  C CD2 . TYR A 1 104 ? -12.334 -9.925  6.301   1.00 21.67  ? 1395 TYR A CD2 1 
ATOM   681  C CE1 . TYR A 1 104 ? -13.072 -10.141 8.965   1.00 20.29  ? 1395 TYR A CE1 1 
ATOM   682  C CE2 . TYR A 1 104 ? -13.668 -9.891  6.655   1.00 21.47  ? 1395 TYR A CE2 1 
ATOM   683  C CZ  . TYR A 1 104 ? -14.038 -9.961  7.987   1.00 21.26  ? 1395 TYR A CZ  1 
ATOM   684  O OH  . TYR A 1 104 ? -15.365 -9.942  8.327   1.00 23.30  ? 1395 TYR A OH  1 
ATOM   685  N N   . THR A 1 105 ? -9.433  -13.025 5.021   0.43 16.84  ? 1396 THR A N   1 
ATOM   686  C CA  . THR A 1 105 ? -10.024 -13.899 3.969   0.43 17.54  ? 1396 THR A CA  1 
ATOM   687  C C   . THR A 1 105 ? -10.448 -15.242 4.570   0.43 18.64  ? 1396 THR A C   1 
ATOM   688  O O   . THR A 1 105 ? -9.635  -15.944 5.184   0.43 18.44  ? 1396 THR A O   1 
ATOM   689  C CB  . THR A 1 105 ? -9.081  -14.093 2.770   0.43 17.70  ? 1396 THR A CB  1 
ATOM   690  O OG1 . THR A 1 105 ? -9.814  -14.725 1.718   0.43 17.94  ? 1396 THR A OG1 1 
ATOM   691  C CG2 . THR A 1 105 ? -7.857  -14.927 3.078   0.43 18.15  ? 1396 THR A CG2 1 
ATOM   692  N N   . PRO A 1 106 ? -11.709 -15.687 4.351   1.00 19.33  ? 1397 PRO A N   1 
ATOM   693  C CA  . PRO A 1 106 ? -12.102 -17.017 4.809   1.00 20.45  ? 1397 PRO A CA  1 
ATOM   694  C C   . PRO A 1 106 ? -11.563 -18.113 3.893   1.00 21.05  ? 1397 PRO A C   1 
ATOM   695  O O   . PRO A 1 106 ? -11.618 -19.275 4.249   1.00 22.66  ? 1397 PRO A O   1 
ATOM   696  C CB  . PRO A 1 106 ? -13.636 -16.968 4.734   1.00 22.84  ? 1397 PRO A CB  1 
ATOM   697  C CG  . PRO A 1 106 ? -13.970 -15.933 3.656   1.00 22.54  ? 1397 PRO A CG  1 
ATOM   698  C CD  . PRO A 1 106 ? -12.789 -14.976 3.640   1.00 20.19  ? 1397 PRO A CD  1 
ATOM   699  N N   . SER A 1 107 ? -11.103 -17.729 2.692   0.43 20.13  ? 1398 SER A N   1 
ATOM   700  C CA  . SER A 1 107 ? -10.614 -18.633 1.616   0.43 20.29  ? 1398 SER A CA  1 
ATOM   701  C C   . SER A 1 107 ? -9.491  -17.974 0.812   0.43 20.52  ? 1398 SER A C   1 
ATOM   702  O O   . SER A 1 107 ? -9.564  -16.761 0.566   0.43 20.16  ? 1398 SER A O   1 
ATOM   703  C CB  . SER A 1 107 ? -11.728 -19.020 0.684   0.43 20.60  ? 1398 SER A CB  1 
ATOM   704  O OG  . SER A 1 107 ? -11.298 -20.038 -0.197  0.43 20.42  ? 1398 SER A OG  1 
ATOM   705  N N   . LYS A 1 108 ? -8.538  -18.777 0.337   1.00 22.08  ? 1399 LYS A N   1 
ATOM   706  C CA  . LYS A 1 108 ? -7.456  -18.286 -0.548  1.00 24.24  ? 1399 LYS A CA  1 
ATOM   707  C C   . LYS A 1 108 ? -8.068  -18.063 -1.937  1.00 25.32  ? 1399 LYS A C   1 
ATOM   708  O O   . LYS A 1 108 ? -7.405  -17.415 -2.741  1.00 25.60  ? 1399 LYS A O   1 
ATOM   709  C CB  . LYS A 1 108 ? -6.235  -19.209 -0.439  1.00 30.37  ? 1399 LYS A CB  1 
ATOM   710  C CG  . LYS A 1 108 ? -5.551  -19.059 0.923   1.00 35.76  ? 1399 LYS A CG  1 
ATOM   711  C CD  . LYS A 1 108 ? -4.123  -19.533 1.028   1.00 42.03  ? 1399 LYS A CD  1 
ATOM   712  C CE  . LYS A 1 108 ? -3.416  -18.927 2.224   1.00 43.10  ? 1399 LYS A CE  1 
ATOM   713  N NZ  . LYS A 1 108 ? -2.036  -19.459 2.364   1.00 45.32  ? 1399 LYS A NZ  1 
ATOM   714  N N   . ARG A 1 109 ? -9.303  -18.528 -2.180  1.00 23.79  ? 1400 ARG A N   1 
ATOM   715  C CA  . ARG A 1 109 ? -10.045 -18.387 -3.463  1.00 26.61  ? 1400 ARG A CA  1 
ATOM   716  C C   . ARG A 1 109 ? -11.038 -17.216 -3.451  1.00 22.95  ? 1400 ARG A C   1 
ATOM   717  O O   . ARG A 1 109 ? -11.749 -17.053 -4.421  1.00 30.94  ? 1400 ARG A O   1 
ATOM   718  C CB  . ARG A 1 109 ? -10.814 -19.685 -3.772  1.00 32.02  ? 1400 ARG A CB  1 
ATOM   719  C CG  . ARG A 1 109 ? -9.914  -20.882 -4.052  1.00 38.81  ? 1400 ARG A CG  1 
ATOM   720  C CD  . ARG A 1 109 ? -10.701 -22.161 -4.297  1.00 45.11  ? 1400 ARG A CD  1 
ATOM   721  N NE  . ARG A 1 109 ? -11.487 -22.144 -5.535  1.00 50.97  ? 1400 ARG A NE  1 
ATOM   722  C CZ  . ARG A 1 109 ? -12.813 -21.954 -5.632  1.00 56.83  ? 1400 ARG A CZ  1 
ATOM   723  N NH1 . ARG A 1 109 ? -13.562 -21.742 -4.555  1.00 59.44  ? 1400 ARG A NH1 1 
ATOM   724  N NH2 . ARG A 1 109 ? -13.388 -21.973 -6.827  1.00 53.85  ? 1400 ARG A NH2 1 
ATOM   725  N N   . SER A 1 110 ? -11.079 -16.456 -2.352  0.43 22.16  ? 1401 SER A N   1 
ATOM   726  C CA  . SER A 1 110 ? -11.931 -15.252 -2.153  0.43 19.76  ? 1401 SER A CA  1 
ATOM   727  C C   . SER A 1 110 ? -11.803 -14.287 -3.341  0.43 18.51  ? 1401 SER A C   1 
ATOM   728  O O   . SER A 1 110 ? -10.684 -14.152 -3.894  0.43 17.77  ? 1401 SER A O   1 
ATOM   729  C CB  . SER A 1 110 ? -11.555 -14.573 -0.859  0.43 20.37  ? 1401 SER A CB  1 
ATOM   730  O OG  . SER A 1 110 ? -11.889 -13.196 -0.873  0.43 19.75  ? 1401 SER A OG  1 
ATOM   731  N N   . ARG A 1 111 ? -12.894 -13.613 -3.716  1.00 17.25  ? 1402 ARG A N   1 
ATOM   732  C CA  . ARG A 1 111 ? -12.824 -12.540 -4.741  1.00 16.81  ? 1402 ARG A CA  1 
ATOM   733  C C   . ARG A 1 111 ? -11.915 -11.419 -4.254  1.00 15.82  ? 1402 ARG A C   1 
ATOM   734  O O   . ARG A 1 111 ? -10.966 -11.057 -4.966  1.00 15.58  ? 1402 ARG A O   1 
ATOM   735  C CB  . ARG A 1 111 ? -14.218 -11.953 -4.980  1.00 17.98  ? 1402 ARG A CB  1 
ATOM   736  C CG  . ARG A 1 111 ? -14.247 -10.803 -5.973  1.00 18.38  ? 1402 ARG A CG  1 
ATOM   737  C CD  . ARG A 1 111 ? -14.040 -11.325 -7.383  1.00 21.01  ? 1402 ARG A CD  1 
ATOM   738  N NE  . ARG A 1 111 ? -13.697 -10.323 -8.374  1.00 25.16  ? 1402 ARG A NE  1 
ATOM   739  C CZ  . ARG A 1 111 ? -14.541 -9.516  -8.992  1.00 26.82  ? 1402 ARG A CZ  1 
ATOM   740  N NH1 . ARG A 1 111 ? -15.842 -9.597  -8.786  1.00 26.32  ? 1402 ARG A NH1 1 
ATOM   741  N NH2 . ARG A 1 111 ? -14.077 -8.629  -9.858  1.00 32.58  ? 1402 ARG A NH2 1 
ATOM   742  N N   . ILE A 1 112 ? -12.188 -10.888 -3.071  0.43 14.68  ? 1403 ILE A N   1 
ATOM   743  C CA  . ILE A 1 112 ? -11.485 -9.666  -2.568  0.43 14.44  ? 1403 ILE A CA  1 
ATOM   744  C C   . ILE A 1 112 ? -10.028 -10.021 -2.241  0.43 14.46  ? 1403 ILE A C   1 
ATOM   745  O O   . ILE A 1 112 ? -9.153  -9.193  -2.559  0.43 13.51  ? 1403 ILE A O   1 
ATOM   746  C CB  . ILE A 1 112 ? -12.266 -9.005  -1.415  0.43 14.76  ? 1403 ILE A CB  1 
ATOM   747  C CG1 . ILE A 1 112 ? -13.571 -8.406  -1.957  0.43 14.56  ? 1403 ILE A CG1 1 
ATOM   748  C CG2 . ILE A 1 112 ? -11.423 -7.949  -0.712  0.43 14.90  ? 1403 ILE A CG2 1 
ATOM   749  C CD1 . ILE A 1 112 ? -14.664 -8.224  -0.927  0.43 14.53  ? 1403 ILE A CD1 1 
ATOM   750  N N   . TYR A 1 113 ? -9.746  -11.228 -1.735  1.00 14.33  ? 1404 TYR A N   1 
ATOM   751  C CA  . TYR A 1 113 ? -8.352  -11.667 -1.522  1.00 14.23  ? 1404 TYR A CA  1 
ATOM   752  C C   . TYR A 1 113 ? -7.627  -11.818 -2.865  1.00 14.72  ? 1404 TYR A C   1 
ATOM   753  O O   . TYR A 1 113 ? -6.483  -11.411 -2.990  1.00 13.92  ? 1404 TYR A O   1 
ATOM   754  C CB  . TYR A 1 113 ? -8.286  -12.959 -0.709  1.00 15.19  ? 1404 TYR A CB  1 
ATOM   755  C CG  . TYR A 1 113 ? -6.894  -13.490 -0.534  1.00 14.86  ? 1404 TYR A CG  1 
ATOM   756  C CD1 . TYR A 1 113 ? -5.930  -12.763 0.142   1.00 16.71  ? 1404 TYR A CD1 1 
ATOM   757  C CD2 . TYR A 1 113 ? -6.564  -14.750 -1.046  1.00 14.95  ? 1404 TYR A CD2 1 
ATOM   758  C CE1 . TYR A 1 113 ? -4.644  -13.263 0.283   1.00 15.30  ? 1404 TYR A CE1 1 
ATOM   759  C CE2 . TYR A 1 113 ? -5.295  -15.258 -0.907  1.00 16.80  ? 1404 TYR A CE2 1 
ATOM   760  C CZ  . TYR A 1 113 ? -4.344  -14.524 -0.211  1.00 15.67  ? 1404 TYR A CZ  1 
ATOM   761  O OH  . TYR A 1 113 ? -3.095  -15.075 -0.079  1.00 19.26  ? 1404 TYR A OH  1 
ATOM   762  N N   A SER A 1 114 ? -8.276  -12.395 -3.876  0.22 14.77  ? 1405 SER A N   1 
ATOM   763  N N   B SER A 1 114 ? -8.285  -12.384 -3.875  0.21 14.79  ? 1405 SER A N   1 
ATOM   764  C CA  A SER A 1 114 ? -7.668  -12.566 -5.221  0.22 15.04  ? 1405 SER A CA  1 
ATOM   765  C CA  B SER A 1 114 ? -7.680  -12.569 -5.218  0.21 15.07  ? 1405 SER A CA  1 
ATOM   766  C C   A SER A 1 114 ? -7.334  -11.192 -5.817  0.22 14.32  ? 1405 SER A C   1 
ATOM   767  C C   B SER A 1 114 ? -7.355  -11.204 -5.844  0.21 14.39  ? 1405 SER A C   1 
ATOM   768  O O   A SER A 1 114 ? -6.284  -11.073 -6.488  0.22 13.47  ? 1405 SER A O   1 
ATOM   769  O O   B SER A 1 114 ? -6.318  -11.099 -6.540  0.21 13.57  ? 1405 SER A O   1 
ATOM   770  C CB  A SER A 1 114 ? -8.557  -13.345 -6.143  0.22 15.64  ? 1405 SER A CB  1 
ATOM   771  C CB  B SER A 1 114 ? -8.566  -13.398 -6.100  0.21 15.68  ? 1405 SER A CB  1 
ATOM   772  O OG  A SER A 1 114 ? -9.632  -12.542 -6.588  0.22 16.60  ? 1405 SER A OG  1 
ATOM   773  O OG  B SER A 1 114 ? -8.611  -14.735 -5.620  0.21 16.54  ? 1405 SER A OG  1 
ATOM   774  N N   . MET A 1 115 ? -8.210  -10.201 -5.640  1.00 13.79  ? 1406 MET A N   1 
ATOM   775  C CA  . MET A 1 115 ? -7.942  -8.810  -6.088  1.00 13.12  ? 1406 MET A CA  1 
ATOM   776  C C   . MET A 1 115 ? -6.699  -8.289  -5.352  1.00 11.69  ? 1406 MET A C   1 
ATOM   777  O O   . MET A 1 115 ? -5.822  -7.686  -5.981  1.00 11.51  ? 1406 MET A O   1 
ATOM   778  C CB  . MET A 1 115 ? -9.140  -7.942  -5.784  1.00 13.62  ? 1406 MET A CB  1 
ATOM   779  C CG  . MET A 1 115 ? -10.312 -8.254  -6.686  1.00 14.50  ? 1406 MET A CG  1 
ATOM   780  S SD  . MET A 1 115 ? -11.848 -7.575  -6.086  1.00 18.21  ? 1406 MET A SD  1 
ATOM   781  C CE  . MET A 1 115 ? -11.729 -5.942  -6.720  1.00 17.64  ? 1406 MET A CE  1 
ATOM   782  N N   . SER A 1 116 ? -6.567  -8.596  -4.056  1.00 11.81  ? 1407 SER A N   1 
ATOM   783  C CA  . SER A 1 116 ? -5.410  -8.133  -3.258  1.00 12.26  ? 1407 SER A CA  1 
ATOM   784  C C   . SER A 1 116 ? -4.135  -8.729  -3.831  1.00 11.93  ? 1407 SER A C   1 
ATOM   785  O O   . SER A 1 116 ? -3.128  -8.052  -3.857  1.00 12.31  ? 1407 SER A O   1 
ATOM   786  C CB  . SER A 1 116 ? -5.568  -8.433  -1.756  1.00 13.28  ? 1407 SER A CB  1 
ATOM   787  O OG  . SER A 1 116 ? -5.138  -9.718  -1.431  1.00 14.42  ? 1407 SER A OG  1 
ATOM   788  N N   . LEU A 1 117 ? -4.128  -9.994  -4.248  1.00 11.63  ? 1408 LEU A N   1 
ATOM   789  C CA  . LEU A 1 117 ? -2.880  -10.612 -4.724  1.00 12.63  ? 1408 LEU A CA  1 
ATOM   790  C C   . LEU A 1 117 ? -2.453  -9.985  -6.048  1.00 11.71  ? 1408 LEU A C   1 
ATOM   791  O O   . LEU A 1 117 ? -1.257  -9.768  -6.233  1.00 12.47  ? 1408 LEU A O   1 
ATOM   792  C CB  . LEU A 1 117 ? -3.080  -12.114 -4.860  1.00 13.51  ? 1408 LEU A CB  1 
ATOM   793  C CG  . LEU A 1 117 ? -3.299  -12.872 -3.553  1.00 15.11  ? 1408 LEU A CG  1 
ATOM   794  C CD1 . LEU A 1 117 ? -3.426  -14.336 -3.850  1.00 17.51  ? 1408 LEU A CD1 1 
ATOM   795  C CD2 . LEU A 1 117 ? -2.173  -12.632 -2.574  1.00 17.47  ? 1408 LEU A CD2 1 
ATOM   796  N N   . ARG A 1 118 ? -3.402  -9.681  -6.939  1.00 11.83  ? 1409 ARG A N   1 
ATOM   797  C CA  . ARG A 1 118 ? -3.019  -9.038  -8.212  1.00 12.25  ? 1409 ARG A CA  1 
ATOM   798  C C   . ARG A 1 118 ? -2.507  -7.633  -7.922  1.00 12.60  ? 1409 ARG A C   1 
ATOM   799  O O   . ARG A 1 118 ? -1.469  -7.195  -8.511  1.00 12.35  ? 1409 ARG A O   1 
ATOM   800  C CB  . ARG A 1 118 ? -4.225  -8.981  -9.144  1.00 12.01  ? 1409 ARG A CB  1 
ATOM   801  C CG  . ARG A 1 118 ? -4.565  -10.348 -9.747  1.00 12.89  ? 1409 ARG A CG  1 
ATOM   802  C CD  . ARG A 1 118 ? -5.580  -10.215 -10.866 1.00 13.96  ? 1409 ARG A CD  1 
ATOM   803  N NE  . ARG A 1 118 ? -6.826  -9.665  -10.440 1.00 14.07  ? 1409 ARG A NE  1 
ATOM   804  C CZ  . ARG A 1 118 ? -7.936  -10.331 -10.133 1.00 15.56  ? 1409 ARG A CZ  1 
ATOM   805  N NH1 . ARG A 1 118 ? -7.943  -11.636 -10.153 1.00 17.04  ? 1409 ARG A NH1 1 
ATOM   806  N NH2 . ARG A 1 118 ? -9.002  -9.659  -9.724  1.00 16.23  ? 1409 ARG A NH2 1 
ATOM   807  N N   . LEU A 1 119 ? -3.194  -6.891  -7.077  1.00 11.87  ? 1410 LEU A N   1 
ATOM   808  C CA  . LEU A 1 119 ? -2.790  -5.516  -6.774  1.00 11.91  ? 1410 LEU A CA  1 
ATOM   809  C C   . LEU A 1 119 ? -1.438  -5.503  -6.081  1.00 11.31  ? 1410 LEU A C   1 
ATOM   810  O O   . LEU A 1 119 ? -0.598  -4.642  -6.399  1.00 11.13  ? 1410 LEU A O   1 
ATOM   811  C CB  . LEU A 1 119 ? -3.870  -4.882  -5.923  1.00 13.30  ? 1410 LEU A CB  1 
ATOM   812  C CG  . LEU A 1 119 ? -3.781  -3.365  -5.874  1.00 15.37  ? 1410 LEU A CG  1 
ATOM   813  C CD1 . LEU A 1 119 ? -4.033  -2.778  -7.253  1.00 15.97  ? 1410 LEU A CD1 1 
ATOM   814  C CD2 . LEU A 1 119 ? -4.812  -2.812  -4.924  1.00 14.83  ? 1410 LEU A CD2 1 
ATOM   815  N N   . SER A 1 120 ? -1.175  -6.469  -5.204  1.00 10.27  ? 1411 SER A N   1 
ATOM   816  C CA  . SER A 1 120 ? 0.118   -6.590  -4.517  1.00 11.18  ? 1411 SER A CA  1 
ATOM   817  C C   . SER A 1 120 ? 1.203   -6.808  -5.566  1.00 11.35  ? 1411 SER A C   1 
ATOM   818  O O   . SER A 1 120 ? 2.287   -6.200  -5.473  1.00 12.05  ? 1411 SER A O   1 
ATOM   819  C CB  . SER A 1 120 ? 0.075   -7.704  -3.511  1.00 12.04  ? 1411 SER A CB  1 
ATOM   820  O OG  . SER A 1 120 ? 1.380   -7.948  -2.962  1.00 13.64  ? 1411 SER A OG  1 
ATOM   821  N N   . ALA A 1 121 ? 1.006   -7.710  -6.521  1.00 11.03  ? 1412 ALA A N   1 
ATOM   822  C CA  . ALA A 1 121 ? 2.037   -7.970  -7.545  1.00 11.54  ? 1412 ALA A CA  1 
ATOM   823  C C   . ALA A 1 121 ? 2.314   -6.717  -8.349  1.00 10.81  ? 1412 ALA A C   1 
ATOM   824  O O   . ALA A 1 121 ? 3.492   -6.396  -8.611  1.00 11.26  ? 1412 ALA A O   1 
ATOM   825  C CB  . ALA A 1 121 ? 1.575   -9.089  -8.429  1.00 12.66  ? 1412 ALA A CB  1 
ATOM   826  N N   . PHE A 1 122 ? 1.276   -5.964  -8.693  1.00 11.44  ? 1413 PHE A N   1 
ATOM   827  C CA  . PHE A 1 122 ? 1.422   -4.688  -9.430  1.00 11.25  ? 1413 PHE A CA  1 
ATOM   828  C C   . PHE A 1 122 ? 2.212   -3.683  -8.584  1.00 11.94  ? 1413 PHE A C   1 
ATOM   829  O O   . PHE A 1 122 ? 3.149   -3.038  -9.059  1.00 12.29  ? 1413 PHE A O   1 
ATOM   830  C CB  . PHE A 1 122 ? 0.034   -4.172  -9.780  1.00 12.03  ? 1413 PHE A CB  1 
ATOM   831  C CG  . PHE A 1 122 ? 0.034   -2.831  -10.463 1.00 14.46  ? 1413 PHE A CG  1 
ATOM   832  C CD1 . PHE A 1 122 ? 0.372   -2.699  -11.799 1.00 16.79  ? 1413 PHE A CD1 1 
ATOM   833  C CD2 . PHE A 1 122 ? -0.159  -1.665  -9.737  1.00 14.62  ? 1413 PHE A CD2 1 
ATOM   834  C CE1 . PHE A 1 122 ? 0.421   -1.456  -12.422 1.00 18.24  ? 1413 PHE A CE1 1 
ATOM   835  C CE2 . PHE A 1 122 ? -0.157  -0.425  -10.380 1.00 17.08  ? 1413 PHE A CE2 1 
ATOM   836  C CZ  . PHE A 1 122 ? 0.146   -0.323  -11.714 1.00 18.44  ? 1413 PHE A CZ  1 
ATOM   837  N N   . PHE A 1 123 ? 1.828   -3.531  -7.328  1.00 11.32  ? 1414 PHE A N   1 
ATOM   838  C CA  . PHE A 1 123 ? 2.530   -2.613  -6.426  1.00 11.31  ? 1414 PHE A CA  1 
ATOM   839  C C   . PHE A 1 123 ? 4.000   -2.998  -6.283  1.00 11.11  ? 1414 PHE A C   1 
ATOM   840  O O   . PHE A 1 123 ? 4.896   -2.105  -6.417  1.00 11.31  ? 1414 PHE A O   1 
ATOM   841  C CB  . PHE A 1 123 ? 1.844   -2.594  -5.053  1.00 11.01  ? 1414 PHE A CB  1 
ATOM   842  C CG  . PHE A 1 123 ? 2.599   -1.759  -4.033  1.00 10.83  ? 1414 PHE A CG  1 
ATOM   843  C CD1 . PHE A 1 123 ? 2.571   -0.376  -4.046  1.00 11.01  ? 1414 PHE A CD1 1 
ATOM   844  C CD2 . PHE A 1 123 ? 3.399   -2.391  -3.077  1.00 11.31  ? 1414 PHE A CD2 1 
ATOM   845  C CE1 . PHE A 1 123 ? 3.332   0.354   -3.129  1.00 11.95  ? 1414 PHE A CE1 1 
ATOM   846  C CE2 . PHE A 1 123 ? 4.121   -1.645  -2.152  1.00 12.55  ? 1414 PHE A CE2 1 
ATOM   847  C CZ  . PHE A 1 123 ? 4.090   -0.296  -2.193  1.00 11.77  ? 1414 PHE A CZ  1 
ATOM   848  N N   . GLU A 1 124 ? 4.313   -4.254  -5.999  1.00 10.63  ? 1415 GLU A N   1 
ATOM   849  C CA  . GLU A 1 124 ? 5.718   -4.672  -5.812  1.00 11.92  ? 1415 GLU A CA  1 
ATOM   850  C C   . GLU A 1 124 ? 6.530   -4.436  -7.085  1.00 11.96  ? 1415 GLU A C   1 
ATOM   851  O O   . GLU A 1 124 ? 7.671   -4.020  -6.988  1.00 13.87  ? 1415 GLU A O   1 
ATOM   852  C CB  . GLU A 1 124 ? 5.766   -6.110  -5.345  1.00 12.79  ? 1415 GLU A CB  1 
ATOM   853  C CG  . GLU A 1 124 ? 5.157   -6.271  -3.951  1.00 14.16  ? 1415 GLU A CG  1 
ATOM   854  C CD  . GLU A 1 124 ? 5.890   -5.582  -2.803  1.00 15.32  ? 1415 GLU A CD  1 
ATOM   855  O OE1 . GLU A 1 124 ? 7.109   -5.350  -2.916  1.00 17.57  ? 1415 GLU A OE1 1 
ATOM   856  O OE2 . GLU A 1 124 ? 5.252   -5.304  -1.784  1.00 15.23  ? 1415 GLU A OE2 1 
ATOM   857  N N   . GLU A 1 125 ? 5.939   -4.676  -8.262  1.00 12.33  ? 1416 GLU A N   1 
ATOM   858  C CA  . GLU A 1 125 ? 6.660   -4.490  -9.546  1.00 13.58  ? 1416 GLU A CA  1 
ATOM   859  C C   . GLU A 1 125 ? 7.052   -3.034  -9.674  1.00 12.98  ? 1416 GLU A C   1 
ATOM   860  O O   . GLU A 1 125 ? 8.144   -2.771  -10.155 1.00 14.33  ? 1416 GLU A O   1 
ATOM   861  C CB  . GLU A 1 125 ? 5.674   -4.895  -10.632 1.00 14.76  ? 1416 GLU A CB  1 
ATOM   862  C CG  . GLU A 1 125 ? 6.116   -4.657  -12.053 1.00 16.84  ? 1416 GLU A CG  1 
ATOM   863  C CD  . GLU A 1 125 ? 5.051   -5.203  -12.997 1.00 18.30  ? 1416 GLU A CD  1 
ATOM   864  O OE1 . GLU A 1 125 ? 4.894   -6.471  -12.997 1.00 19.44  ? 1416 GLU A OE1 1 
ATOM   865  O OE2 . GLU A 1 125 ? 4.313   -4.406  -13.628 1.00 19.59  ? 1416 GLU A OE2 1 
ATOM   866  N N   . HIS A 1 126 ? 6.195   -2.111  -9.256  1.00 12.86  ? 1417 HIS A N   1 
ATOM   867  C CA  . HIS A 1 126 ? 6.416   -0.659  -9.422  1.00 14.63  ? 1417 HIS A CA  1 
ATOM   868  C C   . HIS A 1 126 ? 7.220   -0.041  -8.265  1.00 13.82  ? 1417 HIS A C   1 
ATOM   869  O O   . HIS A 1 126 ? 8.017   0.901   -8.545  1.00 15.69  ? 1417 HIS A O   1 
ATOM   870  C CB  . HIS A 1 126 ? 5.074   0.037   -9.641  1.00 15.72  ? 1417 HIS A CB  1 
ATOM   871  C CG  . HIS A 1 126 ? 4.498   -0.213  -10.990 1.00 19.99  ? 1417 HIS A CG  1 
ATOM   872  N ND1 . HIS A 1 126 ? 4.003   -1.431  -11.382 1.00 21.95  ? 1417 HIS A ND1 1 
ATOM   873  C CD2 . HIS A 1 126 ? 4.357   0.620   -12.040 1.00 25.90  ? 1417 HIS A CD2 1 
ATOM   874  C CE1 . HIS A 1 126 ? 3.651   -1.352  -12.660 1.00 23.70  ? 1417 HIS A CE1 1 
ATOM   875  N NE2 . HIS A 1 126 ? 3.749   -0.093  -13.034 1.00 28.16  ? 1417 HIS A NE2 1 
ATOM   876  N N   . ILE A 1 127 ? 7.095   -0.529  -7.034  1.00 12.80  ? 1418 ILE A N   1 
ATOM   877  C CA  . ILE A 1 127 ? 7.761   0.134   -5.888  1.00 12.74  ? 1418 ILE A CA  1 
ATOM   878  C C   . ILE A 1 127 ? 9.252   -0.190  -5.849  1.00 13.15  ? 1418 ILE A C   1 
ATOM   879  O O   . ILE A 1 127 ? 10.008  0.536   -5.272  1.00 12.89  ? 1418 ILE A O   1 
ATOM   880  C CB  . ILE A 1 127 ? 7.073   -0.233  -4.558  1.00 12.06  ? 1418 ILE A CB  1 
ATOM   881  C CG1 . ILE A 1 127 ? 7.335   0.796   -3.445  1.00 13.96  ? 1418 ILE A CG1 1 
ATOM   882  C CG2 . ILE A 1 127 ? 7.473   -1.608  -4.082  1.00 12.44  ? 1418 ILE A CG2 1 
ATOM   883  C CD1 . ILE A 1 127 ? 6.891   2.163   -3.748  1.00 14.62  ? 1418 ILE A CD1 1 
ATOM   884  N N   A SER A 1 128 ? 9.666   -1.296  -6.461  0.25 13.34  ? 1419 SER A N   1 
ATOM   885  N N   B SER A 1 128 ? 9.664   -1.303  -6.467  0.25 13.57  ? 1419 SER A N   1 
ATOM   886  C CA  A SER A 1 128 ? 11.061  -1.785  -6.369  0.25 13.75  ? 1419 SER A CA  1 
ATOM   887  C CA  B SER A 1 128 ? 11.065  -1.795  -6.426  0.25 14.16  ? 1419 SER A CA  1 
ATOM   888  C C   A SER A 1 128 ? 12.057  -0.698  -6.824  0.25 13.48  ? 1419 SER A C   1 
ATOM   889  C C   B SER A 1 128 ? 12.044  -0.676  -6.815  0.25 13.69  ? 1419 SER A C   1 
ATOM   890  O O   A SER A 1 128 ? 13.037  -0.472  -6.093  0.25 13.47  ? 1419 SER A O   1 
ATOM   891  O O   B SER A 1 128 ? 12.998  -0.435  -6.058  0.25 13.62  ? 1419 SER A O   1 
ATOM   892  C CB  A SER A 1 128 ? 11.187  -3.078  -7.131  0.25 14.52  ? 1419 SER A CB  1 
ATOM   893  C CB  B SER A 1 128 ? 11.248  -3.018  -7.300  0.25 15.27  ? 1419 SER A CB  1 
ATOM   894  O OG  A SER A 1 128 ? 10.717  -2.910  -8.453  0.25 15.91  ? 1419 SER A OG  1 
ATOM   895  O OG  B SER A 1 128 ? 12.598  -3.474  -7.220  0.25 17.27  ? 1419 SER A OG  1 
ATOM   896  N N   . SER A 1 129 ? 11.810  -0.013  -7.945  1.00 13.21  ? 1420 SER A N   1 
ATOM   897  C CA  . SER A 1 129 ? 12.752  1.005   -8.458  1.00 14.25  ? 1420 SER A CA  1 
ATOM   898  C C   . SER A 1 129 ? 12.689  2.217   -7.522  1.00 13.59  ? 1420 SER A C   1 
ATOM   899  O O   . SER A 1 129 ? 13.708  2.872   -7.347  1.00 13.80  ? 1420 SER A O   1 
ATOM   900  C CB  . SER A 1 129 ? 12.501  1.392   -9.874  1.00 16.16  ? 1420 SER A CB  1 
ATOM   901  O OG  . SER A 1 129 ? 11.201  1.898   -10.079 1.00 21.19  ? 1420 SER A OG  1 
ATOM   902  N N   . VAL A 1 130 ? 11.492  2.543   -7.009  1.00 12.59  ? 1421 VAL A N   1 
ATOM   903  C CA  . VAL A 1 130 ? 11.365  3.702   -6.091  1.00 12.26  ? 1421 VAL A CA  1 
ATOM   904  C C   . VAL A 1 130 ? 12.262  3.479   -4.882  1.00 12.13  ? 1421 VAL A C   1 
ATOM   905  O O   . VAL A 1 130 ? 13.019  4.408   -4.437  1.00 12.67  ? 1421 VAL A O   1 
ATOM   906  C CB  . VAL A 1 130 ? 9.917   3.890   -5.689  1.00 11.38  ? 1421 VAL A CB  1 
ATOM   907  C CG1 . VAL A 1 130 ? 9.800   5.038   -4.693  1.00 12.27  ? 1421 VAL A CG1 1 
ATOM   908  C CG2 . VAL A 1 130 ? 9.063   4.169   -6.897  1.00 12.32  ? 1421 VAL A CG2 1 
ATOM   909  N N   . LEU A 1 131 ? 12.191  2.303   -4.280  1.00 11.49  ? 1422 LEU A N   1 
ATOM   910  C CA  . LEU A 1 131 ? 13.027  1.975   -3.126  1.00 11.07  ? 1422 LEU A CA  1 
ATOM   911  C C   . LEU A 1 131 ? 14.503  1.990   -3.495  1.00 11.30  ? 1422 LEU A C   1 
ATOM   912  O O   . LEU A 1 131 ? 15.289  2.531   -2.772  1.00 12.63  ? 1422 LEU A O   1 
ATOM   913  C CB  . LEU A 1 131 ? 12.596  0.605   -2.596  1.00 12.30  ? 1422 LEU A CB  1 
ATOM   914  C CG  . LEU A 1 131 ? 11.175  0.534   -2.025  1.00 12.91  ? 1422 LEU A CG  1 
ATOM   915  C CD1 . LEU A 1 131 ? 10.803  -0.910  -1.766  1.00 14.16  ? 1422 LEU A CD1 1 
ATOM   916  C CD2 . LEU A 1 131 ? 11.027  1.407   -0.797  1.00 14.66  ? 1422 LEU A CD2 1 
ATOM   917  N N   . SER A 1 132 ? 14.832  1.315   -4.583  1.00 12.02  ? 1423 SER A N   1 
ATOM   918  C CA  . SER A 1 132 ? 16.249  1.226   -4.999  1.00 12.96  ? 1423 SER A CA  1 
ATOM   919  C C   . SER A 1 132 ? 16.817  2.626   -5.207  1.00 12.78  ? 1423 SER A C   1 
ATOM   920  O O   . SER A 1 132 ? 17.926  2.911   -4.692  1.00 13.40  ? 1423 SER A O   1 
ATOM   921  C CB  . SER A 1 132 ? 16.392  0.403   -6.279  1.00 14.62  ? 1423 SER A CB  1 
ATOM   922  O OG  . SER A 1 132 ? 16.078  -0.929  -6.011  1.00 17.99  ? 1423 SER A OG  1 
ATOM   923  N N   . ASP A 1 133 ? 16.078  3.467   -5.918  1.00 12.95  ? 1424 ASP A N   1 
ATOM   924  C CA  . ASP A 1 133 ? 16.583  4.818   -6.242  1.00 13.50  ? 1424 ASP A CA  1 
ATOM   925  C C   . ASP A 1 133 ? 16.756  5.622   -4.959  1.00 12.75  ? 1424 ASP A C   1 
ATOM   926  O O   . ASP A 1 133 ? 17.734  6.369   -4.798  1.00 13.93  ? 1424 ASP A O   1 
ATOM   927  C CB  . ASP A 1 133 ? 15.696  5.568   -7.224  1.00 14.72  ? 1424 ASP A CB  1 
ATOM   928  C CG  . ASP A 1 133 ? 15.718  5.073   -8.660  1.00 20.20  ? 1424 ASP A CG  1 
ATOM   929  O OD1 . ASP A 1 133 ? 16.451  4.106   -8.954  1.00 20.55  ? 1424 ASP A OD1 1 
ATOM   930  O OD2 . ASP A 1 133 ? 14.985  5.676   -9.460  1.00 25.78  ? 1424 ASP A OD2 1 
ATOM   931  N N   . TYR A 1 134 ? 15.779  5.555   -4.064  1.00 12.15  ? 1425 TYR A N   1 
ATOM   932  C CA  . TYR A 1 134 ? 15.884  6.281   -2.786  1.00 11.16  ? 1425 TYR A CA  1 
ATOM   933  C C   . TYR A 1 134 ? 17.114  5.815   -2.015  1.00 12.25  ? 1425 TYR A C   1 
ATOM   934  O O   . TYR A 1 134 ? 17.868  6.650   -1.495  1.00 11.86  ? 1425 TYR A O   1 
ATOM   935  C CB  . TYR A 1 134 ? 14.614  6.114   -1.933  1.00 10.70  ? 1425 TYR A CB  1 
ATOM   936  C CG  . TYR A 1 134 ? 14.676  6.765   -0.591  1.00 11.20  ? 1425 TYR A CG  1 
ATOM   937  C CD1 . TYR A 1 134 ? 14.520  8.131   -0.479  1.00 13.29  ? 1425 TYR A CD1 1 
ATOM   938  C CD2 . TYR A 1 134 ? 14.994  6.028   0.524   1.00 12.71  ? 1425 TYR A CD2 1 
ATOM   939  C CE1 . TYR A 1 134 ? 14.614  8.762   0.748   1.00 14.78  ? 1425 TYR A CE1 1 
ATOM   940  C CE2 . TYR A 1 134 ? 15.072  6.629   1.755   1.00 13.49  ? 1425 TYR A CE2 1 
ATOM   941  C CZ  . TYR A 1 134 ? 14.890  7.997   1.864   1.00 14.22  ? 1425 TYR A CZ  1 
ATOM   942  O OH  . TYR A 1 134 ? 14.968  8.619   3.084   1.00 18.27  ? 1425 TYR A OH  1 
ATOM   943  N N   . LYS A 1 135 ? 17.287  4.508   -1.834  1.00 12.11  ? 1426 LYS A N   1 
ATOM   944  C CA  . LYS A 1 135 ? 18.391  4.030   -0.985  1.00 12.05  ? 1426 LYS A CA  1 
ATOM   945  C C   . LYS A 1 135 ? 19.720  4.398   -1.654  1.00 11.75  ? 1426 LYS A C   1 
ATOM   946  O O   . LYS A 1 135 ? 20.650  4.736   -0.949  1.00 12.31  ? 1426 LYS A O   1 
ATOM   947  C CB  . LYS A 1 135 ? 18.223  2.523   -0.768  1.00 13.63  ? 1426 LYS A CB  1 
ATOM   948  C CG  . LYS A 1 135 ? 16.960  2.189   0.027   1.00 14.50  ? 1426 LYS A CG  1 
ATOM   949  C CD  . LYS A 1 135 ? 16.771  0.694   0.237   1.00 17.23  ? 1426 LYS A CD  1 
ATOM   950  C CE  . LYS A 1 135 ? 15.444  0.322   0.866   1.00 20.59  ? 1426 LYS A CE  1 
ATOM   951  N NZ  . LYS A 1 135 ? 15.173  -1.101  0.572   1.00 25.71  ? 1426 LYS A NZ  1 
ATOM   952  N N   . SER A 1 136 ? 19.789  4.354   -2.971  1.00 12.16  ? 1427 SER A N   1 
ATOM   953  C CA  . SER A 1 136 ? 21.012  4.782   -3.725  1.00 12.59  ? 1427 SER A CA  1 
ATOM   954  C C   . SER A 1 136 ? 21.290  6.271   -3.486  1.00 12.80  ? 1427 SER A C   1 
ATOM   955  O O   . SER A 1 136 ? 22.437  6.653   -3.227  1.00 12.92  ? 1427 SER A O   1 
ATOM   956  C CB  . SER A 1 136 ? 20.849  4.476   -5.174  1.00 15.10  ? 1427 SER A CB  1 
ATOM   957  O OG  . SER A 1 136 ? 21.869  5.145   -5.918  1.00 21.33  ? 1427 SER A OG  1 
ATOM   958  N N   . ALA A 1 137 ? 20.252  7.087   -3.501  1.00 13.22  ? 1428 ALA A N   1 
ATOM   959  C CA  . ALA A 1 137 ? 20.387  8.540   -3.280  1.00 13.78  ? 1428 ALA A CA  1 
ATOM   960  C C   . ALA A 1 137 ? 20.897  8.812   -1.895  1.00 13.73  ? 1428 ALA A C   1 
ATOM   961  O O   . ALA A 1 137 ? 21.741  9.699   -1.700  1.00 14.95  ? 1428 ALA A O   1 
ATOM   962  C CB  . ALA A 1 137 ? 19.058  9.244   -3.486  1.00 15.73  ? 1428 ALA A CB  1 
ATOM   963  N N   . LEU A 1 138 ? 20.397  8.093   -0.896  0.50 13.77  ? 1429 LEU A N   1 
ATOM   964  C CA  . LEU A 1 138 ? 20.832  8.306   0.497   0.50 15.32  ? 1429 LEU A CA  1 
ATOM   965  C C   . LEU A 1 138 ? 22.279  7.841   0.644   0.50 14.44  ? 1429 LEU A C   1 
ATOM   966  O O   . LEU A 1 138 ? 23.052  8.516   1.342   0.50 14.33  ? 1429 LEU A O   1 
ATOM   967  C CB  . LEU A 1 138 ? 19.888  7.565   1.441   0.50 17.70  ? 1429 LEU A CB  1 
ATOM   968  C CG  . LEU A 1 138 ? 19.522  8.324   2.710   0.50 19.24  ? 1429 LEU A CG  1 
ATOM   969  C CD1 . LEU A 1 138 ? 18.993  9.719   2.403   0.50 19.71  ? 1429 LEU A CD1 1 
ATOM   970  C CD2 . LEU A 1 138 ? 18.505  7.522   3.495   0.50 19.03  ? 1429 LEU A CD2 1 
ATOM   971  N N   . ARG A 1 139 ? 22.647  6.727   0.003   1.00 13.11  ? 1430 ARG A N   1 
ATOM   972  C CA  . ARG A 1 139 ? 24.055  6.284   0.072   1.00 13.51  ? 1430 ARG A CA  1 
ATOM   973  C C   . ARG A 1 139 ? 24.961  7.346   -0.568  1.00 12.19  ? 1430 ARG A C   1 
ATOM   974  O O   . ARG A 1 139 ? 26.013  7.630   0.021   1.00 14.25  ? 1430 ARG A O   1 
ATOM   975  C CB  . ARG A 1 139 ? 24.257  4.941   -0.611  1.00 13.38  ? 1430 ARG A CB  1 
ATOM   976  C CG  . ARG A 1 139 ? 23.607  3.802   0.145   1.00 13.98  ? 1430 ARG A CG  1 
ATOM   977  C CD  . ARG A 1 139 ? 24.016  2.441   -0.398  1.00 15.20  ? 1430 ARG A CD  1 
ATOM   978  N NE  . ARG A 1 139 ? 23.518  2.168   -1.714  1.00 15.24  ? 1430 ARG A NE  1 
ATOM   979  C CZ  . ARG A 1 139 ? 22.402  1.510   -2.055  1.00 13.98  ? 1430 ARG A CZ  1 
ATOM   980  N NH1 . ARG A 1 139 ? 21.555  1.103   -1.117  1.00 16.35  ? 1430 ARG A NH1 1 
ATOM   981  N NH2 . ARG A 1 139 ? 22.158  1.284   -3.327  1.00 15.03  ? 1430 ARG A NH2 1 
ATOM   982  N N   . PHE A 1 140 ? 24.542  7.909   -1.695  1.00 11.52  ? 1431 PHE A N   1 
ATOM   983  C CA  . PHE A 1 140 ? 25.368  8.942   -2.358  1.00 12.45  ? 1431 PHE A CA  1 
ATOM   984  C C   . PHE A 1 140 ? 25.494  10.148  -1.432  1.00 12.55  ? 1431 PHE A C   1 
ATOM   985  O O   . PHE A 1 140 ? 26.569  10.698  -1.243  1.00 13.58  ? 1431 PHE A O   1 
ATOM   986  C CB  . PHE A 1 140 ? 24.771  9.282   -3.711  1.00 12.90  ? 1431 PHE A CB  1 
ATOM   987  C CG  . PHE A 1 140 ? 25.627  10.228  -4.506  1.00 14.48  ? 1431 PHE A CG  1 
ATOM   988  C CD1 . PHE A 1 140 ? 26.771  9.766   -5.169  1.00 17.84  ? 1431 PHE A CD1 1 
ATOM   989  C CD2 . PHE A 1 140 ? 25.327  11.582  -4.563  1.00 15.90  ? 1431 PHE A CD2 1 
ATOM   990  C CE1 . PHE A 1 140 ? 27.563  10.634  -5.910  1.00 16.96  ? 1431 PHE A CE1 1 
ATOM   991  C CE2 . PHE A 1 140 ? 26.150  12.455  -5.268  1.00 18.12  ? 1431 PHE A CE2 1 
ATOM   992  C CZ  . PHE A 1 140 ? 27.236  11.969  -5.958  1.00 17.83  ? 1431 PHE A CZ  1 
ATOM   993  N N   . HIS A 1 141 ? 24.384  10.527  -0.801  1.00 14.78  ? 1432 HIS A N   1 
ATOM   994  C CA  . HIS A 1 141 ? 24.399  11.691  0.112   1.00 16.52  ? 1432 HIS A CA  1 
ATOM   995  C C   . HIS A 1 141 ? 25.417  11.503  1.245   1.00 19.67  ? 1432 HIS A C   1 
ATOM   996  O O   . HIS A 1 141 ? 26.094  12.481  1.630   1.00 19.51  ? 1432 HIS A O   1 
ATOM   997  C CB  . HIS A 1 141 ? 22.989  11.918  0.638   1.00 17.07  ? 1432 HIS A CB  1 
ATOM   998  C CG  . HIS A 1 141 ? 22.914  13.179  1.431   1.00 16.46  ? 1432 HIS A CG  1 
ATOM   999  N ND1 . HIS A 1 141 ? 22.918  14.402  0.804   1.00 15.91  ? 1432 HIS A ND1 1 
ATOM   1000 C CD2 . HIS A 1 141 ? 22.810  13.396  2.755   1.00 20.04  ? 1432 HIS A CD2 1 
ATOM   1001 C CE1 . HIS A 1 141 ? 22.830  15.357  1.733   1.00 16.53  ? 1432 HIS A CE1 1 
ATOM   1002 N NE2 . HIS A 1 141 ? 22.752  14.764  2.938   1.00 19.02  ? 1432 HIS A NE2 1 
ATOM   1003 N N   . LYS A 1 142 ? 25.512  10.290  1.793   0.50 19.98  ? 1433 LYS A N   1 
ATOM   1004 C CA  . LYS A 1 142 ? 26.387  9.962   2.949   0.50 23.40  ? 1433 LYS A CA  1 
ATOM   1005 C C   . LYS A 1 142 ? 27.735  9.405   2.479   0.50 24.72  ? 1433 LYS A C   1 
ATOM   1006 O O   . LYS A 1 142 ? 28.444  8.823   3.322   0.50 29.98  ? 1433 LYS A O   1 
ATOM   1007 C CB  . LYS A 1 142 ? 25.681  8.946   3.850   0.50 26.47  ? 1433 LYS A CB  1 
ATOM   1008 C CG  . LYS A 1 142 ? 24.282  9.346   4.303   0.50 28.01  ? 1433 LYS A CG  1 
ATOM   1009 C CD  . LYS A 1 142 ? 23.526  8.195   4.932   0.50 29.90  ? 1433 LYS A CD  1 
ATOM   1010 C CE  . LYS A 1 142 ? 22.036  8.435   5.055   0.50 30.96  ? 1433 LYS A CE  1 
ATOM   1011 N NZ  . LYS A 1 142 ? 21.362  7.278   5.690   0.50 30.33  ? 1433 LYS A NZ  1 
ATOM   1012 N N   . ARG A 1 143 ? 28.080  9.550   1.196   1.00 24.13  ? 1434 ARG A N   1 
ATOM   1013 C CA  . ARG A 1 143 ? 29.319  8.949   0.631   1.00 23.48  ? 1434 ARG A CA  1 
ATOM   1014 C C   . ARG A 1 143 ? 30.592  9.475   1.323   1.00 26.13  ? 1434 ARG A C   1 
ATOM   1015 O O   . ARG A 1 143 ? 30.719  10.628  1.479   1.00 30.30  ? 1434 ARG A O   1 
ATOM   1016 C CB  . ARG A 1 143 ? 29.342  9.096   -0.888  1.00 23.35  ? 1434 ARG A CB  1 
ATOM   1017 C CG  . ARG A 1 143 ? 29.564  10.526  -1.348  1.00 22.83  ? 1434 ARG A CG  1 
ATOM   1018 C CD  . ARG A 1 143 ? 29.297  10.625  -2.809  1.00 23.68  ? 1434 ARG A CD  1 
ATOM   1019 N NE  . ARG A 1 143 ? 29.660  11.934  -3.275  1.00 22.84  ? 1434 ARG A NE  1 
ATOM   1020 C CZ  . ARG A 1 143 ? 28.964  13.038  -3.144  1.00 23.45  ? 1434 ARG A CZ  1 
ATOM   1021 N NH1 . ARG A 1 143 ? 27.818  13.053  -2.471  1.00 20.31  ? 1434 ARG A NH1 1 
ATOM   1022 N NH2 . ARG A 1 143 ? 29.450  14.162  -3.670  1.00 26.52  ? 1434 ARG A NH2 1 
HETATM 1023 N N1  . Y0A B 2 .   ? -13.367 -4.847  2.247   0.43 21.25  ? 1501 Y0A A N1  1 
HETATM 1024 C C4  . Y0A B 2 .   ? -14.225 -3.661  2.458   0.43 23.59  ? 1501 Y0A A C4  1 
HETATM 1025 C C5  . Y0A B 2 .   ? -13.864 -6.171  2.741   0.43 20.73  ? 1501 Y0A A C5  1 
HETATM 1026 C C6  . Y0A B 2 .   ? -12.914 -6.810  3.790   0.43 20.14  ? 1501 Y0A A C6  1 
HETATM 1027 C C7  . Y0A B 2 .   ? -10.824 -7.963  2.822   0.43 19.69  ? 1501 Y0A A C7  1 
HETATM 1028 C C8  . Y0A B 2 .   ? -11.457 -9.271  2.602   0.43 19.58  ? 1501 Y0A A C8  1 
HETATM 1029 C C10 . Y0A B 2 .   ? -11.954 -11.403 2.140   0.43 18.47  ? 1501 Y0A A C10 1 
HETATM 1030 C C13 . Y0A B 2 .   ? -11.894 -4.691  2.075   0.43 20.50  ? 1501 Y0A A C13 1 
HETATM 1031 N N   . Y0A B 2 .   ? -13.755 -2.440  1.998   0.43 23.91  ? 1501 Y0A A N   1 
HETATM 1032 C C   . Y0A B 2 .   ? -13.487 0.843   0.284   0.43 27.83  ? 1501 Y0A A C   1 
HETATM 1033 O O   . Y0A B 2 .   ? -15.353 -3.720  2.973   0.43 23.34  ? 1501 Y0A A O   1 
HETATM 1034 C C1  . Y0A B 2 .   ? -14.349 0.785   1.560   0.43 27.66  ? 1501 Y0A A C1  1 
HETATM 1035 C C11 . Y0A B 2 .   ? -13.094 -10.660 2.204   0.43 20.12  ? 1501 Y0A A C11 1 
HETATM 1036 C C12 . Y0A B 2 .   ? -11.030 -5.493  3.034   0.43 20.22  ? 1501 Y0A A C12 1 
HETATM 1037 C C2  . Y0A B 2 .   ? -15.200 -0.474  1.745   0.43 26.97  ? 1501 Y0A A C2  1 
HETATM 1038 C C3  . Y0A B 2 .   ? -14.581 -1.699  1.070   0.43 25.50  ? 1501 Y0A A C3  1 
HETATM 1039 C C9  . Y0A B 2 .   ? -10.883 -10.502 2.410   0.43 19.72  ? 1501 Y0A A C9  1 
HETATM 1040 N N2  . Y0A B 2 .   ? -11.588 -6.843  3.163   0.43 20.13  ? 1501 Y0A A N2  1 
HETATM 1041 O O1  . Y0A B 2 .   ? -9.622  -7.863  2.653   0.43 19.29  ? 1501 Y0A A O1  1 
HETATM 1042 O O2  . Y0A B 2 .   ? -12.811 -9.339  2.490   0.43 19.36  ? 1501 Y0A A O2  1 
HETATM 1043 O O   . HOH C 3 .   ? -17.258 -10.108 1.195   1.00 50.26  ? 1601 HOH A O   1 
HETATM 1044 O O   . HOH C 3 .   ? -14.448 -6.178  17.228  1.00 44.02  ? 1602 HOH A O   1 
HETATM 1045 O O   . HOH C 3 .   ? -11.103 7.711   3.707   1.00 45.79  ? 1603 HOH A O   1 
HETATM 1046 O O   . HOH C 3 .   ? -10.938 -11.373 -8.278  1.00 31.50  ? 1604 HOH A O   1 
HETATM 1047 O O   . HOH C 3 .   ? -22.796 -0.616  5.613   1.00 56.47  ? 1605 HOH A O   1 
HETATM 1048 O O   . HOH C 3 .   ? -14.941 -13.503 13.415  1.00 27.27  ? 1606 HOH A O   1 
HETATM 1049 O O   . HOH C 3 .   ? 14.555  10.985  3.549   1.00 37.38  ? 1607 HOH A O   1 
HETATM 1050 O O   . HOH C 3 .   ? -1.483  -18.951 4.695   1.00 43.09  ? 1608 HOH A O   1 
HETATM 1051 O O   . HOH C 3 .   ? -0.412  10.633  -11.695 1.00 36.97  ? 1609 HOH A O   1 
HETATM 1052 O O   . HOH C 3 .   ? 15.660  11.901  9.986   1.00 36.34  ? 1610 HOH A O   1 
HETATM 1053 O O   . HOH C 3 .   ? -7.331  -3.200  6.485   0.43 17.52  ? 1611 HOH A O   1 
HETATM 1054 O O   . HOH C 3 .   ? -16.798 -2.225  4.428   0.43 28.97  ? 1612 HOH A O   1 
HETATM 1055 O O   . HOH C 3 .   ? -5.028  2.184   11.192  1.00 32.44  ? 1613 HOH A O   1 
HETATM 1056 O O   . HOH C 3 .   ? -6.767  -14.545 10.310  1.00 21.87  ? 1614 HOH A O   1 
HETATM 1057 O O   . HOH C 3 .   ? 8.121   2.447   -10.565 1.00 30.60  ? 1615 HOH A O   1 
HETATM 1058 O O   . HOH C 3 .   ? -17.188 -13.491 10.107  1.00 38.92  ? 1616 HOH A O   1 
HETATM 1059 O O   . HOH C 3 .   ? 1.607   5.327   8.866   1.00 36.22  ? 1617 HOH A O   1 
HETATM 1060 O O   . HOH C 3 .   ? -2.437  -17.180 -1.411  1.00 36.13  ? 1618 HOH A O   1 
HETATM 1061 O O   . HOH C 3 .   ? -5.719  -17.306 -4.694  1.00 33.98  ? 1619 HOH A O   1 
HETATM 1062 O O   . HOH C 3 .   ? 2.146   13.904  -8.324  1.00 54.08  ? 1620 HOH A O   1 
HETATM 1063 O O   . HOH C 3 .   ? -10.609 -21.596 3.694   1.00 26.40  ? 1621 HOH A O   1 
HETATM 1064 O O   . HOH C 3 .   ? -19.918 -9.734  7.025   1.00 56.21  ? 1622 HOH A O   1 
HETATM 1065 O O   . HOH C 3 .   ? -8.112  -16.508 -7.449  1.00 45.42  ? 1623 HOH A O   1 
HETATM 1066 O O   . HOH C 3 .   ? 3.056   17.292  1.687   1.00 19.51  ? 1624 HOH A O   1 
HETATM 1067 O O   . HOH C 3 .   ? -7.441  -16.198 6.562   1.00 20.73  ? 1625 HOH A O   1 
HETATM 1068 O O   . HOH C 3 .   ? -17.918 -10.652 9.007   1.00 63.50  ? 1626 HOH A O   1 
HETATM 1069 O O   . HOH C 3 .   ? 12.632  4.898   6.746   1.00 30.38  ? 1627 HOH A O   1 
HETATM 1070 O O   . HOH C 3 .   ? -16.740 -5.859  0.592   0.43 28.40  ? 1628 HOH A O   1 
HETATM 1071 O O   . HOH C 3 .   ? 6.700   -8.214  -12.257 1.00 26.46  ? 1629 HOH A O   1 
HETATM 1072 O O   . HOH C 3 .   ? -15.016 -12.649 15.911  1.00 32.89  ? 1630 HOH A O   1 
HETATM 1073 O O   . HOH C 3 .   ? -19.027 -5.084  15.174  1.00 39.69  ? 1631 HOH A O   1 
HETATM 1074 O O   . HOH C 3 .   ? -8.187  1.645   7.031   1.00 19.85  ? 1632 HOH A O   1 
HETATM 1075 O O   . HOH C 3 .   ? -8.649  -6.555  4.861   1.00 18.17  ? 1633 HOH A O   1 
HETATM 1076 O O   . HOH C 3 .   ? -11.165 4.441   -14.174 1.00 19.92  ? 1634 HOH A O   1 
HETATM 1077 O O   . HOH C 3 .   ? -15.112 -5.605  14.671  1.00 36.13  ? 1635 HOH A O   1 
HETATM 1078 O O   . HOH C 3 .   ? 15.491  7.304   5.325   1.00 27.37  ? 1636 HOH A O   1 
HETATM 1079 O O   . HOH C 3 .   ? 27.589  5.892   1.259   1.00 33.89  ? 1637 HOH A O   1 
HETATM 1080 O O   . HOH C 3 .   ? 2.767   -6.171  -1.335  1.00 17.36  ? 1638 HOH A O   1 
HETATM 1081 O O   . HOH C 3 .   ? -12.831 -0.150  10.330  1.00 105.08 ? 1639 HOH A O   1 
HETATM 1082 O O   . HOH C 3 .   ? 0.572   18.212  7.085   1.00 29.94  ? 1640 HOH A O   1 
HETATM 1083 O O   . HOH C 3 .   ? -4.905  -1.935  17.504  1.00 48.30  ? 1641 HOH A O   1 
HETATM 1084 O O   . HOH C 3 .   ? -0.758  -18.097 0.441   1.00 38.33  ? 1642 HOH A O   1 
HETATM 1085 O O   . HOH C 3 .   ? 9.066   -4.815  -4.676  1.00 18.13  ? 1643 HOH A O   1 
HETATM 1086 O O   . HOH C 3 .   ? 0.773   -11.233 -5.247  1.00 23.94  ? 1644 HOH A O   1 
HETATM 1087 O O   . HOH C 3 .   ? -11.431 -6.922  -10.185 1.00 35.46  ? 1645 HOH A O   1 
HETATM 1088 O O   . HOH C 3 .   ? -1.980  -7.802  8.730   1.00 17.72  ? 1646 HOH A O   1 
HETATM 1089 O O   . HOH C 3 .   ? 23.182  14.250  -1.891  1.00 15.46  ? 1647 HOH A O   1 
HETATM 1090 O O   . HOH C 3 .   ? -1.457  -7.344  -11.221 1.00 19.46  ? 1648 HOH A O   1 
HETATM 1091 O O   . HOH C 3 .   ? -3.042  -10.193 0.232   1.00 16.76  ? 1649 HOH A O   1 
HETATM 1092 O O   . HOH C 3 .   ? 22.020  12.076  -3.042  1.00 15.72  ? 1650 HOH A O   1 
HETATM 1093 O O   . HOH C 3 .   ? 9.052   14.077  -5.127  1.00 13.94  ? 1651 HOH A O   1 
HETATM 1094 O O   . HOH C 3 .   ? 3.490   -4.096  6.874   1.00 14.75  ? 1652 HOH A O   1 
HETATM 1095 O O   . HOH C 3 .   ? 13.888  -2.473  -4.440  1.00 18.95  ? 1653 HOH A O   1 
HETATM 1096 O O   . HOH C 3 .   ? 15.207  -2.069  -8.336  1.00 19.41  ? 1654 HOH A O   1 
HETATM 1097 O O   . HOH C 3 .   ? 5.998   -3.131  -15.375 1.00 28.33  ? 1655 HOH A O   1 
HETATM 1098 O O   . HOH C 3 .   ? 2.133   -6.402  6.905   1.00 17.28  ? 1656 HOH A O   1 
HETATM 1099 O O   . HOH C 3 .   ? 9.926   12.294  -8.601  1.00 23.83  ? 1657 HOH A O   1 
HETATM 1100 O O   . HOH C 3 .   ? -6.225  7.768   -10.204 1.00 26.28  ? 1658 HOH A O   1 
HETATM 1101 O O   . HOH C 3 .   ? -0.997  7.081   8.787   1.00 29.68  ? 1659 HOH A O   1 
HETATM 1102 O O   . HOH C 3 .   ? -18.447 0.018   -3.764  1.00 48.31  ? 1660 HOH A O   1 
HETATM 1103 O O   . HOH C 3 .   ? 9.277   -1.162  4.107   1.00 20.44  ? 1661 HOH A O   1 
HETATM 1104 O O   . HOH C 3 .   ? 1.276   -10.136 -1.282  1.00 30.50  ? 1662 HOH A O   1 
HETATM 1105 O O   . HOH C 3 .   ? 1.759   -5.417  -13.898 1.00 18.05  ? 1663 HOH A O   1 
HETATM 1106 O O   . HOH C 3 .   ? -7.151  6.166   8.597   1.00 39.34  ? 1664 HOH A O   1 
HETATM 1107 O O   . HOH C 3 .   ? -14.841 -1.500  -8.892  1.00 49.39  ? 1665 HOH A O   1 
HETATM 1108 O O   . HOH C 3 .   ? -13.726 -18.770 -3.515  1.00 63.06  ? 1666 HOH A O   1 
HETATM 1109 O O   . HOH C 3 .   ? 5.775   6.111   -10.055 1.00 25.01  ? 1667 HOH A O   1 
HETATM 1110 O O   . HOH C 3 .   ? 27.465  9.189   -10.361 1.00 43.55  ? 1668 HOH A O   1 
HETATM 1111 O O   . HOH C 3 .   ? 6.475   17.817  -0.551  1.00 19.45  ? 1669 HOH A O   1 
HETATM 1112 O O   . HOH C 3 .   ? 7.569   -3.511  11.128  1.00 29.79  ? 1670 HOH A O   1 
HETATM 1113 O O   . HOH C 3 .   ? 3.679   7.640   9.068   1.00 25.33  ? 1671 HOH A O   1 
HETATM 1114 O O   . HOH C 3 .   ? -7.214  -5.145  3.373   0.43 12.87  ? 1672 HOH A O   1 
HETATM 1115 O O   . HOH C 3 .   ? -5.124  -13.347 -7.665  1.00 18.31  ? 1673 HOH A O   1 
HETATM 1116 O O   . HOH C 3 .   ? -10.515 5.476   -8.121  1.00 26.72  ? 1674 HOH A O   1 
HETATM 1117 O O   . HOH C 3 .   ? 2.270   -0.280  9.236   1.00 27.49  ? 1675 HOH A O   1 
HETATM 1118 O O   . HOH C 3 .   ? 10.194  -0.887  -10.301 1.00 19.67  ? 1676 HOH A O   1 
HETATM 1119 O O   . HOH C 3 .   ? 13.034  7.115   -5.412  1.00 12.33  ? 1677 HOH A O   1 
HETATM 1120 O O   . HOH C 3 .   ? 1.862   -7.987  2.912   1.00 14.27  ? 1678 HOH A O   1 
HETATM 1121 O O   . HOH C 3 .   ? -7.851  -1.963  2.803   0.43 16.38  ? 1679 HOH A O   1 
HETATM 1122 O O   . HOH C 3 .   ? 25.370  3.180   -3.554  1.00 19.44  ? 1680 HOH A O   1 
HETATM 1123 O O   . HOH C 3 .   ? -1.622  -11.898 6.748   1.00 23.92  ? 1681 HOH A O   1 
HETATM 1124 O O   . HOH C 3 .   ? 5.024   12.141  3.203   1.00 12.80  ? 1682 HOH A O   1 
HETATM 1125 O O   . HOH C 3 .   ? 20.343  4.042   1.761   1.00 18.77  ? 1683 HOH A O   1 
HETATM 1126 O O   . HOH C 3 .   ? 4.708   2.931   7.996   1.00 21.10  ? 1684 HOH A O   1 
HETATM 1127 O O   . HOH C 3 .   ? 5.416   -8.458  -8.568  1.00 22.96  ? 1685 HOH A O   1 
HETATM 1128 O O   . HOH C 3 .   ? -0.674  18.798  2.575   1.00 48.69  ? 1686 HOH A O   1 
HETATM 1129 O O   . HOH C 3 .   ? -6.223  -7.254  -12.851 1.00 30.05  ? 1687 HOH A O   1 
HETATM 1130 O O   . HOH C 3 .   ? -1.794  10.011  -5.352  1.00 30.09  ? 1688 HOH A O   1 
HETATM 1131 O O   . HOH C 3 .   ? 16.201  9.260   -6.750  1.00 20.99  ? 1689 HOH A O   1 
HETATM 1132 O O   . HOH C 3 .   ? -14.056 4.325   -5.691  1.00 29.42  ? 1690 HOH A O   1 
HETATM 1133 O O   . HOH C 3 .   ? -3.490  -5.534  11.364  1.00 19.49  ? 1691 HOH A O   1 
HETATM 1134 O O   . HOH C 3 .   ? -11.261 1.794   -13.082 1.00 28.11  ? 1692 HOH A O   1 
HETATM 1135 O O   . HOH C 3 .   ? -13.794 0.685   -14.084 1.00 28.21  ? 1693 HOH A O   1 
HETATM 1136 O O   . HOH C 3 .   ? -8.281  -4.634  16.927  1.00 36.75  ? 1694 HOH A O   1 
HETATM 1137 O O   . HOH C 3 .   ? -3.260  14.881  3.765   1.00 27.81  ? 1695 HOH A O   1 
HETATM 1138 O O   . HOH C 3 .   ? 9.439   -0.579  11.176  1.00 43.91  ? 1696 HOH A O   1 
HETATM 1139 O O   . HOH C 3 .   ? 9.860   -4.723  -11.346 1.00 32.10  ? 1697 HOH A O   1 
HETATM 1140 O O   . HOH C 3 .   ? -5.944  -13.671 -10.376 1.00 17.32  ? 1698 HOH A O   1 
HETATM 1141 O O   . HOH C 3 .   ? 3.106   -9.667  -4.469  1.00 21.50  ? 1699 HOH A O   1 
HETATM 1142 O O   . HOH C 3 .   ? 26.239  15.284  1.016   1.00 49.05  ? 1700 HOH A O   1 
HETATM 1143 O O   . HOH C 3 .   ? 14.519  8.403   -8.678  1.00 21.25  ? 1701 HOH A O   1 
HETATM 1144 O O   . HOH C 3 .   ? -13.752 -3.504  -8.549  1.00 28.91  ? 1702 HOH A O   1 
HETATM 1145 O O   . HOH C 3 .   ? 5.700   -3.026  13.009  1.00 28.32  ? 1703 HOH A O   1 
HETATM 1146 O O   . HOH C 3 .   ? 24.904  5.638   -4.353  1.00 16.00  ? 1704 HOH A O   1 
HETATM 1147 O O   . HOH C 3 .   ? -9.648  -17.250 -6.622  1.00 49.32  ? 1705 HOH A O   1 
HETATM 1148 O O   . HOH C 3 .   ? 20.115  6.246   -7.952  1.00 44.09  ? 1706 HOH A O   1 
HETATM 1149 O O   . HOH C 3 .   ? 11.259  -3.843  1.286   1.00 35.06  ? 1707 HOH A O   1 
HETATM 1150 O O   . HOH C 3 .   ? 21.453  1.551   1.754   1.00 20.79  ? 1708 HOH A O   1 
HETATM 1151 O O   . HOH C 3 .   ? -4.109  -5.423  -10.188 1.00 23.98  ? 1709 HOH A O   1 
HETATM 1152 O O   . HOH C 3 .   ? -0.301  8.075   -12.317 1.00 28.73  ? 1710 HOH A O   1 
HETATM 1153 O O   . HOH C 3 .   ? 15.061  12.255  5.781   0.50 28.80  ? 1711 HOH A O   1 
HETATM 1154 O O   . HOH C 3 .   ? -3.800  1.726   -13.514 1.00 34.24  ? 1712 HOH A O   1 
HETATM 1155 O O   . HOH C 3 .   ? -0.789  5.765   7.553   1.00 33.34  ? 1713 HOH A O   1 
HETATM 1156 O O   . HOH C 3 .   ? -13.798 0.780   -9.502  1.00 57.45  ? 1714 HOH A O   1 
HETATM 1157 O O   . HOH C 3 .   ? -11.484 -0.426  8.829   1.00 29.53  ? 1715 HOH A O   1 
HETATM 1158 O O   . HOH C 3 .   ? -12.106 1.891   -10.872 1.00 32.90  ? 1716 HOH A O   1 
HETATM 1159 O O   . HOH C 3 .   ? -14.446 -11.838 -1.344  1.00 18.46  ? 1717 HOH A O   1 
HETATM 1160 O O   . HOH C 3 .   ? -4.010  -7.935  12.668  1.00 28.37  ? 1718 HOH A O   1 
HETATM 1161 O O   . HOH C 3 .   ? 0.301   -13.782 0.047   1.00 27.64  ? 1719 HOH A O   1 
HETATM 1162 O O   . HOH C 3 .   ? -7.354  4.188   -16.390 1.00 36.24  ? 1720 HOH A O   1 
HETATM 1163 O O   . HOH C 3 .   ? -10.224 -1.526  3.607   0.43 29.11  ? 1721 HOH A O   1 
HETATM 1164 O O   . HOH C 3 .   ? 14.666  14.648  2.483   1.00 23.44  ? 1722 HOH A O   1 
HETATM 1165 O O   . HOH C 3 .   ? -8.739  7.771   5.046   1.00 36.56  ? 1723 HOH A O   1 
HETATM 1166 O O   . HOH C 3 .   ? 12.201  15.331  -5.810  1.00 19.12  ? 1724 HOH A O   1 
HETATM 1167 O O   . HOH C 3 .   ? 11.339  -4.708  -1.007  1.00 27.27  ? 1725 HOH A O   1 
HETATM 1168 O O   . HOH C 3 .   ? 7.706   -3.497  4.494   1.00 16.35  ? 1726 HOH A O   1 
HETATM 1169 O O   . HOH C 3 .   ? 14.007  9.324   -3.898  1.00 13.62  ? 1727 HOH A O   1 
HETATM 1170 O O   . HOH C 3 .   ? -1.414  12.043  8.153   1.00 43.73  ? 1728 HOH A O   1 
HETATM 1171 O O   . HOH C 3 .   ? 17.481  11.260  -9.244  1.00 27.43  ? 1729 HOH A O   1 
HETATM 1172 O O   . HOH C 3 .   ? -10.977 -11.697 18.598  1.00 70.57  ? 1730 HOH A O   1 
HETATM 1173 O O   . HOH C 3 .   ? 10.186  14.147  -0.776  1.00 16.66  ? 1731 HOH A O   1 
HETATM 1174 O O   . HOH C 3 .   ? 12.051  5.052   -9.424  1.00 30.45  ? 1732 HOH A O   1 
HETATM 1175 O O   . HOH C 3 .   ? 0.720   1.630   10.377  1.00 39.72  ? 1733 HOH A O   1 
HETATM 1176 O O   . HOH C 3 .   ? -13.001 -5.944  -11.582 1.00 46.00  ? 1734 HOH A O   1 
HETATM 1177 O O   . HOH C 3 .   ? 11.994  13.366  1.107   1.00 21.88  ? 1735 HOH A O   1 
HETATM 1178 O O   . HOH C 3 .   ? 22.053  5.498   3.353   1.00 31.81  ? 1736 HOH A O   1 
HETATM 1179 O O   . HOH C 3 .   ? -15.596 -1.695  -1.648  1.00 33.72  ? 1737 HOH A O   1 
HETATM 1180 O O   . HOH C 3 .   ? -16.071 1.544   9.609   1.00 55.26  ? 1738 HOH A O   1 
HETATM 1181 O O   . HOH C 3 .   ? 12.928  -2.489  -10.483 1.00 29.25  ? 1739 HOH A O   1 
HETATM 1182 O O   . HOH C 3 .   ? -8.287  -2.043  -14.027 1.00 31.50  ? 1740 HOH A O   1 
HETATM 1183 O O   . HOH C 3 .   ? -17.214 -7.701  -10.765 1.00 31.84  ? 1741 HOH A O   1 
HETATM 1184 O O   . HOH C 3 .   ? -6.694  10.275  0.191   1.00 34.90  ? 1742 HOH A O   1 
HETATM 1185 O O   . HOH C 3 .   ? -8.116  9.264   -1.985  1.00 34.17  ? 1743 HOH A O   1 
HETATM 1186 O O   . HOH C 3 .   ? 4.979   16.159  -3.960  1.00 35.93  ? 1744 HOH A O   1 
HETATM 1187 O O   . HOH C 3 .   ? -14.585 -13.410 0.755   1.00 62.97  ? 1745 HOH A O   1 
HETATM 1188 O O   . HOH C 3 .   ? -9.575  -0.592  6.903   1.00 21.83  ? 1746 HOH A O   1 
HETATM 1189 O O   . HOH C 3 .   ? -12.016 -23.070 -0.800  1.00 52.00  ? 1747 HOH A O   1 
HETATM 1190 O O   . HOH C 3 .   ? -4.999  -16.701 3.713   1.00 36.85  ? 1748 HOH A O   1 
HETATM 1191 O O   . HOH C 3 .   ? -15.076 -8.501  -12.971 1.00 57.14  ? 1749 HOH A O   1 
HETATM 1192 O O   . HOH C 3 .   ? 13.671  -1.447  3.512   1.00 32.57  ? 1750 HOH A O   1 
HETATM 1193 O O   . HOH C 3 .   ? -16.042 2.455   -5.905  1.00 60.18  ? 1751 HOH A O   1 
HETATM 1194 O O   . HOH C 3 .   ? -5.547  -15.809 -6.699  1.00 26.33  ? 1752 HOH A O   1 
HETATM 1195 O O   . HOH C 3 .   ? -3.306  10.702  7.753   1.00 49.82  ? 1753 HOH A O   1 
HETATM 1196 O O   . HOH C 3 .   ? -14.332 2.384   -2.153  1.00 45.30  ? 1754 HOH A O   1 
HETATM 1197 O O   . HOH C 3 .   ? -14.459 -5.191  -10.062 1.00 37.83  ? 1755 HOH A O   1 
HETATM 1198 O O   . HOH C 3 .   ? -18.921 -3.214  -8.277  1.00 46.75  ? 1756 HOH A O   1 
HETATM 1199 O O   . HOH C 3 .   ? 27.409  6.619   -3.348  1.00 17.13  ? 1757 HOH A O   1 
HETATM 1200 O O   . HOH C 3 .   ? 0.483   -10.399 2.808   1.00 16.96  ? 1758 HOH A O   1 
HETATM 1201 O O   . HOH C 3 .   ? 9.861   1.407   7.343   1.00 30.21  ? 1759 HOH A O   1 
HETATM 1202 O O   . HOH C 3 .   ? -11.424 6.637   -3.375  1.00 45.05  ? 1760 HOH A O   1 
HETATM 1203 O O   . HOH C 3 .   ? -1.421  12.569  -4.757  1.00 38.46  ? 1761 HOH A O   1 
HETATM 1204 O O   . HOH C 3 .   ? 28.584  5.208   -1.164  1.00 43.76  ? 1762 HOH A O   1 
HETATM 1205 O O   . HOH C 3 .   ? 11.583  -4.095  -3.671  1.00 19.76  ? 1763 HOH A O   1 
HETATM 1206 O O   . HOH C 3 .   ? -8.673  -5.619  -13.257 1.00 44.31  ? 1764 HOH A O   1 
HETATM 1207 O O   . HOH C 3 .   ? -0.672  -11.932 -9.311  1.00 27.03  ? 1765 HOH A O   1 
HETATM 1208 O O   . HOH C 3 .   ? -14.441 5.372   -8.424  1.00 31.92  ? 1766 HOH A O   1 
HETATM 1209 O O   . HOH C 3 .   ? 2.178   -7.533  9.291   1.00 29.58  ? 1767 HOH A O   1 
HETATM 1210 O O   . HOH C 3 .   ? -2.595  -14.557 7.369   1.00 31.13  ? 1768 HOH A O   1 
HETATM 1211 O O   . HOH C 3 .   ? 10.953  -1.443  2.137   1.00 25.36  ? 1769 HOH A O   1 
HETATM 1212 O O   . HOH C 3 .   ? -4.087  11.305  -12.535 1.00 30.25  ? 1770 HOH A O   1 
HETATM 1213 O O   . HOH C 3 .   ? 3.211   -8.157  0.595   1.00 22.08  ? 1771 HOH A O   1 
HETATM 1214 O O   . HOH C 3 .   ? 4.901   -4.547  11.376  1.00 30.88  ? 1772 HOH A O   1 
HETATM 1215 O O   . HOH C 3 .   ? -19.744 -0.969  -7.068  1.00 51.49  ? 1773 HOH A O   1 
HETATM 1216 O O   . HOH C 3 .   ? -13.336 5.093   -3.132  1.00 35.26  ? 1774 HOH A O   1 
HETATM 1217 O O   . HOH C 3 .   ? -2.185  -13.489 -7.968  1.00 33.42  ? 1775 HOH A O   1 
HETATM 1218 O O   . HOH C 3 .   ? -8.739  3.145   9.170   1.00 34.03  ? 1776 HOH A O   1 
HETATM 1219 O O   . HOH C 3 .   ? -3.330  -18.044 -3.434  1.00 35.11  ? 1777 HOH A O   1 
HETATM 1220 O O   . HOH C 3 .   ? 10.007  14.842  -7.643  1.00 25.83  ? 1778 HOH A O   1 
HETATM 1221 O O   . HOH C 3 .   ? 7.498   16.035  -3.964  1.00 21.27  ? 1779 HOH A O   1 
HETATM 1222 O O   . HOH C 3 .   ? -0.527  -11.195 0.313   1.00 16.81  ? 1780 HOH A O   1 
HETATM 1223 O O   . HOH C 3 .   ? 3.085   -3.245  9.456   1.00 25.67  ? 1781 HOH A O   1 
HETATM 1224 O O   . HOH C 3 .   ? -13.422 -12.125 19.896  1.00 40.76  ? 1782 HOH A O   1 
HETATM 1225 O O   . HOH C 3 .   ? 24.803  4.942   3.531   1.00 41.92  ? 1783 HOH A O   1 
HETATM 1226 O O   . HOH C 3 .   ? 0.855   -15.155 -2.247  1.00 41.52  ? 1784 HOH A O   1 
HETATM 1227 O O   . HOH C 3 .   ? 27.335  1.480   0.598   1.00 43.31  ? 1785 HOH A O   1 
HETATM 1228 O O   . HOH C 3 .   ? -11.165 1.684   10.280  1.00 49.55  ? 1786 HOH A O   1 
HETATM 1229 O O   . HOH C 3 .   ? 17.048  5.276   5.446   1.00 25.20  ? 1787 HOH A O   1 
HETATM 1230 O O   . HOH C 3 .   ? 9.490   17.011  -1.523  0.50 11.17  ? 1788 HOH A O   1 
HETATM 1231 O O   . HOH C 3 .   ? -2.437  5.685   9.904   1.00 39.61  ? 1789 HOH A O   1 
HETATM 1232 O O   . HOH C 3 .   ? 5.246   -9.822  -5.776  1.00 33.49  ? 1790 HOH A O   1 
HETATM 1233 O O   . HOH C 3 .   ? 23.924  1.401   3.005   1.00 47.19  ? 1791 HOH A O   1 
HETATM 1234 O O   . HOH C 3 .   ? 1.257   -13.669 -5.010  1.00 58.24  ? 1792 HOH A O   1 
HETATM 1235 O O   . HOH C 3 .   ? 17.728  3.825   3.120   1.00 25.52  ? 1793 HOH A O   1 
# 
